data_8W85
#
_entry.id   8W85
#
_cell.length_a   150.525
_cell.length_b   243.913
_cell.length_c   136.081
_cell.angle_alpha   90
_cell.angle_beta   90
_cell.angle_gamma   90
#
_symmetry.space_group_name_H-M   'C 2 2 2'
#
loop_
_entity.id
_entity.type
_entity.pdbx_description
1 polymer 'DQN0385AE01 Fab heavy chain'
2 polymer 'DQN0385AE01 Fab light chain'
3 polymer 'HLA class II histocompatibility antigen, DQ alpha 1 chain'
4 polymer 'MHC class II HLA-DQ-beta-1 - gamma2 gliadin peptide chimeric protein'
5 non-polymer 2-acetamido-2-deoxy-beta-D-glucopyranose
#
loop_
_entity_poly.entity_id
_entity_poly.type
_entity_poly.pdbx_seq_one_letter_code
_entity_poly.pdbx_strand_id
1 'polypeptide(L)'
;QVQLVESGGGVVQPGRSLRLSCAASGFTFSSWYWICWVRQAPGKGLEWVACIDTGSGSIDYASWVNGRFTISRDNSKNTL
YLQMNSLRAEDTAVYYCARDIGIDYNFWGPGTLVTVSSASTKGPSVFPLAPSSKSTSGGTAALGCLVKDYFPEPVTVSWN
SGALTSGVHTFPAVLQSSGLYSLSSVVTVPSSSLGTQTYICNVNHKPSNTKVDKKVEPKSCDK
;
A,E
2 'polypeptide(L)'
;DIQMTQSPSSLSASVGDRVTITCQATQSISSYLNWYQQKPGQPPKLLIYYASTLAYGIPARFSGSGSGTDFTLTISSLEP
EDFAVYYCHYGISVVSFGQGTKVEIKRTVAAPSVFIFPPSDEQLKSGTASVVCLLNNFYPREAKVQWKVDNALQSGNSQE
SVTEQDSKDSTYSLSSTLTLSKADYEKHKVYACEVTHQGLSSPVTKSFNRGEC
;
B,F
3 'polypeptide(L)'
;EDIVADHVASYGVNLYQSYGPSGQYTHEFDGDEQFYVDLGRKETVWSLPVLRQFRFDPQFALTNIAVLKHNLNSLIKRSN
STAATNEVPEVTVFSKSPVTLGQPNILICLVDNIFPPVVNITWLSNGHSVTEGVSETSFLSKSDHSFFKISYLTLLPSAE
ESYDCKVEHWGLDKPLLKHWEPELEVLFQ
;
C,G
4 'polypeptide(L)'
;IIQPEQPAQLPGGGGSIEGRGSGGGSRDSPEDFVYQFKGMCYFTNGTERVRLVSRSIYNREEIVRFDSDVGEFRAVTLLG
LPAAEYWNSQKDILERKRAAVDRVCRHNYQLELRTTLQRRVEPTVTISPSRTEALNHHNLLVCSVTDFYPAQIKVRWFRN
DQEETAGVVSTPLIRNGDWTFQILVMLEMTPQRGDVYTCHVEHPSLQSPITVEWRALEVLFQ
;
D,H
#
loop_
_chem_comp.id
_chem_comp.type
_chem_comp.name
_chem_comp.formula
NAG D-saccharide, beta linking 2-acetamido-2-deoxy-beta-D-glucopyranose 'C8 H15 N O6'
#
# COMPACT_ATOMS: atom_id res chain seq x y z
N GLN A 1 36.13 -9.37 9.19
CA GLN A 1 36.06 -7.92 8.94
C GLN A 1 36.22 -7.08 10.25
N VAL A 2 36.09 -5.73 10.16
CA VAL A 2 36.17 -4.84 11.30
C VAL A 2 34.83 -4.67 11.99
N GLN A 3 34.69 -5.21 13.20
CA GLN A 3 33.46 -5.02 13.99
C GLN A 3 33.74 -4.94 15.51
N LEU A 4 32.76 -4.46 16.29
CA LEU A 4 32.81 -4.28 17.74
C LEU A 4 31.62 -5.03 18.33
N VAL A 5 31.83 -5.86 19.36
CA VAL A 5 30.72 -6.65 19.90
C VAL A 5 30.49 -6.41 21.43
N GLU A 6 29.29 -5.87 21.75
CA GLU A 6 28.90 -5.60 23.12
C GLU A 6 28.52 -6.85 23.87
N SER A 7 28.69 -6.82 25.20
CA SER A 7 28.44 -7.96 26.08
C SER A 7 28.29 -7.49 27.49
N GLY A 8 27.42 -8.12 28.25
CA GLY A 8 27.27 -7.79 29.66
C GLY A 8 25.93 -7.22 30.10
N GLY A 9 25.04 -7.03 29.14
CA GLY A 9 23.72 -6.47 29.41
C GLY A 9 22.89 -7.39 30.28
N GLY A 10 21.83 -6.85 30.86
CA GLY A 10 20.95 -7.67 31.66
C GLY A 10 20.18 -6.90 32.70
N VAL A 11 19.48 -7.62 33.56
CA VAL A 11 18.72 -6.97 34.60
C VAL A 11 19.63 -6.83 35.79
N VAL A 12 19.74 -5.60 36.29
CA VAL A 12 20.58 -5.28 37.42
C VAL A 12 19.77 -4.44 38.35
N GLN A 13 19.74 -4.80 39.63
CA GLN A 13 18.95 -4.11 40.64
C GLN A 13 19.41 -2.70 40.88
N PRO A 14 18.50 -1.77 41.15
CA PRO A 14 18.93 -0.40 41.48
C PRO A 14 19.82 -0.42 42.72
N GLY A 15 20.91 0.30 42.63
CA GLY A 15 21.90 0.32 43.70
C GLY A 15 23.05 -0.61 43.37
N ARG A 16 22.77 -1.73 42.68
CA ARG A 16 23.82 -2.67 42.32
C ARG A 16 24.66 -2.19 41.11
N SER A 17 25.51 -3.04 40.54
CA SER A 17 26.40 -2.62 39.47
C SER A 17 26.45 -3.60 38.30
N LEU A 18 27.02 -3.14 37.17
CA LEU A 18 27.15 -3.97 36.01
C LEU A 18 28.44 -3.58 35.28
N ARG A 19 29.13 -4.55 34.68
CA ARG A 19 30.33 -4.25 33.93
C ARG A 19 30.10 -4.76 32.53
N LEU A 20 30.21 -3.88 31.53
CA LEU A 20 30.03 -4.30 30.15
C LEU A 20 31.42 -4.41 29.51
N SER A 21 31.51 -5.17 28.43
CA SER A 21 32.73 -5.31 27.66
C SER A 21 32.39 -4.93 26.19
N CYS A 22 33.42 -4.75 25.37
CA CYS A 22 33.21 -4.41 23.98
C CYS A 22 34.41 -4.98 23.29
N ALA A 23 34.25 -6.19 22.75
CA ALA A 23 35.38 -6.84 22.08
C ALA A 23 35.60 -6.24 20.70
N ALA A 24 36.85 -6.03 20.34
CA ALA A 24 37.18 -5.47 19.03
C ALA A 24 37.80 -6.55 18.20
N SER A 25 37.32 -6.69 16.96
CA SER A 25 37.84 -7.65 16.00
C SER A 25 37.99 -6.95 14.68
N GLY A 26 39.05 -7.30 13.97
CA GLY A 26 39.33 -6.65 12.68
C GLY A 26 40.32 -5.50 12.79
N PHE A 27 40.69 -5.10 14.00
CA PHE A 27 41.65 -4.02 14.25
C PHE A 27 42.31 -4.18 15.61
N THR A 28 43.41 -3.46 15.84
CA THR A 28 44.10 -3.53 17.13
C THR A 28 44.14 -2.14 17.78
N PHE A 29 43.70 -2.01 19.06
CA PHE A 29 43.71 -0.76 19.82
C PHE A 29 45.08 -0.07 19.75
N SER A 30 46.16 -0.89 19.63
CA SER A 30 47.55 -0.54 19.48
C SER A 30 47.82 0.64 18.52
N SER A 31 46.96 0.80 17.50
CA SER A 31 47.10 1.85 16.47
C SER A 31 46.41 3.18 16.85
N TRP A 32 45.96 3.30 18.12
CA TRP A 32 45.24 4.37 18.80
C TRP A 32 44.06 4.94 18.03
N TYR A 33 42.90 4.67 18.64
CA TYR A 33 41.54 5.06 18.26
C TYR A 33 40.84 5.56 19.51
N TRP A 34 39.91 6.50 19.33
CA TRP A 34 39.11 7.00 20.43
C TRP A 34 37.82 6.20 20.42
N ILE A 35 37.67 5.26 21.36
CA ILE A 35 36.48 4.42 21.40
C ILE A 35 35.54 4.92 22.48
N CYS A 36 34.23 4.96 22.18
CA CYS A 36 33.24 5.57 23.07
C CYS A 36 32.09 4.67 23.46
N TRP A 37 31.47 5.00 24.57
CA TRP A 37 30.29 4.33 25.04
C TRP A 37 29.19 5.37 24.92
N VAL A 38 28.24 5.15 24.01
CA VAL A 38 27.10 6.03 23.77
C VAL A 38 25.90 5.20 24.17
N ARG A 39 25.07 5.66 25.09
CA ARG A 39 23.88 4.91 25.50
C ARG A 39 22.63 5.52 24.87
N GLN A 40 21.57 4.74 24.69
CA GLN A 40 20.32 5.25 24.13
C GLN A 40 19.13 4.69 24.88
N ALA A 41 18.37 5.56 25.53
CA ALA A 41 17.19 5.16 26.30
C ALA A 41 16.21 4.32 25.51
N PRO A 42 15.17 3.70 26.13
CA PRO A 42 14.18 2.97 25.33
C PRO A 42 13.23 3.98 24.66
N GLY A 43 13.39 4.17 23.35
CA GLY A 43 12.58 5.11 22.59
C GLY A 43 12.92 6.58 22.76
N LYS A 44 14.13 6.87 23.26
CA LYS A 44 14.57 8.25 23.44
C LYS A 44 15.88 8.52 22.61
N GLY A 45 16.50 9.69 22.80
CA GLY A 45 17.68 10.07 22.04
C GLY A 45 18.97 9.41 22.42
N LEU A 46 20.00 9.58 21.56
CA LEU A 46 21.35 9.08 21.78
C LEU A 46 21.99 10.01 22.75
N GLU A 47 22.70 9.46 23.73
CA GLU A 47 23.35 10.22 24.78
C GLU A 47 24.74 9.67 24.99
N TRP A 48 25.72 10.53 25.23
CA TRP A 48 27.10 10.09 25.44
C TRP A 48 27.31 9.57 26.85
N VAL A 49 28.26 8.65 27.03
CA VAL A 49 28.62 8.13 28.35
C VAL A 49 30.11 8.49 28.68
N ALA A 50 31.08 8.02 27.86
CA ALA A 50 32.51 8.26 28.04
C ALA A 50 33.32 7.86 26.80
N CYS A 51 34.57 8.37 26.65
CA CYS A 51 35.51 8.03 25.55
C CYS A 51 36.92 7.75 26.13
N ILE A 52 37.70 6.90 25.46
CA ILE A 52 39.04 6.59 25.94
C ILE A 52 40.01 6.51 24.78
N ASP A 53 41.15 7.17 24.91
CA ASP A 53 42.20 7.22 23.90
C ASP A 53 42.97 5.92 24.05
N THR A 54 42.83 4.94 23.13
CA THR A 54 43.49 3.64 23.31
C THR A 54 45.02 3.69 23.28
N GLY A 55 45.60 4.82 22.91
CA GLY A 55 47.05 5.00 22.95
C GLY A 55 47.54 5.42 24.34
N SER A 56 47.27 6.68 24.71
CA SER A 56 47.68 7.26 25.98
C SER A 56 46.87 6.82 27.20
N GLY A 57 45.57 6.61 27.01
CA GLY A 57 44.70 6.22 28.10
C GLY A 57 43.75 7.32 28.54
N SER A 58 43.86 8.54 27.96
CA SER A 58 43.03 9.72 28.24
C SER A 58 41.54 9.43 28.25
N ILE A 59 40.91 9.60 29.40
CA ILE A 59 39.48 9.40 29.50
C ILE A 59 38.70 10.73 29.58
N ASP A 60 37.46 10.75 29.08
CA ASP A 60 36.54 11.89 29.17
C ASP A 60 35.20 11.29 29.53
N TYR A 61 34.48 11.87 30.50
CA TYR A 61 33.15 11.36 30.84
C TYR A 61 32.08 12.44 30.61
N ALA A 62 30.82 12.04 30.40
CA ALA A 62 29.74 13.01 30.24
C ALA A 62 29.44 13.67 31.56
N SER A 63 28.89 14.88 31.52
CA SER A 63 28.53 15.63 32.72
C SER A 63 27.65 14.86 33.69
N TRP A 64 26.66 14.11 33.19
CA TRP A 64 25.75 13.34 34.06
C TRP A 64 26.40 12.15 34.83
N VAL A 65 27.59 11.67 34.41
CA VAL A 65 28.27 10.50 34.96
C VAL A 65 28.58 10.64 36.43
N ASN A 66 29.34 11.68 36.82
CA ASN A 66 29.73 11.94 38.20
C ASN A 66 30.26 10.70 38.95
N GLY A 67 31.38 10.14 38.52
CA GLY A 67 32.01 9.00 39.18
C GLY A 67 31.22 7.71 39.31
N ARG A 68 30.11 7.61 38.60
CA ARG A 68 29.29 6.42 38.64
C ARG A 68 29.69 5.41 37.63
N PHE A 69 30.07 5.84 36.44
CA PHE A 69 30.52 4.91 35.41
C PHE A 69 32.05 5.09 35.21
N THR A 70 32.76 3.98 34.94
CA THR A 70 34.22 3.97 34.78
C THR A 70 34.74 3.20 33.54
N ILE A 71 35.04 3.93 32.48
CA ILE A 71 35.61 3.34 31.29
C ILE A 71 37.09 2.95 31.50
N SER A 72 37.53 1.88 30.83
CA SER A 72 38.89 1.30 30.89
C SER A 72 39.15 0.42 29.65
N ARG A 73 40.40 0.01 29.42
CA ARG A 73 40.72 -0.84 28.28
C ARG A 73 41.89 -1.80 28.55
N ASP A 74 42.01 -2.84 27.73
CA ASP A 74 43.08 -3.81 27.77
C ASP A 74 43.51 -3.92 26.32
N ASN A 75 44.68 -3.35 25.92
CA ASN A 75 45.06 -3.45 24.51
C ASN A 75 45.42 -4.90 24.15
N SER A 76 46.00 -5.67 25.10
CA SER A 76 46.37 -7.07 24.86
C SER A 76 45.12 -7.92 24.55
N LYS A 77 44.01 -7.62 25.23
CA LYS A 77 42.75 -8.31 25.01
C LYS A 77 41.88 -7.59 23.94
N ASN A 78 42.28 -6.36 23.49
CA ASN A 78 41.53 -5.48 22.57
C ASN A 78 40.06 -5.43 23.01
N THR A 79 39.81 -5.10 24.28
CA THR A 79 38.46 -5.07 24.83
C THR A 79 38.28 -3.76 25.60
N LEU A 80 37.09 -3.19 25.51
CA LEU A 80 36.76 -1.97 26.23
C LEU A 80 35.84 -2.34 27.36
N TYR A 81 35.93 -1.63 28.49
CA TYR A 81 35.07 -1.90 29.64
C TYR A 81 34.36 -0.66 30.12
N LEU A 82 33.22 -0.83 30.79
CA LEU A 82 32.53 0.30 31.38
C LEU A 82 31.89 -0.22 32.65
N GLN A 83 32.48 0.14 33.80
CA GLN A 83 31.97 -0.30 35.06
C GLN A 83 30.91 0.68 35.51
N MET A 84 29.65 0.25 35.47
CA MET A 84 28.51 1.10 35.81
C MET A 84 28.08 0.80 37.20
N ASN A 85 28.34 1.73 38.10
CA ASN A 85 28.03 1.58 39.52
C ASN A 85 26.91 2.52 39.97
N SER A 86 26.30 2.20 41.13
CA SER A 86 25.29 3.02 41.74
C SER A 86 24.07 3.26 40.87
N LEU A 87 23.76 2.30 39.98
CA LEU A 87 22.70 2.31 38.98
C LEU A 87 21.31 2.63 39.44
N ARG A 88 20.64 3.52 38.73
CA ARG A 88 19.24 3.82 39.01
C ARG A 88 18.39 3.33 37.84
N ALA A 89 17.07 3.19 38.05
CA ALA A 89 16.19 2.75 36.97
C ALA A 89 16.22 3.73 35.78
N GLU A 90 16.55 5.03 36.06
CA GLU A 90 16.75 6.07 35.05
C GLU A 90 17.90 5.69 34.07
N ASP A 91 18.86 4.84 34.49
CA ASP A 91 20.00 4.38 33.67
C ASP A 91 19.71 3.21 32.74
N THR A 92 18.46 2.74 32.70
CA THR A 92 18.08 1.65 31.83
C THR A 92 18.10 2.19 30.40
N ALA A 93 18.96 1.61 29.51
CA ALA A 93 19.11 2.03 28.13
C ALA A 93 19.95 0.98 27.31
N VAL A 94 20.19 1.16 25.99
CA VAL A 94 21.02 0.25 25.21
C VAL A 94 22.40 0.88 25.13
N TYR A 95 23.48 0.15 25.42
CA TYR A 95 24.80 0.74 25.40
C TYR A 95 25.56 0.38 24.17
N TYR A 96 25.85 1.38 23.36
CA TYR A 96 26.62 1.23 22.12
C TYR A 96 28.08 1.47 22.37
N CYS A 97 28.89 0.87 21.54
CA CYS A 97 30.33 0.99 21.62
C CYS A 97 30.75 1.44 20.22
N ALA A 98 31.41 2.63 20.09
CA ALA A 98 31.75 3.16 18.76
C ALA A 98 33.18 3.61 18.62
N ARG A 99 33.79 3.31 17.49
CA ARG A 99 35.18 3.73 17.23
C ARG A 99 35.17 5.07 16.44
N ASP A 100 36.12 6.01 16.75
CA ASP A 100 36.28 7.34 16.12
C ASP A 100 34.95 7.97 15.62
N ILE A 101 34.07 8.41 16.52
CA ILE A 101 32.77 8.96 16.13
C ILE A 101 32.92 10.18 15.22
N GLY A 102 32.19 10.21 14.13
CA GLY A 102 32.24 11.33 13.20
C GLY A 102 33.26 11.22 12.08
N ILE A 103 34.33 10.43 12.25
CA ILE A 103 35.31 10.23 11.20
C ILE A 103 34.69 9.20 10.19
N ASP A 104 35.01 9.29 8.88
CA ASP A 104 34.43 8.33 7.91
C ASP A 104 35.10 6.93 7.96
N TYR A 105 34.33 5.90 7.53
CA TYR A 105 34.68 4.48 7.50
C TYR A 105 34.90 3.95 8.94
N ASN A 106 34.03 4.40 9.87
CA ASN A 106 34.14 4.01 11.27
C ASN A 106 32.88 3.37 11.78
N PHE A 107 33.05 2.22 12.41
CA PHE A 107 32.02 1.34 12.91
C PHE A 107 31.45 1.69 14.31
N TRP A 108 30.27 1.16 14.60
CA TRP A 108 29.52 1.19 15.86
C TRP A 108 29.23 -0.29 16.23
N GLY A 109 28.66 -0.52 17.40
CA GLY A 109 28.31 -1.85 17.85
C GLY A 109 26.81 -2.07 17.76
N PRO A 110 26.37 -3.32 17.82
CA PRO A 110 24.93 -3.60 17.74
C PRO A 110 24.14 -3.07 18.93
N GLY A 111 24.78 -3.04 20.07
CA GLY A 111 24.18 -2.64 21.33
C GLY A 111 24.20 -3.80 22.33
N THR A 112 23.95 -3.45 23.60
CA THR A 112 23.82 -4.38 24.74
C THR A 112 22.73 -3.76 25.59
N LEU A 113 21.67 -4.51 25.91
CA LEU A 113 20.57 -3.91 26.69
C LEU A 113 20.73 -4.06 28.20
N VAL A 114 20.89 -2.92 28.88
CA VAL A 114 20.96 -2.92 30.33
C VAL A 114 19.64 -2.46 30.82
N THR A 115 18.96 -3.28 31.64
CA THR A 115 17.69 -2.95 32.25
C THR A 115 17.91 -2.84 33.74
N VAL A 116 17.50 -1.72 34.36
CA VAL A 116 17.70 -1.54 35.80
C VAL A 116 16.39 -1.63 36.52
N SER A 117 16.07 -2.82 37.04
CA SER A 117 14.84 -3.03 37.77
C SER A 117 15.00 -3.93 38.98
N SER A 118 14.19 -3.64 39.99
CA SER A 118 14.08 -4.50 41.16
C SER A 118 13.03 -5.62 40.92
N ALA A 119 12.49 -5.72 39.68
CA ALA A 119 11.54 -6.72 39.23
C ALA A 119 12.25 -8.05 39.11
N SER A 120 11.47 -9.12 39.23
CA SER A 120 11.99 -10.49 39.09
C SER A 120 11.18 -11.15 37.96
N THR A 121 11.84 -11.96 37.15
CA THR A 121 11.24 -12.64 36.00
C THR A 121 9.86 -13.23 36.28
N LYS A 122 8.85 -12.85 35.52
CA LYS A 122 7.47 -13.34 35.71
C LYS A 122 6.81 -13.61 34.36
N GLY A 123 6.11 -14.73 34.25
CA GLY A 123 5.36 -15.05 33.05
C GLY A 123 4.12 -14.18 32.95
N PRO A 124 3.68 -13.87 31.73
CA PRO A 124 2.53 -12.98 31.57
C PRO A 124 1.19 -13.59 31.91
N SER A 125 0.13 -12.78 31.91
CA SER A 125 -1.24 -13.24 32.16
C SER A 125 -2.07 -12.87 30.93
N VAL A 126 -2.53 -13.86 30.16
CA VAL A 126 -3.24 -13.60 28.92
C VAL A 126 -4.73 -13.59 29.16
N PHE A 127 -5.36 -12.48 28.79
CA PHE A 127 -6.80 -12.29 28.94
C PHE A 127 -7.40 -11.92 27.57
N PRO A 128 -8.66 -12.28 27.27
CA PRO A 128 -9.21 -11.94 25.96
C PRO A 128 -9.92 -10.60 25.97
N LEU A 129 -10.00 -10.00 24.80
CA LEU A 129 -10.67 -8.74 24.58
C LEU A 129 -11.92 -9.05 23.75
N ALA A 130 -13.06 -9.05 24.48
CA ALA A 130 -14.44 -9.36 24.07
C ALA A 130 -14.95 -8.72 22.80
N PRO A 131 -15.04 -9.47 21.68
CA PRO A 131 -15.62 -8.89 20.46
C PRO A 131 -17.15 -8.84 20.52
N THR A 140 -16.91 -3.89 10.30
CA THR A 140 -15.81 -4.70 10.84
C THR A 140 -15.77 -4.62 12.39
N ALA A 141 -15.45 -5.75 13.05
CA ALA A 141 -15.36 -5.78 14.52
C ALA A 141 -13.96 -6.18 14.99
N ALA A 142 -13.57 -5.68 16.18
CA ALA A 142 -12.25 -5.93 16.75
C ALA A 142 -12.26 -6.76 18.03
N LEU A 143 -11.29 -7.67 18.11
CA LEU A 143 -11.02 -8.57 19.25
C LEU A 143 -9.51 -8.54 19.54
N GLY A 144 -9.10 -8.99 20.73
CA GLY A 144 -7.67 -9.03 21.06
C GLY A 144 -7.27 -9.78 22.31
N CYS A 145 -6.02 -9.61 22.75
CA CYS A 145 -5.46 -10.24 23.95
C CYS A 145 -4.73 -9.23 24.82
N LEU A 146 -5.12 -9.10 26.08
CA LEU A 146 -4.40 -8.27 27.04
C LEU A 146 -3.36 -9.19 27.67
N VAL A 147 -2.07 -8.86 27.51
CA VAL A 147 -0.95 -9.63 28.05
C VAL A 147 -0.37 -8.85 29.24
N LYS A 148 -0.95 -9.01 30.43
CA LYS A 148 -0.62 -8.27 31.63
C LYS A 148 0.49 -8.86 32.49
N ASP A 149 1.07 -7.99 33.35
CA ASP A 149 2.11 -8.19 34.37
C ASP A 149 3.11 -9.30 34.10
N TYR A 150 4.18 -8.97 33.40
CA TYR A 150 5.24 -9.92 33.08
C TYR A 150 6.62 -9.20 33.05
N PHE A 151 7.73 -9.97 33.07
CA PHE A 151 9.08 -9.39 33.07
C PHE A 151 10.13 -10.48 32.80
N PRO A 152 11.24 -10.18 32.11
CA PRO A 152 11.55 -8.95 31.38
C PRO A 152 10.99 -9.01 29.94
N GLU A 153 11.26 -7.98 29.12
CA GLU A 153 10.80 -8.03 27.72
C GLU A 153 11.63 -9.09 26.99
N PRO A 154 11.10 -9.73 25.93
CA PRO A 154 9.89 -9.41 25.19
C PRO A 154 8.85 -10.53 25.12
N VAL A 155 7.67 -10.25 24.53
CA VAL A 155 6.64 -11.26 24.36
C VAL A 155 6.28 -11.44 22.87
N THR A 156 6.32 -12.70 22.38
CA THR A 156 5.95 -13.12 21.02
C THR A 156 4.43 -13.21 20.98
N VAL A 157 3.78 -12.54 20.03
CA VAL A 157 2.33 -12.66 19.87
C VAL A 157 2.01 -12.96 18.43
N SER A 158 1.48 -14.15 18.17
CA SER A 158 1.06 -14.50 16.81
C SER A 158 -0.45 -14.79 16.82
N TRP A 159 -1.18 -14.47 15.74
CA TRP A 159 -2.63 -14.73 15.71
C TRP A 159 -2.92 -15.90 14.79
N ASN A 160 -3.79 -16.81 15.27
CA ASN A 160 -4.20 -18.05 14.62
C ASN A 160 -2.99 -18.85 14.17
N SER A 161 -1.97 -18.93 15.04
CA SER A 161 -0.70 -19.63 14.83
C SER A 161 0.05 -19.21 13.56
N GLY A 162 -0.11 -17.94 13.20
CA GLY A 162 0.53 -17.31 12.05
C GLY A 162 -0.41 -17.06 10.88
N ALA A 163 -1.50 -17.85 10.80
CA ALA A 163 -2.48 -17.74 9.74
C ALA A 163 -3.03 -16.31 9.59
N LEU A 164 -3.39 -15.67 10.70
CA LEU A 164 -3.88 -14.30 10.67
C LEU A 164 -2.70 -13.35 10.72
N THR A 165 -2.60 -12.43 9.76
CA THR A 165 -1.48 -11.49 9.65
C THR A 165 -1.97 -10.07 9.36
N SER A 166 -2.89 -9.93 8.40
CA SER A 166 -3.40 -8.62 8.01
C SER A 166 -4.33 -8.04 9.08
N GLY A 167 -4.12 -6.77 9.39
CA GLY A 167 -4.94 -6.06 10.37
C GLY A 167 -4.55 -6.24 11.82
N VAL A 168 -3.47 -7.00 12.09
CA VAL A 168 -3.04 -7.23 13.48
C VAL A 168 -2.13 -6.11 13.97
N HIS A 169 -2.40 -5.61 15.18
CA HIS A 169 -1.59 -4.55 15.79
C HIS A 169 -1.12 -4.97 17.17
N THR A 170 0.10 -5.51 17.27
CA THR A 170 0.64 -5.87 18.58
C THR A 170 1.33 -4.63 19.14
N PHE A 171 0.69 -4.01 20.14
CA PHE A 171 1.10 -2.78 20.78
C PHE A 171 2.43 -2.85 21.49
N PRO A 172 3.20 -1.75 21.42
CA PRO A 172 4.46 -1.70 22.19
C PRO A 172 4.16 -1.82 23.69
N ALA A 173 5.03 -2.55 24.40
CA ALA A 173 4.85 -2.81 25.82
C ALA A 173 4.92 -1.55 26.67
N VAL A 174 4.14 -1.49 27.76
CA VAL A 174 4.20 -0.35 28.66
C VAL A 174 4.56 -0.75 30.08
N LEU A 175 5.39 0.08 30.72
CA LEU A 175 5.80 -0.20 32.08
C LEU A 175 4.73 0.34 33.01
N GLN A 176 4.19 -0.54 33.84
CA GLN A 176 3.17 -0.16 34.79
C GLN A 176 3.80 0.36 36.09
N SER A 177 2.99 0.99 36.96
CA SER A 177 3.47 1.45 38.26
C SER A 177 4.06 0.29 39.08
N SER A 178 3.54 -0.94 38.87
CA SER A 178 4.01 -2.17 39.50
C SER A 178 5.43 -2.61 39.04
N GLY A 179 6.07 -1.85 38.15
CA GLY A 179 7.39 -2.21 37.65
C GLY A 179 7.41 -3.32 36.62
N LEU A 180 6.26 -4.00 36.44
CA LEU A 180 6.02 -5.10 35.50
C LEU A 180 5.46 -4.57 34.15
N TYR A 181 5.77 -5.24 33.05
CA TYR A 181 5.30 -4.82 31.73
C TYR A 181 3.87 -5.29 31.43
N SER A 182 3.25 -4.74 30.36
CA SER A 182 1.91 -5.10 29.96
C SER A 182 1.62 -4.60 28.56
N LEU A 183 1.45 -5.51 27.59
CA LEU A 183 1.10 -5.14 26.21
C LEU A 183 -0.27 -5.73 25.80
N SER A 184 -0.85 -5.21 24.72
CA SER A 184 -2.10 -5.73 24.13
C SER A 184 -1.87 -6.00 22.65
N SER A 185 -2.61 -6.94 22.08
CA SER A 185 -2.49 -7.23 20.65
C SER A 185 -3.89 -7.40 20.15
N VAL A 186 -4.29 -6.55 19.21
CA VAL A 186 -5.66 -6.60 18.71
C VAL A 186 -5.68 -6.78 17.20
N VAL A 187 -6.80 -7.28 16.69
CA VAL A 187 -6.99 -7.45 15.27
C VAL A 187 -8.45 -7.11 14.89
N THR A 188 -8.64 -6.63 13.67
CA THR A 188 -9.97 -6.32 13.15
C THR A 188 -10.32 -7.36 12.09
N VAL A 189 -11.45 -8.05 12.30
CA VAL A 189 -11.97 -9.07 11.39
C VAL A 189 -13.46 -8.78 11.08
N PRO A 190 -13.94 -9.10 9.85
CA PRO A 190 -15.37 -8.88 9.54
C PRO A 190 -16.34 -9.44 10.59
N SER A 191 -17.31 -8.63 11.03
CA SER A 191 -18.26 -9.02 12.07
C SER A 191 -19.06 -10.30 11.77
N SER A 192 -19.00 -10.81 10.52
CA SER A 192 -19.68 -12.02 10.04
C SER A 192 -19.07 -13.31 10.63
N SER A 193 -17.73 -13.43 10.60
CA SER A 193 -17.03 -14.60 11.12
C SER A 193 -16.96 -14.69 12.64
N LEU A 194 -17.61 -13.76 13.36
CA LEU A 194 -17.59 -13.79 14.83
C LEU A 194 -18.16 -15.09 15.46
N GLY A 195 -18.83 -15.91 14.66
CA GLY A 195 -19.35 -17.21 15.08
C GLY A 195 -18.78 -18.34 14.24
N THR A 196 -18.47 -18.05 12.96
CA THR A 196 -17.93 -19.02 11.99
C THR A 196 -16.42 -19.32 12.28
N GLN A 197 -15.53 -18.31 12.12
CA GLN A 197 -14.08 -18.46 12.33
C GLN A 197 -13.68 -18.42 13.82
N THR A 198 -12.72 -19.30 14.22
CA THR A 198 -12.23 -19.40 15.58
C THR A 198 -10.87 -18.68 15.72
N TYR A 199 -10.79 -17.71 16.64
CA TYR A 199 -9.59 -16.87 16.84
C TYR A 199 -8.78 -17.20 18.08
N ILE A 200 -7.47 -17.36 17.90
CA ILE A 200 -6.54 -17.71 18.99
C ILE A 200 -5.23 -16.88 18.94
N CYS A 201 -4.86 -16.24 20.06
CA CYS A 201 -3.60 -15.51 20.14
C CYS A 201 -2.53 -16.40 20.78
N ASN A 202 -1.30 -16.26 20.32
CA ASN A 202 -0.21 -17.11 20.76
C ASN A 202 0.87 -16.35 21.47
N VAL A 203 0.65 -16.13 22.76
CA VAL A 203 1.62 -15.46 23.60
C VAL A 203 2.76 -16.42 23.94
N ASN A 204 3.97 -15.89 24.01
CA ASN A 204 5.14 -16.63 24.37
C ASN A 204 6.05 -15.74 25.21
N HIS A 205 6.69 -16.30 26.23
CA HIS A 205 7.61 -15.54 27.06
C HIS A 205 8.79 -16.44 27.38
N LYS A 206 9.80 -16.45 26.46
CA LYS A 206 11.04 -17.22 26.60
C LYS A 206 11.74 -16.95 27.96
N PRO A 207 11.85 -15.69 28.44
CA PRO A 207 12.48 -15.47 29.75
C PRO A 207 11.96 -16.30 30.91
N SER A 208 10.70 -16.75 30.88
CA SER A 208 10.15 -17.57 31.95
C SER A 208 9.32 -18.74 31.44
N ASN A 209 9.62 -19.24 30.22
CA ASN A 209 8.99 -20.39 29.56
C ASN A 209 7.45 -20.42 29.67
N THR A 210 6.79 -19.28 29.45
CA THR A 210 5.34 -19.21 29.58
C THR A 210 4.59 -19.09 28.23
N LYS A 211 4.48 -20.20 27.48
CA LYS A 211 3.73 -20.17 26.23
C LYS A 211 2.21 -20.32 26.58
N VAL A 212 1.32 -19.51 25.95
CA VAL A 212 -0.15 -19.50 26.15
C VAL A 212 -0.88 -19.41 24.79
N ASP A 213 -2.09 -20.00 24.66
CA ASP A 213 -2.90 -19.90 23.42
C ASP A 213 -4.34 -19.60 23.80
N LYS A 214 -4.65 -18.34 24.05
CA LYS A 214 -5.99 -17.92 24.45
C LYS A 214 -6.95 -17.85 23.26
N LYS A 215 -8.17 -18.41 23.41
CA LYS A 215 -9.19 -18.42 22.37
C LYS A 215 -10.09 -17.24 22.63
N VAL A 216 -10.14 -16.28 21.71
CA VAL A 216 -10.98 -15.10 21.88
C VAL A 216 -12.39 -15.39 21.34
N GLU A 217 -13.41 -15.26 22.20
CA GLU A 217 -14.78 -15.55 21.79
C GLU A 217 -15.78 -14.53 22.34
N PRO A 218 -16.87 -14.31 21.59
CA PRO A 218 -17.90 -13.38 22.08
C PRO A 218 -18.63 -13.93 23.31
N LYS A 219 -19.06 -13.05 24.24
CA LYS A 219 -19.72 -13.50 25.46
C LYS A 219 -21.24 -13.61 25.36
N ASP B 1 29.10 19.89 28.86
CA ASP B 1 29.24 19.43 27.49
C ASP B 1 28.57 20.41 26.50
N ILE B 2 29.04 20.47 25.22
CA ILE B 2 28.39 21.35 24.24
C ILE B 2 26.98 20.80 23.96
N GLN B 3 25.96 21.60 24.23
CA GLN B 3 24.58 21.18 24.00
C GLN B 3 24.15 21.69 22.61
N MET B 4 23.50 20.84 21.82
CA MET B 4 22.98 21.26 20.52
C MET B 4 21.58 20.73 20.29
N THR B 5 20.67 21.63 19.89
CA THR B 5 19.27 21.28 19.69
C THR B 5 18.86 21.29 18.21
N GLN B 6 17.98 20.35 17.80
CA GLN B 6 17.49 20.26 16.43
C GLN B 6 16.15 21.00 16.22
N SER B 7 16.00 21.76 15.10
CA SER B 7 14.83 22.60 14.85
C SER B 7 13.51 21.86 14.73
N PRO B 8 13.23 20.94 13.77
CA PRO B 8 11.94 20.24 13.83
C PRO B 8 12.14 19.09 14.81
N SER B 9 11.34 19.04 15.89
CA SER B 9 11.43 17.95 16.87
C SER B 9 11.09 16.60 16.17
N SER B 10 10.18 16.64 15.18
CA SER B 10 9.69 15.60 14.29
C SER B 10 8.90 16.26 13.16
N LEU B 11 8.87 15.64 11.98
CA LEU B 11 8.14 16.19 10.84
C LEU B 11 7.46 15.13 9.96
N SER B 12 6.34 15.50 9.32
CA SER B 12 5.62 14.61 8.41
C SER B 12 5.83 15.07 6.98
N ALA B 13 6.41 14.21 6.15
CA ALA B 13 6.71 14.56 4.77
C ALA B 13 6.42 13.42 3.79
N SER B 14 6.27 13.74 2.49
CA SER B 14 5.91 12.78 1.45
C SER B 14 7.08 12.48 0.53
N VAL B 15 7.03 11.36 -0.17
CA VAL B 15 8.10 11.00 -1.11
C VAL B 15 8.20 12.11 -2.22
N GLY B 16 9.42 12.48 -2.58
CA GLY B 16 9.64 13.55 -3.55
C GLY B 16 9.88 14.91 -2.90
N ASP B 17 9.34 15.12 -1.66
CA ASP B 17 9.47 16.39 -0.91
C ASP B 17 10.91 16.79 -0.51
N ARG B 18 11.11 18.09 -0.19
CA ARG B 18 12.39 18.62 0.29
C ARG B 18 12.28 18.84 1.78
N VAL B 19 13.22 18.26 2.55
CA VAL B 19 13.23 18.30 4.01
C VAL B 19 14.42 19.08 4.54
N THR B 20 14.18 20.00 5.49
CA THR B 20 15.24 20.78 6.08
C THR B 20 15.17 20.72 7.63
N ILE B 21 16.23 20.16 8.23
CA ILE B 21 16.43 19.99 9.67
C ILE B 21 17.62 20.86 10.10
N THR B 22 17.53 21.61 11.21
CA THR B 22 18.67 22.44 11.64
C THR B 22 19.27 22.01 12.99
N CYS B 23 20.55 22.34 13.26
CA CYS B 23 21.24 21.99 14.50
C CYS B 23 21.98 23.21 15.00
N GLN B 24 21.59 23.76 16.16
CA GLN B 24 22.25 24.94 16.69
C GLN B 24 23.10 24.58 17.90
N ALA B 25 24.39 24.96 17.92
CA ALA B 25 25.29 24.69 19.05
C ALA B 25 25.49 25.88 20.04
N THR B 26 25.77 25.55 21.28
CA THR B 26 26.00 26.42 22.45
C THR B 26 27.26 27.35 22.32
N GLN B 27 28.13 26.99 21.36
CA GLN B 27 29.45 27.54 21.13
C GLN B 27 29.76 27.42 19.66
N SER B 28 30.86 28.04 19.20
CA SER B 28 31.27 27.80 17.82
C SER B 28 31.97 26.46 17.77
N ILE B 29 31.51 25.59 16.90
CA ILE B 29 32.19 24.31 16.68
C ILE B 29 32.85 24.30 15.29
N SER B 30 33.13 25.49 14.69
CA SER B 30 33.70 25.66 13.35
C SER B 30 32.88 24.85 12.32
N SER B 31 33.49 24.20 11.31
CA SER B 31 32.74 23.43 10.32
C SER B 31 32.88 21.96 10.67
N TYR B 32 32.70 21.61 11.95
CA TYR B 32 32.89 20.24 12.40
C TYR B 32 31.61 19.53 12.85
N LEU B 33 30.44 19.89 12.28
CA LEU B 33 29.16 19.24 12.65
C LEU B 33 28.95 18.05 11.76
N ASN B 34 28.43 16.95 12.32
CA ASN B 34 28.21 15.71 11.55
C ASN B 34 26.73 15.25 11.62
N TRP B 35 26.21 14.67 10.54
CA TRP B 35 24.82 14.22 10.52
C TRP B 35 24.72 12.70 10.51
N TYR B 36 24.05 12.13 11.51
CA TYR B 36 23.87 10.70 11.68
C TYR B 36 22.39 10.30 11.41
N GLN B 37 22.16 9.13 10.86
CA GLN B 37 20.80 8.64 10.59
C GLN B 37 20.56 7.37 11.41
N GLN B 38 19.34 7.09 11.86
CA GLN B 38 19.09 5.89 12.66
C GLN B 38 17.73 5.25 12.44
N LYS B 39 17.70 4.16 11.65
CA LYS B 39 16.46 3.41 11.45
C LYS B 39 16.30 2.41 12.61
N PRO B 40 15.06 2.16 13.09
CA PRO B 40 14.88 1.27 14.26
C PRO B 40 15.66 -0.05 14.29
N GLY B 41 16.21 -0.32 15.47
CA GLY B 41 16.99 -1.51 15.76
C GLY B 41 18.45 -1.45 15.39
N GLN B 42 18.85 -0.44 14.61
CA GLN B 42 20.25 -0.35 14.18
C GLN B 42 21.03 0.79 14.80
N PRO B 43 22.36 0.65 14.95
CA PRO B 43 23.15 1.79 15.38
C PRO B 43 23.23 2.85 14.26
N PRO B 44 23.57 4.10 14.61
CA PRO B 44 23.64 5.15 13.58
C PRO B 44 24.61 4.96 12.40
N LYS B 45 24.14 5.38 11.22
CA LYS B 45 24.98 5.42 10.03
C LYS B 45 25.33 6.89 9.84
N LEU B 46 26.61 7.16 9.58
CA LEU B 46 27.07 8.52 9.36
C LEU B 46 26.66 8.94 7.95
N LEU B 47 26.02 10.10 7.84
CA LEU B 47 25.66 10.65 6.56
C LEU B 47 26.77 11.64 6.13
N ILE B 48 26.96 12.75 6.89
CA ILE B 48 27.91 13.80 6.55
C ILE B 48 28.93 14.14 7.66
N TYR B 49 30.18 14.41 7.26
CA TYR B 49 31.24 14.85 8.19
C TYR B 49 31.79 16.20 7.71
N TYR B 50 31.87 17.20 8.59
CA TYR B 50 32.24 18.57 8.22
C TYR B 50 30.99 19.33 7.60
N ALA B 51 30.58 18.88 6.39
CA ALA B 51 29.50 19.24 5.41
C ALA B 51 29.75 18.52 4.04
N SER B 52 30.66 17.50 4.03
CA SER B 52 31.03 16.63 2.95
C SER B 52 30.08 15.46 3.06
N THR B 53 29.15 15.34 2.11
CA THR B 53 28.16 14.25 2.07
C THR B 53 28.87 13.05 1.51
N LEU B 54 29.82 12.51 2.29
CA LEU B 54 30.59 11.39 1.81
C LEU B 54 30.52 10.19 2.74
N ALA B 55 30.79 9.04 2.11
CA ALA B 55 30.89 7.67 2.62
C ALA B 55 31.62 6.88 1.51
N TYR B 56 31.80 5.53 1.62
CA TYR B 56 32.26 4.75 0.46
C TYR B 56 31.16 4.90 -0.68
N GLY B 57 30.02 5.60 -0.34
CA GLY B 57 28.86 5.98 -1.14
C GLY B 57 27.57 6.27 -0.37
N ILE B 58 27.29 7.55 -0.03
CA ILE B 58 25.97 7.91 0.53
C ILE B 58 25.19 8.65 -0.55
N PRO B 59 23.86 8.41 -0.62
CA PRO B 59 23.03 9.11 -1.61
C PRO B 59 23.23 10.63 -1.72
N ALA B 60 23.60 11.08 -2.92
CA ALA B 60 23.86 12.48 -3.24
C ALA B 60 22.70 13.45 -2.96
N ARG B 61 21.49 12.93 -2.64
CA ARG B 61 20.33 13.78 -2.30
C ARG B 61 20.53 14.53 -0.97
N PHE B 62 21.34 13.93 -0.04
CA PHE B 62 21.69 14.51 1.25
C PHE B 62 22.76 15.58 1.05
N SER B 63 22.63 16.69 1.78
CA SER B 63 23.59 17.79 1.71
C SER B 63 23.68 18.49 3.08
N GLY B 64 24.87 18.93 3.43
CA GLY B 64 25.10 19.62 4.69
C GLY B 64 25.47 21.06 4.47
N SER B 65 24.95 21.95 5.29
CA SER B 65 25.26 23.37 5.19
C SER B 65 25.53 23.98 6.58
N GLY B 66 26.16 25.15 6.63
CA GLY B 66 26.41 25.83 7.89
C GLY B 66 27.83 25.76 8.38
N SER B 67 28.20 26.71 9.25
CA SER B 67 29.51 26.81 9.88
C SER B 67 29.41 27.73 11.09
N GLY B 68 30.18 27.41 12.11
CA GLY B 68 30.14 28.16 13.35
C GLY B 68 29.19 27.48 14.33
N THR B 69 27.96 28.01 14.51
CA THR B 69 27.00 27.40 15.43
C THR B 69 25.77 26.84 14.73
N ASP B 70 25.27 27.51 13.69
CA ASP B 70 24.05 27.07 13.01
C ASP B 70 24.32 26.25 11.75
N PHE B 71 23.77 25.00 11.71
CA PHE B 71 23.94 24.04 10.61
C PHE B 71 22.60 23.55 10.03
N THR B 72 22.59 22.98 8.81
CA THR B 72 21.34 22.48 8.18
C THR B 72 21.53 21.20 7.33
N LEU B 73 20.77 20.15 7.65
CA LEU B 73 20.72 18.94 6.86
C LEU B 73 19.58 19.11 5.89
N THR B 74 19.83 18.91 4.60
CA THR B 74 18.80 19.05 3.58
C THR B 74 18.72 17.81 2.75
N ILE B 75 17.55 17.17 2.71
CA ILE B 75 17.34 16.04 1.80
C ILE B 75 16.51 16.62 0.68
N SER B 76 17.11 16.76 -0.52
CA SER B 76 16.48 17.38 -1.68
C SER B 76 15.16 16.73 -2.08
N SER B 77 15.20 15.47 -2.56
CA SER B 77 13.98 14.77 -2.95
C SER B 77 13.90 13.49 -2.14
N LEU B 78 13.01 13.50 -1.15
CA LEU B 78 12.79 12.39 -0.23
C LEU B 78 12.54 11.07 -0.94
N GLU B 79 13.22 10.01 -0.52
CA GLU B 79 12.95 8.67 -1.04
C GLU B 79 12.25 7.88 0.12
N PRO B 80 11.66 6.67 -0.11
CA PRO B 80 10.97 5.98 1.00
C PRO B 80 11.94 5.36 2.02
N GLU B 81 13.17 5.05 1.61
CA GLU B 81 14.17 4.51 2.54
C GLU B 81 14.77 5.61 3.47
N ASP B 82 14.19 6.82 3.47
CA ASP B 82 14.68 7.92 4.26
C ASP B 82 13.88 8.23 5.52
N PHE B 83 12.80 7.48 5.78
CA PHE B 83 12.02 7.69 6.98
C PHE B 83 12.82 7.08 8.14
N ALA B 84 13.56 7.95 8.84
CA ALA B 84 14.49 7.56 9.89
C ALA B 84 14.67 8.70 10.94
N VAL B 85 15.40 8.45 12.05
CA VAL B 85 15.64 9.48 13.04
C VAL B 85 16.97 10.12 12.68
N TYR B 86 17.00 11.43 12.56
CA TYR B 86 18.21 12.13 12.14
C TYR B 86 18.82 12.84 13.33
N TYR B 87 20.14 12.70 13.51
CA TYR B 87 20.85 13.30 14.66
C TYR B 87 22.02 14.17 14.21
N CYS B 88 22.36 15.22 14.99
CA CYS B 88 23.56 16.01 14.69
C CYS B 88 24.60 15.68 15.75
N HIS B 89 25.86 15.57 15.33
CA HIS B 89 26.91 15.13 16.22
C HIS B 89 28.15 16.01 16.17
N TYR B 90 28.85 16.09 17.30
CA TYR B 90 30.10 16.80 17.44
C TYR B 90 31.04 16.03 18.39
N GLY B 91 32.34 16.09 18.10
CA GLY B 91 33.38 15.57 18.98
C GLY B 91 33.76 14.13 18.78
N ILE B 92 35.06 13.90 18.68
CA ILE B 92 35.63 12.56 18.54
C ILE B 92 35.88 11.92 19.90
N SER B 93 36.28 12.72 20.92
CA SER B 93 36.55 12.25 22.28
C SER B 93 35.63 12.86 23.32
N VAL B 94 35.04 14.03 23.02
CA VAL B 94 34.08 14.63 23.94
C VAL B 94 32.86 14.87 23.07
N VAL B 95 32.03 13.85 23.05
CA VAL B 95 30.93 13.69 22.12
C VAL B 95 29.62 14.29 22.53
N SER B 96 28.99 15.07 21.66
CA SER B 96 27.67 15.65 21.86
C SER B 96 26.72 15.21 20.71
N PHE B 97 25.44 15.03 21.00
CA PHE B 97 24.46 14.64 20.01
C PHE B 97 23.22 15.52 20.13
N GLY B 98 22.41 15.52 19.08
CA GLY B 98 21.19 16.31 19.06
C GLY B 98 20.00 15.59 19.63
N GLN B 99 18.91 16.34 19.83
CA GLN B 99 17.62 15.84 20.33
C GLN B 99 16.89 15.46 19.06
N GLY B 100 17.37 14.40 18.41
CA GLY B 100 16.91 13.88 17.12
C GLY B 100 15.64 14.37 16.46
N THR B 101 15.60 14.33 15.13
CA THR B 101 14.41 14.71 14.34
C THR B 101 13.82 13.46 13.66
N LYS B 102 12.56 13.09 13.98
CA LYS B 102 11.93 11.94 13.35
C LYS B 102 11.36 12.38 12.02
N VAL B 103 11.58 11.60 10.98
CA VAL B 103 11.06 11.89 9.67
C VAL B 103 9.99 10.84 9.38
N GLU B 104 8.71 11.26 9.50
CA GLU B 104 7.48 10.45 9.39
C GLU B 104 6.72 10.63 8.08
N ILE B 105 6.10 9.57 7.54
CA ILE B 105 5.33 9.65 6.30
C ILE B 105 4.06 10.47 6.46
N LYS B 106 3.77 11.38 5.50
CA LYS B 106 2.55 12.19 5.51
C LYS B 106 1.46 11.48 4.68
N ARG B 107 0.19 11.65 5.09
CA ARG B 107 -0.94 11.01 4.39
C ARG B 107 -2.29 11.73 4.62
N THR B 108 -3.33 11.25 3.93
CA THR B 108 -4.71 11.68 4.01
C THR B 108 -5.21 11.56 5.45
N VAL B 109 -5.56 12.68 6.10
CA VAL B 109 -6.08 12.71 7.46
C VAL B 109 -7.21 11.68 7.72
N ALA B 110 -6.87 10.52 8.32
CA ALA B 110 -7.82 9.45 8.58
C ALA B 110 -8.42 9.49 9.99
N ALA B 111 -9.60 8.90 10.15
CA ALA B 111 -10.28 8.90 11.44
C ALA B 111 -10.08 7.57 12.19
N PRO B 112 -10.05 7.63 13.53
CA PRO B 112 -9.83 6.41 14.31
C PRO B 112 -11.05 5.52 14.52
N SER B 113 -10.99 4.26 14.03
CA SER B 113 -12.03 3.24 14.25
C SER B 113 -11.94 2.91 15.74
N VAL B 114 -12.74 3.57 16.61
CA VAL B 114 -12.64 3.41 18.07
C VAL B 114 -13.52 2.22 18.62
N PHE B 115 -13.01 1.51 19.64
CA PHE B 115 -13.65 0.37 20.28
C PHE B 115 -13.41 0.37 21.78
N ILE B 116 -14.34 -0.17 22.57
CA ILE B 116 -14.13 -0.33 24.02
C ILE B 116 -14.22 -1.83 24.39
N PHE B 117 -13.53 -2.22 25.46
CA PHE B 117 -13.55 -3.60 25.92
C PHE B 117 -13.64 -3.61 27.42
N PRO B 118 -14.60 -4.35 27.97
CA PRO B 118 -14.68 -4.45 29.43
C PRO B 118 -13.67 -5.49 29.94
N PRO B 119 -13.35 -5.48 31.25
CA PRO B 119 -12.41 -6.49 31.77
C PRO B 119 -13.01 -7.89 31.68
N SER B 120 -12.17 -8.92 31.46
CA SER B 120 -12.66 -10.30 31.40
C SER B 120 -13.06 -10.83 32.81
N ASP B 121 -13.81 -11.94 32.85
CA ASP B 121 -14.20 -12.56 34.12
C ASP B 121 -12.96 -13.23 34.75
N GLU B 122 -12.08 -13.80 33.89
CA GLU B 122 -10.83 -14.44 34.26
C GLU B 122 -9.90 -13.44 35.00
N GLN B 123 -9.89 -12.17 34.58
CA GLN B 123 -9.07 -11.16 35.25
C GLN B 123 -9.70 -10.70 36.55
N LEU B 124 -11.04 -10.68 36.61
CA LEU B 124 -11.73 -10.32 37.84
C LEU B 124 -11.56 -11.40 38.94
N LYS B 125 -11.23 -12.64 38.56
CA LYS B 125 -10.91 -13.70 39.50
C LYS B 125 -9.59 -13.29 40.19
N SER B 126 -8.59 -12.86 39.38
CA SER B 126 -7.27 -12.39 39.78
C SER B 126 -7.28 -11.23 40.80
N GLY B 127 -8.38 -10.46 40.81
CA GLY B 127 -8.55 -9.36 41.75
C GLY B 127 -8.23 -7.98 41.19
N THR B 128 -8.22 -7.86 39.85
CA THR B 128 -7.93 -6.58 39.20
C THR B 128 -8.81 -6.38 37.93
N ALA B 129 -8.96 -5.13 37.43
CA ALA B 129 -9.79 -4.87 36.25
C ALA B 129 -9.21 -3.82 35.27
N SER B 130 -8.84 -4.27 34.06
CA SER B 130 -8.31 -3.39 33.03
C SER B 130 -9.34 -3.17 31.96
N VAL B 131 -9.68 -1.92 31.76
CA VAL B 131 -10.62 -1.52 30.74
C VAL B 131 -9.78 -0.94 29.62
N VAL B 132 -9.82 -1.56 28.44
CA VAL B 132 -9.05 -1.13 27.28
C VAL B 132 -9.87 -0.21 26.36
N CYS B 133 -9.22 0.53 25.46
CA CYS B 133 -9.89 1.37 24.48
C CYS B 133 -9.01 1.41 23.26
N LEU B 134 -9.44 0.79 22.16
CA LEU B 134 -8.64 0.76 20.93
C LEU B 134 -9.06 1.91 19.98
N LEU B 135 -8.10 2.49 19.27
CA LEU B 135 -8.30 3.55 18.27
C LEU B 135 -7.53 3.00 17.08
N ASN B 136 -8.13 2.04 16.39
CA ASN B 136 -7.50 1.35 15.28
C ASN B 136 -7.38 2.26 14.05
N ASN B 137 -6.22 2.24 13.40
CA ASN B 137 -5.92 2.98 12.17
C ASN B 137 -6.43 4.44 12.12
N PHE B 138 -5.51 5.43 12.18
CA PHE B 138 -5.83 6.85 12.10
C PHE B 138 -4.63 7.73 11.71
N TYR B 139 -4.87 9.00 11.30
CA TYR B 139 -3.79 9.91 10.97
C TYR B 139 -4.21 11.35 11.20
N PRO B 140 -3.39 12.21 11.85
CA PRO B 140 -2.08 11.97 12.48
C PRO B 140 -2.14 11.43 13.91
N ARG B 141 -0.97 11.11 14.51
CA ARG B 141 -0.86 10.58 15.87
C ARG B 141 -1.55 11.41 16.90
N GLU B 142 -1.47 12.76 16.78
CA GLU B 142 -2.08 13.70 17.73
C GLU B 142 -3.56 13.40 17.98
N ALA B 143 -3.88 12.84 19.16
CA ALA B 143 -5.25 12.49 19.51
C ALA B 143 -5.46 12.46 21.02
N LYS B 144 -6.63 12.92 21.50
CA LYS B 144 -6.92 12.94 22.92
C LYS B 144 -8.00 11.93 23.27
N VAL B 145 -7.67 10.96 24.14
CA VAL B 145 -8.60 9.91 24.55
C VAL B 145 -8.85 10.04 26.06
N GLN B 146 -9.98 10.65 26.47
CA GLN B 146 -10.28 10.86 27.89
C GLN B 146 -11.14 9.76 28.46
N TRP B 147 -10.91 9.36 29.73
CA TRP B 147 -11.70 8.29 30.36
C TRP B 147 -12.77 8.85 31.28
N LYS B 148 -14.04 8.56 31.01
CA LYS B 148 -15.12 9.02 31.88
C LYS B 148 -15.75 7.81 32.59
N VAL B 149 -15.88 7.84 33.92
CA VAL B 149 -16.48 6.73 34.69
C VAL B 149 -17.61 7.30 35.52
N ASP B 150 -18.86 7.08 35.06
CA ASP B 150 -20.06 7.63 35.66
C ASP B 150 -20.09 9.14 35.42
N ASN B 151 -19.79 9.54 34.18
CA ASN B 151 -19.77 10.91 33.66
C ASN B 151 -18.64 11.78 34.25
N ALA B 152 -18.02 11.33 35.37
CA ALA B 152 -16.91 12.03 36.04
C ALA B 152 -15.59 11.65 35.37
N LEU B 153 -14.73 12.63 35.04
CA LEU B 153 -13.46 12.33 34.35
C LEU B 153 -12.43 11.60 35.21
N GLN B 154 -11.49 10.89 34.56
CA GLN B 154 -10.44 10.10 35.22
C GLN B 154 -9.05 10.55 34.78
N SER B 155 -8.11 10.75 35.73
CA SER B 155 -6.79 11.28 35.37
C SER B 155 -5.59 10.31 35.53
N GLY B 156 -5.30 9.91 36.77
CA GLY B 156 -4.13 9.08 37.03
C GLY B 156 -4.38 7.61 37.19
N ASN B 157 -4.96 6.98 36.18
CA ASN B 157 -5.25 5.54 36.19
C ASN B 157 -5.33 4.92 34.79
N SER B 158 -4.87 5.63 33.75
CA SER B 158 -4.87 5.13 32.38
C SER B 158 -3.44 5.08 31.79
N GLN B 159 -3.23 4.34 30.68
CA GLN B 159 -1.92 4.25 30.06
C GLN B 159 -2.07 3.99 28.57
N GLU B 160 -1.62 4.91 27.72
CA GLU B 160 -1.73 4.75 26.28
C GLU B 160 -0.48 4.09 25.66
N SER B 161 -0.63 3.46 24.49
CA SER B 161 0.49 2.86 23.76
C SER B 161 0.20 2.96 22.27
N VAL B 162 1.12 3.56 21.51
CA VAL B 162 0.90 3.81 20.09
C VAL B 162 1.83 3.01 19.20
N THR B 163 1.27 2.31 18.21
CA THR B 163 2.07 1.57 17.24
C THR B 163 2.81 2.56 16.28
N GLU B 164 3.74 2.05 15.48
CA GLU B 164 4.42 2.88 14.49
C GLU B 164 3.54 2.98 13.21
N GLN B 165 4.01 3.73 12.20
CA GLN B 165 3.26 3.90 10.98
C GLN B 165 3.15 2.57 10.26
N ASP B 166 1.92 2.17 9.88
CA ASP B 166 1.69 0.89 9.20
C ASP B 166 2.54 0.73 7.93
N SER B 167 3.04 -0.49 7.67
CA SER B 167 3.85 -0.77 6.49
C SER B 167 3.05 -0.74 5.17
N LYS B 168 1.70 -0.74 5.25
CA LYS B 168 0.86 -0.70 4.06
C LYS B 168 0.11 0.64 3.93
N ASP B 169 -0.61 1.07 4.99
CA ASP B 169 -1.38 2.30 4.92
C ASP B 169 -0.88 3.47 5.78
N SER B 170 0.32 3.36 6.37
CA SER B 170 0.92 4.43 7.15
C SER B 170 0.03 5.09 8.24
N THR B 171 -0.81 4.31 8.95
CA THR B 171 -1.62 4.88 10.04
C THR B 171 -1.22 4.36 11.43
N TYR B 172 -1.55 5.13 12.48
CA TYR B 172 -1.24 4.80 13.86
C TYR B 172 -2.46 4.21 14.59
N SER B 173 -2.24 3.22 15.43
CA SER B 173 -3.29 2.66 16.26
C SER B 173 -2.90 2.89 17.70
N LEU B 174 -3.87 3.17 18.56
CA LEU B 174 -3.59 3.52 19.95
C LEU B 174 -4.36 2.61 20.93
N SER B 175 -4.02 2.65 22.24
CA SER B 175 -4.68 1.81 23.22
C SER B 175 -4.54 2.40 24.58
N SER B 176 -5.57 3.08 25.07
CA SER B 176 -5.54 3.64 26.41
C SER B 176 -6.12 2.60 27.36
N THR B 177 -5.42 2.24 28.44
CA THR B 177 -5.88 1.19 29.35
C THR B 177 -6.12 1.64 30.79
N LEU B 178 -7.37 1.94 31.11
CA LEU B 178 -7.78 2.34 32.45
C LEU B 178 -7.70 1.11 33.34
N THR B 179 -6.97 1.18 34.47
CA THR B 179 -6.82 0.02 35.35
C THR B 179 -7.37 0.35 36.74
N LEU B 180 -8.29 -0.48 37.25
CA LEU B 180 -8.93 -0.33 38.58
C LEU B 180 -8.85 -1.66 39.36
N SER B 181 -9.21 -1.65 40.66
CA SER B 181 -9.25 -2.91 41.42
C SER B 181 -10.61 -3.58 41.19
N LYS B 182 -10.74 -4.92 41.42
CA LYS B 182 -12.05 -5.58 41.21
C LYS B 182 -13.09 -5.22 42.29
N ALA B 183 -12.87 -4.12 43.03
CA ALA B 183 -13.76 -3.58 44.06
C ALA B 183 -14.08 -2.13 43.69
N ASP B 184 -13.08 -1.37 43.22
CA ASP B 184 -13.31 -0.01 42.73
C ASP B 184 -14.06 -0.04 41.40
N TYR B 185 -13.74 -1.04 40.54
CA TYR B 185 -14.42 -1.27 39.27
C TYR B 185 -15.88 -1.65 39.51
N GLU B 186 -16.15 -2.43 40.57
CA GLU B 186 -17.49 -2.87 40.93
C GLU B 186 -18.35 -1.78 41.61
N LYS B 187 -17.72 -0.70 42.09
CA LYS B 187 -18.47 0.38 42.74
C LYS B 187 -19.10 1.39 41.75
N HIS B 188 -18.75 1.32 40.45
CA HIS B 188 -19.25 2.24 39.42
C HIS B 188 -19.99 1.51 38.28
N LYS B 189 -20.94 2.18 37.58
CA LYS B 189 -21.75 1.50 36.55
C LYS B 189 -21.40 1.80 35.07
N VAL B 190 -21.29 3.08 34.68
CA VAL B 190 -21.00 3.44 33.28
C VAL B 190 -19.51 3.64 33.09
N TYR B 191 -18.95 3.03 32.05
CA TYR B 191 -17.53 3.18 31.75
C TYR B 191 -17.39 3.64 30.31
N ALA B 192 -16.96 4.88 30.12
CA ALA B 192 -16.87 5.45 28.79
C ALA B 192 -15.48 5.95 28.39
N CYS B 193 -15.23 5.90 27.09
CA CYS B 193 -14.01 6.31 26.44
C CYS B 193 -14.36 7.48 25.49
N GLU B 194 -13.77 8.68 25.65
CA GLU B 194 -14.08 9.82 24.77
C GLU B 194 -12.95 10.24 23.81
N VAL B 195 -12.87 9.57 22.67
CA VAL B 195 -11.91 9.85 21.63
C VAL B 195 -12.22 11.19 20.97
N THR B 196 -11.22 12.06 20.82
CA THR B 196 -11.35 13.39 20.23
C THR B 196 -10.25 13.54 19.20
N HIS B 197 -10.54 13.29 17.92
CA HIS B 197 -9.54 13.37 16.87
C HIS B 197 -9.76 14.52 15.88
N GLN B 198 -8.73 14.84 15.09
CA GLN B 198 -8.76 15.90 14.08
C GLN B 198 -9.66 15.51 12.91
N GLY B 199 -9.58 14.25 12.48
CA GLY B 199 -10.41 13.75 11.38
C GLY B 199 -11.83 13.40 11.79
N LEU B 200 -12.27 13.86 12.98
CA LEU B 200 -13.62 13.61 13.48
C LEU B 200 -14.39 14.90 13.65
N SER B 201 -15.66 14.91 13.20
CA SER B 201 -16.54 16.07 13.33
C SER B 201 -16.83 16.34 14.81
N SER B 202 -17.05 15.28 15.58
CA SER B 202 -17.35 15.38 17.00
C SER B 202 -16.61 14.27 17.79
N PRO B 203 -16.43 14.43 19.12
CA PRO B 203 -15.76 13.38 19.89
C PRO B 203 -16.60 12.10 20.00
N VAL B 204 -16.05 10.98 19.51
CA VAL B 204 -16.73 9.69 19.56
C VAL B 204 -16.63 9.12 20.98
N THR B 205 -17.75 8.61 21.52
CA THR B 205 -17.75 8.04 22.86
C THR B 205 -18.30 6.63 22.81
N LYS B 206 -17.41 5.63 22.66
CA LYS B 206 -17.81 4.23 22.70
C LYS B 206 -17.82 3.84 24.20
N SER B 207 -18.89 3.16 24.67
CA SER B 207 -18.99 2.86 26.10
C SER B 207 -19.75 1.56 26.46
N PHE B 208 -19.70 1.19 27.74
CA PHE B 208 -20.38 0.02 28.25
C PHE B 208 -20.84 0.22 29.70
N ASN B 209 -21.87 -0.52 30.07
CA ASN B 209 -22.38 -0.59 31.44
C ASN B 209 -22.02 -2.00 31.94
N ARG B 210 -21.94 -2.23 33.27
CA ARG B 210 -21.51 -3.53 33.78
C ARG B 210 -22.33 -4.76 33.34
N GLY B 211 -23.64 -4.63 33.14
CA GLY B 211 -24.47 -5.73 32.66
C GLY B 211 -24.91 -5.56 31.22
N ILE C 3 54.46 31.27 -3.01
CA ILE C 3 55.91 31.45 -2.78
C ILE C 3 56.24 32.81 -2.15
N VAL C 4 55.97 33.94 -2.85
CA VAL C 4 56.30 35.26 -2.30
C VAL C 4 55.08 35.94 -1.71
N ALA C 5 55.20 36.36 -0.43
CA ALA C 5 54.14 37.02 0.33
C ALA C 5 54.73 37.87 1.45
N ASP C 6 53.95 38.84 1.96
CA ASP C 6 54.38 39.67 3.08
C ASP C 6 54.37 38.88 4.41
N HIS C 7 53.51 37.85 4.52
CA HIS C 7 53.37 36.98 5.68
C HIS C 7 52.92 35.60 5.22
N VAL C 8 53.34 34.56 5.93
CA VAL C 8 52.98 33.19 5.57
C VAL C 8 52.60 32.46 6.83
N ALA C 9 51.48 31.77 6.84
CA ALA C 9 51.04 31.04 8.01
C ALA C 9 50.60 29.63 7.67
N SER C 10 50.64 28.74 8.65
CA SER C 10 50.14 27.39 8.48
C SER C 10 49.03 27.25 9.51
N TYR C 11 47.80 27.39 9.04
CA TYR C 11 46.60 27.25 9.86
C TYR C 11 46.15 25.83 9.73
N GLY C 12 47.05 25.00 10.24
CA GLY C 12 46.99 23.57 10.24
C GLY C 12 48.35 23.05 9.82
N VAL C 13 49.13 22.58 10.77
CA VAL C 13 50.34 21.84 10.48
C VAL C 13 50.08 20.51 11.18
N ASN C 14 49.31 19.68 10.47
CA ASN C 14 48.85 18.38 10.91
C ASN C 14 49.91 17.38 10.55
N LEU C 15 50.28 16.52 11.50
CA LEU C 15 51.34 15.55 11.29
C LEU C 15 50.91 14.25 11.89
N TYR C 16 51.14 13.15 11.16
CA TYR C 16 50.80 11.83 11.70
C TYR C 16 51.85 10.84 11.24
N GLN C 17 52.52 10.15 12.17
CA GLN C 17 53.48 9.14 11.78
C GLN C 17 53.15 7.77 12.41
N SER C 18 53.54 6.70 11.69
CA SER C 18 53.30 5.31 12.08
C SER C 18 53.99 4.92 13.38
N TYR C 19 55.21 5.45 13.60
CA TYR C 19 56.01 5.16 14.80
C TYR C 19 55.26 5.67 16.01
N GLY C 20 54.90 4.76 16.89
CA GLY C 20 54.16 5.10 18.09
C GLY C 20 52.83 4.38 18.14
N PRO C 21 51.80 4.80 17.36
CA PRO C 21 51.77 5.98 16.48
C PRO C 21 51.69 7.29 17.26
N SER C 22 51.91 8.41 16.56
CA SER C 22 51.90 9.72 17.18
C SER C 22 51.43 10.79 16.18
N GLY C 23 51.30 12.01 16.66
CA GLY C 23 50.89 13.11 15.83
C GLY C 23 51.19 14.44 16.44
N GLN C 24 50.94 15.52 15.70
CA GLN C 24 51.17 16.84 16.20
C GLN C 24 50.38 17.87 15.43
N TYR C 25 49.47 18.56 16.13
CA TYR C 25 48.71 19.63 15.53
C TYR C 25 49.29 20.90 16.09
N THR C 26 49.75 21.80 15.22
CA THR C 26 50.30 23.10 15.57
C THR C 26 49.86 24.13 14.51
N HIS C 27 49.85 25.40 14.90
CA HIS C 27 49.63 26.52 13.99
C HIS C 27 50.93 27.29 13.99
N GLU C 28 51.34 27.81 12.82
CA GLU C 28 52.57 28.61 12.73
C GLU C 28 52.31 29.93 12.03
N PHE C 29 52.89 31.03 12.51
CA PHE C 29 52.75 32.31 11.84
C PHE C 29 54.14 32.86 11.61
N ASP C 30 54.50 33.05 10.34
CA ASP C 30 55.80 33.59 9.96
C ASP C 30 56.98 32.78 10.55
N GLY C 31 56.86 31.46 10.50
CA GLY C 31 57.95 30.57 10.94
C GLY C 31 58.04 30.32 12.44
N ASP C 32 57.15 30.93 13.20
CA ASP C 32 57.15 30.76 14.64
C ASP C 32 55.89 29.97 15.08
N GLU C 33 56.00 29.22 16.17
CA GLU C 33 54.95 28.37 16.64
C GLU C 33 53.96 29.16 17.50
N GLN C 34 52.71 29.33 17.04
CA GLN C 34 51.72 30.06 17.83
C GLN C 34 51.21 29.17 18.98
N PHE C 35 50.91 27.90 18.69
CA PHE C 35 50.41 26.99 19.72
C PHE C 35 50.47 25.53 19.27
N TYR C 36 50.29 24.62 20.21
CA TYR C 36 50.16 23.21 19.91
C TYR C 36 49.00 22.68 20.70
N VAL C 37 48.37 21.64 20.21
CA VAL C 37 47.30 20.99 20.94
C VAL C 37 47.93 19.71 21.51
N ASP C 38 47.84 19.52 22.83
CA ASP C 38 48.32 18.30 23.44
C ASP C 38 47.24 17.27 23.10
N LEU C 39 47.50 16.31 22.17
CA LEU C 39 46.45 15.35 21.78
C LEU C 39 46.03 14.37 22.91
N GLY C 40 46.75 14.34 24.02
CA GLY C 40 46.43 13.47 25.14
C GLY C 40 45.59 14.18 26.19
N ARG C 41 46.13 15.27 26.71
CA ARG C 41 45.45 16.11 27.70
C ARG C 41 44.26 16.85 27.06
N LYS C 42 44.28 17.03 25.72
CA LYS C 42 43.26 17.72 24.93
C LYS C 42 43.19 19.18 25.34
N GLU C 43 44.26 19.95 25.05
CA GLU C 43 44.37 21.34 25.45
C GLU C 43 45.24 22.14 24.51
N THR C 44 44.77 23.33 24.12
CA THR C 44 45.55 24.27 23.32
C THR C 44 46.55 24.91 24.26
N VAL C 45 47.82 24.77 23.93
CA VAL C 45 48.89 25.33 24.72
C VAL C 45 49.52 26.44 23.91
N TRP C 46 49.28 27.69 24.32
CA TRP C 46 49.73 28.90 23.64
C TRP C 46 51.18 29.17 23.89
N SER C 47 51.95 29.24 22.81
CA SER C 47 53.37 29.52 22.87
C SER C 47 53.71 31.03 22.97
N LEU C 48 52.67 31.88 22.95
CA LEU C 48 52.77 33.31 23.05
C LEU C 48 51.65 33.85 23.97
N PRO C 49 52.00 34.45 25.11
CA PRO C 49 50.96 34.98 26.03
C PRO C 49 49.83 35.78 25.38
N VAL C 50 50.17 36.70 24.48
CA VAL C 50 49.15 37.52 23.83
C VAL C 50 48.14 36.70 23.06
N LEU C 51 48.44 35.45 22.73
CA LEU C 51 47.50 34.60 22.01
C LEU C 51 46.52 33.89 22.94
N ARG C 52 46.78 33.87 24.26
CA ARG C 52 45.90 33.24 25.25
C ARG C 52 44.47 33.77 25.24
N GLN C 53 44.24 34.93 24.61
CA GLN C 53 42.91 35.49 24.49
C GLN C 53 42.04 34.72 23.49
N PHE C 54 42.65 34.00 22.51
CA PHE C 54 41.90 33.25 21.50
C PHE C 54 41.55 31.84 21.96
N ARG C 55 40.80 31.11 21.14
CA ARG C 55 40.35 29.77 21.48
C ARG C 55 40.40 28.84 20.28
N PHE C 56 41.10 27.74 20.43
CA PHE C 56 41.18 26.71 19.40
C PHE C 56 40.63 25.48 20.04
N ASP C 57 39.62 24.83 19.47
CA ASP C 57 39.05 23.66 20.10
C ASP C 57 39.89 22.39 19.91
N PRO C 58 40.35 21.73 20.99
CA PRO C 58 41.13 20.50 20.81
C PRO C 58 40.49 19.43 19.92
N GLN C 59 39.14 19.31 19.90
CA GLN C 59 38.48 18.32 19.05
C GLN C 59 38.79 18.52 17.56
N PHE C 60 39.05 19.77 17.13
CA PHE C 60 39.42 20.09 15.75
C PHE C 60 40.74 19.41 15.42
N ALA C 61 41.70 19.45 16.34
CA ALA C 61 43.01 18.84 16.13
C ALA C 61 42.90 17.34 16.12
N LEU C 62 42.16 16.75 17.07
CA LEU C 62 41.94 15.32 17.23
C LEU C 62 41.26 14.73 16.01
N THR C 63 40.26 15.44 15.44
CA THR C 63 39.54 14.98 14.27
C THR C 63 40.42 14.94 13.02
N ASN C 64 41.25 15.95 12.80
CA ASN C 64 42.16 15.98 11.65
C ASN C 64 43.19 14.86 11.75
N ILE C 65 43.69 14.58 12.97
CA ILE C 65 44.64 13.50 13.20
C ILE C 65 44.02 12.15 12.88
N ALA C 66 42.68 11.99 13.05
CA ALA C 66 42.02 10.73 12.72
C ALA C 66 41.95 10.58 11.20
N VAL C 67 41.59 11.66 10.47
CA VAL C 67 41.57 11.65 9.00
C VAL C 67 42.98 11.35 8.47
N LEU C 68 44.00 11.98 9.07
CA LEU C 68 45.39 11.81 8.70
C LEU C 68 45.83 10.38 8.85
N LYS C 69 45.33 9.66 9.84
CA LYS C 69 45.68 8.26 10.06
C LYS C 69 45.18 7.45 8.88
N HIS C 70 43.93 7.72 8.45
CA HIS C 70 43.29 7.09 7.33
C HIS C 70 44.10 7.35 6.05
N ASN C 71 44.25 8.64 5.63
CA ASN C 71 45.07 9.03 4.48
C ASN C 71 46.44 8.36 4.46
N LEU C 72 47.13 8.27 5.61
CA LEU C 72 48.42 7.63 5.69
C LEU C 72 48.32 6.14 5.35
N ASN C 73 47.39 5.39 5.96
CA ASN C 73 47.26 3.96 5.70
C ASN C 73 47.06 3.64 4.23
N SER C 74 46.18 4.37 3.55
CA SER C 74 45.93 4.17 2.12
C SER C 74 47.18 4.47 1.27
N LEU C 75 47.90 5.52 1.64
CA LEU C 75 49.11 5.89 0.93
C LEU C 75 50.27 4.93 1.22
N ILE C 76 50.20 4.12 2.31
CA ILE C 76 51.25 3.14 2.58
C ILE C 76 51.06 2.04 1.56
N LYS C 77 49.82 1.52 1.44
CA LYS C 77 49.47 0.49 0.47
C LYS C 77 49.68 0.96 -0.99
N ARG C 78 49.13 2.12 -1.38
CA ARG C 78 49.28 2.67 -2.73
C ARG C 78 50.74 2.82 -3.16
N SER C 79 51.65 3.23 -2.25
CA SER C 79 53.07 3.36 -2.59
C SER C 79 53.87 2.07 -2.30
N ASN C 80 53.18 0.91 -2.19
CA ASN C 80 53.72 -0.42 -1.91
C ASN C 80 54.67 -0.41 -0.72
N SER C 81 54.15 0.05 0.43
CA SER C 81 54.84 0.12 1.72
C SER C 81 56.23 0.80 1.69
N THR C 82 56.29 2.06 1.19
CA THR C 82 57.55 2.82 1.13
C THR C 82 57.77 3.64 2.41
N ALA C 83 58.79 3.32 3.21
CA ALA C 83 59.08 4.05 4.44
C ALA C 83 59.87 5.36 4.18
N ALA C 84 60.01 6.23 5.20
CA ALA C 84 60.71 7.51 5.09
C ALA C 84 62.23 7.34 5.06
N THR C 85 62.93 8.31 4.47
CA THR C 85 64.39 8.27 4.47
C THR C 85 64.88 9.12 5.63
N ASN C 86 65.79 8.57 6.46
CA ASN C 86 66.40 9.27 7.59
C ASN C 86 67.39 10.36 7.13
N GLU C 87 67.18 11.57 7.63
CA GLU C 87 68.01 12.69 7.32
C GLU C 87 69.06 12.90 8.42
N VAL C 88 70.13 13.58 8.02
CA VAL C 88 71.21 13.89 8.93
C VAL C 88 70.87 15.24 9.57
N PRO C 89 70.61 15.27 10.88
CA PRO C 89 70.29 16.54 11.55
C PRO C 89 71.49 17.47 11.72
N GLU C 90 71.34 18.76 11.37
CA GLU C 90 72.42 19.74 11.50
C GLU C 90 72.24 20.59 12.79
N VAL C 91 72.81 20.08 13.90
CA VAL C 91 72.74 20.70 15.23
C VAL C 91 73.63 21.95 15.33
N THR C 92 73.15 22.97 16.04
CA THR C 92 73.89 24.21 16.21
C THR C 92 73.57 24.72 17.61
N VAL C 93 74.59 25.08 18.41
CA VAL C 93 74.34 25.60 19.75
C VAL C 93 74.81 27.04 19.86
N PHE C 94 74.04 27.89 20.55
CA PHE C 94 74.37 29.30 20.74
C PHE C 94 73.64 29.93 21.90
N SER C 95 74.11 31.09 22.40
CA SER C 95 73.41 31.76 23.51
C SER C 95 72.43 32.80 22.98
N LYS C 96 71.31 32.98 23.69
CA LYS C 96 70.26 33.90 23.30
C LYS C 96 70.75 35.36 23.26
N SER C 97 71.66 35.71 24.16
CA SER C 97 72.21 37.06 24.22
C SER C 97 73.70 37.02 24.56
N PRO C 98 74.48 38.09 24.28
CA PRO C 98 75.91 38.09 24.63
C PRO C 98 76.19 37.65 26.05
N VAL C 99 77.19 36.80 26.20
CA VAL C 99 77.50 36.24 27.51
C VAL C 99 78.21 37.23 28.41
N THR C 100 77.69 37.38 29.63
CA THR C 100 78.26 38.17 30.71
C THR C 100 78.21 37.25 31.94
N LEU C 101 79.39 36.91 32.48
CA LEU C 101 79.52 36.00 33.61
C LEU C 101 78.74 36.38 34.83
N GLY C 102 77.86 35.49 35.29
CA GLY C 102 77.03 35.71 36.46
C GLY C 102 75.62 36.19 36.16
N GLN C 103 75.42 36.79 35.00
CA GLN C 103 74.13 37.32 34.56
C GLN C 103 73.45 36.25 33.72
N PRO C 104 72.32 35.73 34.22
CA PRO C 104 71.60 34.66 33.51
C PRO C 104 71.45 34.78 32.00
N ASN C 105 71.30 33.61 31.38
CA ASN C 105 71.17 33.48 29.94
C ASN C 105 70.42 32.17 29.62
N ILE C 106 70.11 31.98 28.34
CA ILE C 106 69.43 30.81 27.82
C ILE C 106 70.35 30.23 26.76
N LEU C 107 70.51 28.92 26.77
CA LEU C 107 71.32 28.25 25.76
C LEU C 107 70.38 27.64 24.76
N ILE C 108 70.56 27.99 23.51
CA ILE C 108 69.70 27.53 22.43
C ILE C 108 70.36 26.42 21.63
N CYS C 109 69.70 25.27 21.50
CA CYS C 109 70.20 24.20 20.66
C CYS C 109 69.24 24.03 19.52
N LEU C 110 69.63 24.44 18.32
CA LEU C 110 68.79 24.30 17.16
C LEU C 110 69.16 22.97 16.55
N VAL C 111 68.19 22.06 16.44
CA VAL C 111 68.39 20.76 15.83
C VAL C 111 67.67 20.84 14.46
N ASP C 112 68.40 21.34 13.43
CA ASP C 112 67.86 21.57 12.07
C ASP C 112 67.83 20.33 11.20
N ASN C 113 67.02 20.34 10.12
CA ASN C 113 66.87 19.27 9.14
C ASN C 113 66.54 17.90 9.77
N ILE C 114 65.45 17.83 10.54
CA ILE C 114 65.02 16.59 11.16
C ILE C 114 63.99 15.90 10.30
N PHE C 115 64.28 14.66 9.88
CA PHE C 115 63.28 13.85 9.18
C PHE C 115 63.63 12.37 9.34
N PRO C 116 62.70 11.49 9.76
CA PRO C 116 61.32 11.77 10.17
C PRO C 116 61.28 12.55 11.50
N PRO C 117 60.14 13.17 11.88
CA PRO C 117 60.12 13.93 13.14
C PRO C 117 60.02 13.06 14.40
N VAL C 118 61.11 12.38 14.76
CA VAL C 118 61.25 11.57 15.97
C VAL C 118 62.67 11.83 16.45
N VAL C 119 62.84 12.58 17.57
CA VAL C 119 64.18 12.92 18.07
C VAL C 119 64.21 13.08 19.59
N ASN C 120 65.42 12.94 20.17
CA ASN C 120 65.67 13.12 21.59
C ASN C 120 66.67 14.25 21.75
N ILE C 121 66.35 15.29 22.56
CA ILE C 121 67.30 16.40 22.77
C ILE C 121 67.52 16.67 24.26
N THR C 122 68.76 16.45 24.74
CA THR C 122 69.10 16.64 26.16
C THR C 122 70.35 17.53 26.35
N TRP C 123 70.59 18.01 27.59
CA TRP C 123 71.71 18.89 27.85
C TRP C 123 72.66 18.27 28.86
N LEU C 124 73.97 18.59 28.72
CA LEU C 124 75.01 18.08 29.59
C LEU C 124 75.86 19.19 30.19
N SER C 125 76.07 19.16 31.51
CA SER C 125 76.92 20.12 32.22
C SER C 125 77.98 19.33 32.97
N ASN C 126 79.26 19.49 32.58
CA ASN C 126 80.42 18.84 33.21
C ASN C 126 80.32 17.31 33.29
N GLY C 127 79.99 16.70 32.15
CA GLY C 127 79.89 15.25 32.01
C GLY C 127 78.51 14.60 32.11
N HIS C 128 77.71 15.04 33.08
CA HIS C 128 76.39 14.44 33.31
C HIS C 128 75.21 15.32 32.81
N SER C 129 74.01 14.73 32.73
CA SER C 129 72.81 15.39 32.23
C SER C 129 72.21 16.46 33.15
N VAL C 130 71.47 17.39 32.53
CA VAL C 130 70.76 18.49 33.16
C VAL C 130 69.28 18.31 32.84
N THR C 131 68.42 18.49 33.84
CA THR C 131 66.99 18.31 33.71
C THR C 131 66.25 19.65 33.94
N GLU C 132 66.71 20.41 34.94
CA GLU C 132 66.12 21.69 35.30
C GLU C 132 66.49 22.77 34.28
N GLY C 133 65.51 23.56 33.86
CA GLY C 133 65.75 24.64 32.91
C GLY C 133 65.59 24.28 31.45
N VAL C 134 65.48 22.99 31.15
CA VAL C 134 65.31 22.53 29.78
C VAL C 134 63.84 22.63 29.33
N SER C 135 63.63 23.22 28.16
CA SER C 135 62.35 23.40 27.50
C SER C 135 62.60 23.32 25.98
N GLU C 136 61.61 22.91 25.17
CA GLU C 136 61.83 22.81 23.72
C GLU C 136 60.60 23.11 22.92
N THR C 137 60.77 23.65 21.72
CA THR C 137 59.64 23.95 20.84
C THR C 137 59.04 22.67 20.23
N SER C 138 57.85 22.73 19.65
CA SER C 138 57.31 21.55 18.96
C SER C 138 58.14 21.31 17.64
N PHE C 139 57.77 20.31 16.83
CA PHE C 139 58.45 20.08 15.57
C PHE C 139 57.97 21.16 14.63
N LEU C 140 58.87 22.07 14.22
CA LEU C 140 58.44 23.16 13.34
C LEU C 140 58.66 22.76 11.91
N SER C 141 57.62 22.89 11.09
CA SER C 141 57.65 22.50 9.69
C SER C 141 58.64 23.31 8.85
N LYS C 142 59.11 22.71 7.74
CA LYS C 142 60.02 23.33 6.79
C LYS C 142 59.39 23.28 5.38
N SER C 143 59.88 24.13 4.45
CA SER C 143 59.33 24.15 3.07
C SER C 143 59.70 22.90 2.28
N ASP C 144 60.83 22.27 2.64
CA ASP C 144 61.24 21.02 2.01
C ASP C 144 60.63 19.80 2.73
N HIS C 145 59.59 20.03 3.54
CA HIS C 145 58.81 19.06 4.30
C HIS C 145 59.59 18.30 5.36
N SER C 146 60.81 18.74 5.72
CA SER C 146 61.49 18.19 6.88
C SER C 146 61.04 19.03 8.12
N PHE C 147 61.73 18.94 9.27
CA PHE C 147 61.35 19.66 10.48
C PHE C 147 62.59 20.24 11.17
N PHE C 148 62.43 20.75 12.41
CA PHE C 148 63.50 21.24 13.28
C PHE C 148 62.93 21.55 14.64
N LYS C 149 63.74 21.34 15.67
CA LYS C 149 63.30 21.60 17.03
C LYS C 149 64.35 22.50 17.69
N ILE C 150 63.96 23.27 18.72
CA ILE C 150 64.91 24.09 19.44
C ILE C 150 64.78 23.80 20.92
N SER C 151 65.87 23.34 21.55
CA SER C 151 65.87 23.13 22.98
C SER C 151 66.50 24.36 23.64
N TYR C 152 66.20 24.60 24.93
CA TYR C 152 66.64 25.77 25.68
C TYR C 152 67.07 25.35 27.06
N LEU C 153 68.22 25.81 27.51
CA LEU C 153 68.70 25.49 28.84
C LEU C 153 68.99 26.80 29.55
N THR C 154 68.23 27.09 30.61
CA THR C 154 68.45 28.32 31.35
C THR C 154 69.68 28.16 32.22
N LEU C 155 70.74 28.93 31.91
CA LEU C 155 71.96 28.86 32.68
C LEU C 155 72.35 30.21 33.29
N LEU C 156 73.28 30.16 34.25
CA LEU C 156 73.88 31.33 34.84
C LEU C 156 75.34 31.17 34.44
N PRO C 157 75.76 31.79 33.32
CA PRO C 157 77.13 31.60 32.83
C PRO C 157 78.25 31.58 33.87
N SER C 158 79.03 30.50 33.90
CA SER C 158 80.11 30.38 34.88
C SER C 158 81.49 30.33 34.18
N ALA C 159 82.56 30.57 34.96
CA ALA C 159 83.92 30.57 34.41
C ALA C 159 84.42 29.17 34.04
N GLU C 160 84.24 28.20 34.94
CA GLU C 160 84.72 26.85 34.70
C GLU C 160 83.76 26.06 33.81
N GLU C 161 82.46 26.01 34.18
CA GLU C 161 81.36 25.26 33.56
C GLU C 161 81.30 25.26 32.01
N SER C 162 81.13 24.03 31.45
CA SER C 162 80.99 23.73 30.02
C SER C 162 79.62 23.05 29.78
N TYR C 163 79.04 23.26 28.60
CA TYR C 163 77.73 22.71 28.29
C TYR C 163 77.66 22.02 26.93
N ASP C 164 76.85 20.94 26.83
CA ASP C 164 76.69 20.18 25.58
C ASP C 164 75.23 19.90 25.26
N CYS C 165 74.91 19.85 23.97
CA CYS C 165 73.59 19.46 23.52
C CYS C 165 73.69 18.02 22.95
N LYS C 166 72.95 17.04 23.52
CA LYS C 166 72.96 15.63 23.10
C LYS C 166 71.74 15.31 22.25
N VAL C 167 71.95 15.17 20.95
CA VAL C 167 70.91 14.86 19.96
C VAL C 167 70.95 13.35 19.56
N GLU C 168 69.78 12.70 19.50
CA GLU C 168 69.70 11.27 19.19
C GLU C 168 68.65 10.97 18.10
N HIS C 169 68.99 11.24 16.84
CA HIS C 169 68.09 10.92 15.73
C HIS C 169 68.52 9.55 15.16
N TRP C 170 67.64 8.91 14.35
CA TRP C 170 67.97 7.63 13.72
C TRP C 170 69.03 7.80 12.60
N GLY C 171 69.14 8.99 12.02
CA GLY C 171 70.12 9.32 10.98
C GLY C 171 71.53 9.22 11.50
N LEU C 172 71.77 9.74 12.71
CA LEU C 172 73.06 9.68 13.36
C LEU C 172 73.34 8.24 13.92
N ASP C 173 74.56 7.70 13.65
CA ASP C 173 75.00 6.36 14.10
C ASP C 173 75.46 6.34 15.57
N LYS C 174 75.85 7.52 16.08
CA LYS C 174 76.24 7.75 17.48
C LYS C 174 75.75 9.17 17.86
N PRO C 175 75.22 9.36 19.10
CA PRO C 175 74.71 10.69 19.50
C PRO C 175 75.60 11.88 19.12
N LEU C 176 75.01 12.92 18.48
CA LEU C 176 75.77 14.11 18.14
C LEU C 176 75.87 14.94 19.42
N LEU C 177 77.10 15.30 19.82
CA LEU C 177 77.30 16.07 21.03
C LEU C 177 77.89 17.41 20.67
N LYS C 178 77.05 18.42 20.40
CA LYS C 178 77.51 19.76 20.03
C LYS C 178 77.93 20.51 21.31
N HIS C 179 79.14 21.08 21.35
CA HIS C 179 79.63 21.75 22.56
C HIS C 179 79.42 23.26 22.52
N TRP C 180 79.19 23.91 23.68
CA TRP C 180 79.00 25.37 23.71
C TRP C 180 80.22 26.12 24.21
N GLU C 181 80.71 27.05 23.38
CA GLU C 181 81.91 27.86 23.66
C GLU C 181 81.69 29.37 23.95
N PRO C 182 81.74 29.76 25.26
CA PRO C 182 81.63 31.19 25.60
C PRO C 182 82.56 32.14 24.82
N ILE D 1 36.60 32.67 16.13
CA ILE D 1 37.58 31.79 16.80
C ILE D 1 38.68 31.33 15.81
N ILE D 2 39.77 30.69 16.31
CA ILE D 2 40.79 30.20 15.41
C ILE D 2 40.23 29.06 14.55
N GLN D 3 40.08 29.33 13.26
CA GLN D 3 39.52 28.41 12.30
C GLN D 3 40.61 27.57 11.67
N PRO D 4 40.48 26.24 11.70
CA PRO D 4 41.49 25.40 11.09
C PRO D 4 41.13 24.97 9.66
N GLU D 5 42.17 24.69 8.88
CA GLU D 5 41.94 24.12 7.56
C GLU D 5 41.78 22.60 7.82
N GLN D 6 40.84 21.97 7.12
CA GLN D 6 40.52 20.55 7.31
C GLN D 6 41.16 19.62 6.26
N PRO D 7 41.63 18.41 6.66
CA PRO D 7 42.21 17.50 5.66
C PRO D 7 41.10 16.85 4.82
N ALA D 8 41.42 16.53 3.58
CA ALA D 8 40.48 15.86 2.70
C ALA D 8 40.70 14.38 2.92
N GLN D 9 39.62 13.60 3.00
CA GLN D 9 39.77 12.17 3.28
C GLN D 9 39.93 11.33 2.02
N LEU D 10 40.97 10.49 2.02
CA LEU D 10 41.28 9.60 0.91
C LEU D 10 40.33 8.39 0.93
N PRO D 11 40.13 7.67 -0.21
CA PRO D 11 39.24 6.48 -0.17
C PRO D 11 39.94 5.17 0.27
N SER D 29 67.05 1.02 14.41
CA SER D 29 66.63 1.84 13.26
C SER D 29 65.28 1.41 12.66
N PRO D 30 64.16 1.82 13.29
CA PRO D 30 62.83 1.41 12.81
C PRO D 30 62.30 2.10 11.55
N GLU D 31 61.18 1.56 11.03
CA GLU D 31 60.52 2.09 9.85
C GLU D 31 59.38 3.00 10.30
N ASP D 32 59.26 4.12 9.60
CA ASP D 32 58.25 5.10 9.90
C ASP D 32 57.57 5.52 8.61
N PHE D 33 56.30 5.79 8.69
CA PHE D 33 55.51 6.23 7.56
C PHE D 33 54.89 7.54 8.01
N VAL D 34 55.26 8.66 7.35
CA VAL D 34 54.84 10.00 7.77
C VAL D 34 53.84 10.67 6.82
N TYR D 35 52.76 11.23 7.37
CA TYR D 35 51.79 11.97 6.56
C TYR D 35 51.67 13.39 7.12
N GLN D 36 51.84 14.40 6.26
CA GLN D 36 51.73 15.78 6.68
C GLN D 36 50.67 16.48 5.89
N PHE D 37 49.93 17.35 6.55
CA PHE D 37 48.92 18.16 5.90
C PHE D 37 49.18 19.57 6.41
N LYS D 38 49.62 20.46 5.54
CA LYS D 38 49.91 21.85 5.87
C LYS D 38 48.89 22.83 5.18
N GLY D 39 47.92 23.34 5.94
CA GLY D 39 46.96 24.31 5.43
C GLY D 39 47.66 25.66 5.41
N MET D 40 48.16 26.10 4.25
CA MET D 40 48.99 27.31 4.22
C MET D 40 48.39 28.55 3.62
N CYS D 41 48.50 29.64 4.37
CA CYS D 41 48.01 30.95 3.98
C CYS D 41 49.13 31.93 3.66
N TYR D 42 49.08 32.52 2.47
CA TYR D 42 50.05 33.49 2.01
C TYR D 42 49.35 34.84 1.92
N PHE D 43 49.86 35.84 2.64
CA PHE D 43 49.23 37.15 2.65
C PHE D 43 50.15 38.19 2.13
N THR D 44 49.71 38.98 1.12
CA THR D 44 50.54 40.07 0.64
C THR D 44 49.63 41.34 0.41
N ASN D 45 50.13 42.56 0.82
CA ASN D 45 49.46 43.87 0.89
C ASN D 45 48.31 43.73 1.85
N GLY D 46 48.60 43.30 3.08
CA GLY D 46 47.58 43.04 4.09
C GLY D 46 46.68 41.90 3.63
N THR D 47 45.39 42.17 3.49
CA THR D 47 44.46 41.15 2.97
C THR D 47 44.13 41.36 1.46
N GLU D 48 44.82 42.28 0.77
CA GLU D 48 44.52 42.56 -0.63
C GLU D 48 44.76 41.32 -1.46
N ARG D 49 45.94 40.71 -1.32
CA ARG D 49 46.23 39.48 -2.04
C ARG D 49 46.32 38.32 -1.03
N VAL D 50 45.27 37.50 -0.95
CA VAL D 50 45.27 36.36 -0.03
C VAL D 50 45.26 35.09 -0.84
N ARG D 51 46.08 34.12 -0.43
CA ARG D 51 46.20 32.85 -1.15
C ARG D 51 46.37 31.61 -0.25
N LEU D 52 45.54 30.60 -0.48
CA LEU D 52 45.61 29.35 0.25
C LEU D 52 46.19 28.29 -0.67
N VAL D 53 47.13 27.49 -0.16
CA VAL D 53 47.73 26.36 -0.87
C VAL D 53 47.75 25.22 0.15
N SER D 54 46.88 24.19 0.02
CA SER D 54 46.86 23.12 1.05
C SER D 54 47.58 21.87 0.61
N ARG D 55 48.70 21.61 1.25
CA ARG D 55 49.58 20.54 0.86
C ARG D 55 49.38 19.22 1.54
N SER D 56 49.20 18.15 0.78
CA SER D 56 49.11 16.79 1.32
C SER D 56 50.47 16.15 1.02
N ILE D 57 51.12 15.54 2.00
CA ILE D 57 52.49 15.07 1.85
C ILE D 57 52.74 13.64 2.31
N TYR D 58 53.24 12.76 1.42
CA TYR D 58 53.64 11.41 1.85
C TYR D 58 55.13 11.47 2.10
N ASN D 59 55.58 11.10 3.30
CA ASN D 59 56.96 11.23 3.79
C ASN D 59 57.43 12.69 3.55
N ARG D 60 58.43 12.96 2.70
CA ARG D 60 58.82 14.35 2.40
C ARG D 60 58.41 14.79 1.00
N GLU D 61 57.58 13.98 0.30
CA GLU D 61 57.16 14.27 -1.05
C GLU D 61 55.75 14.74 -1.05
N GLU D 62 55.53 15.98 -1.49
CA GLU D 62 54.18 16.53 -1.59
C GLU D 62 53.45 15.82 -2.74
N ILE D 63 52.33 15.16 -2.43
CA ILE D 63 51.57 14.41 -3.42
C ILE D 63 50.44 15.25 -4.09
N VAL D 64 49.58 15.95 -3.32
CA VAL D 64 48.50 16.76 -3.91
C VAL D 64 48.61 18.24 -3.43
N ARG D 65 47.77 19.15 -3.96
CA ARG D 65 47.80 20.56 -3.60
C ARG D 65 46.49 21.27 -4.02
N PHE D 66 45.83 22.00 -3.10
CA PHE D 66 44.68 22.80 -3.51
C PHE D 66 45.19 24.23 -3.50
N ASP D 67 45.32 24.86 -4.68
CA ASP D 67 45.80 26.24 -4.77
C ASP D 67 44.63 27.13 -5.09
N SER D 68 44.31 28.08 -4.21
CA SER D 68 43.21 29.00 -4.42
C SER D 68 43.33 29.84 -5.72
N ASP D 69 44.53 29.91 -6.30
CA ASP D 69 44.71 30.60 -7.57
C ASP D 69 44.24 29.70 -8.70
N VAL D 70 44.62 28.41 -8.67
CA VAL D 70 44.20 27.38 -9.62
C VAL D 70 42.70 27.06 -9.45
N GLY D 71 42.27 26.80 -8.21
CA GLY D 71 40.88 26.51 -7.86
C GLY D 71 40.50 25.05 -7.82
N GLU D 72 41.47 24.15 -7.91
CA GLU D 72 41.21 22.72 -7.89
C GLU D 72 42.38 21.94 -7.27
N PHE D 73 42.13 20.68 -6.91
CA PHE D 73 43.19 19.79 -6.45
C PHE D 73 44.00 19.44 -7.68
N ARG D 74 45.34 19.46 -7.57
CA ARG D 74 46.21 19.15 -8.70
C ARG D 74 47.32 18.29 -8.20
N ALA D 75 47.56 17.14 -8.83
CA ALA D 75 48.62 16.25 -8.35
C ALA D 75 50.00 16.87 -8.58
N VAL D 76 50.89 16.70 -7.62
CA VAL D 76 52.26 17.14 -7.72
C VAL D 76 53.07 15.92 -8.18
N THR D 77 52.87 14.76 -7.53
CA THR D 77 53.49 13.52 -7.97
C THR D 77 52.40 12.49 -8.33
N LEU D 78 52.78 11.46 -9.12
CA LEU D 78 51.90 10.38 -9.56
C LEU D 78 51.10 9.76 -8.42
N LEU D 79 51.74 9.54 -7.25
CA LEU D 79 51.10 8.96 -6.05
C LEU D 79 49.81 9.71 -5.59
N GLY D 80 49.75 11.00 -5.93
CA GLY D 80 48.62 11.87 -5.58
C GLY D 80 47.67 12.17 -6.72
N LEU D 81 47.77 11.42 -7.82
CA LEU D 81 46.83 11.59 -8.93
C LEU D 81 45.47 11.00 -8.62
N PRO D 82 45.35 9.75 -8.08
CA PRO D 82 44.02 9.25 -7.71
C PRO D 82 43.26 10.19 -6.76
N ALA D 83 43.99 10.76 -5.78
CA ALA D 83 43.44 11.69 -4.80
C ALA D 83 42.96 12.99 -5.46
N ALA D 84 43.76 13.57 -6.38
CA ALA D 84 43.42 14.83 -7.04
C ALA D 84 42.13 14.75 -7.82
N GLU D 85 41.91 13.63 -8.51
CA GLU D 85 40.69 13.43 -9.30
C GLU D 85 39.51 13.12 -8.36
N TYR D 86 39.75 12.24 -7.37
CA TYR D 86 38.73 11.85 -6.38
C TYR D 86 38.19 13.06 -5.61
N TRP D 87 39.08 13.94 -5.16
CA TRP D 87 38.66 15.14 -4.43
C TRP D 87 38.02 16.19 -5.36
N ASN D 88 38.40 16.19 -6.64
CA ASN D 88 37.83 17.06 -7.65
C ASN D 88 36.43 16.61 -8.10
N SER D 89 36.12 15.31 -7.95
CA SER D 89 34.80 14.81 -8.31
C SER D 89 33.78 15.20 -7.22
N GLN D 90 34.18 15.15 -5.94
CA GLN D 90 33.28 15.56 -4.86
C GLN D 90 33.09 17.10 -4.89
N LYS D 91 31.85 17.54 -5.16
CA LYS D 91 31.55 18.97 -5.27
C LYS D 91 31.55 19.69 -3.90
N ASP D 92 31.28 18.95 -2.81
CA ASP D 92 31.24 19.53 -1.46
C ASP D 92 32.63 20.03 -1.08
N ILE D 93 33.65 19.15 -1.26
CA ILE D 93 35.07 19.37 -0.98
C ILE D 93 35.64 20.58 -1.73
N LEU D 94 35.20 20.79 -2.98
CA LEU D 94 35.69 21.90 -3.78
C LEU D 94 35.13 23.21 -3.31
N GLU D 95 33.83 23.23 -2.99
CA GLU D 95 33.15 24.42 -2.47
C GLU D 95 33.79 24.83 -1.15
N ARG D 96 34.08 23.83 -0.26
CA ARG D 96 34.69 24.01 1.07
C ARG D 96 36.13 24.47 0.98
N LYS D 97 36.93 23.86 0.08
CA LYS D 97 38.32 24.24 -0.11
C LYS D 97 38.43 25.63 -0.76
N ARG D 98 37.45 26.00 -1.59
CA ARG D 98 37.44 27.33 -2.19
C ARG D 98 37.17 28.40 -1.12
N ALA D 99 36.20 28.12 -0.21
CA ALA D 99 35.79 29.02 0.88
C ALA D 99 36.85 29.16 1.99
N ALA D 100 37.74 28.17 2.13
CA ALA D 100 38.81 28.15 3.14
C ALA D 100 39.70 29.39 3.13
N VAL D 101 39.77 30.10 2.01
CA VAL D 101 40.54 31.34 1.90
C VAL D 101 39.96 32.37 2.87
N ASP D 102 38.62 32.46 2.93
CA ASP D 102 37.95 33.41 3.81
C ASP D 102 37.78 32.84 5.23
N ARG D 103 37.14 31.66 5.36
CA ARG D 103 36.88 30.96 6.60
C ARG D 103 38.15 30.72 7.42
N VAL D 104 39.28 30.43 6.74
CA VAL D 104 40.53 30.17 7.42
C VAL D 104 41.50 31.35 7.29
N CYS D 105 42.08 31.61 6.10
CA CYS D 105 43.10 32.65 5.95
C CYS D 105 42.63 34.04 6.38
N ARG D 106 41.62 34.61 5.71
CA ARG D 106 41.11 35.96 5.99
C ARG D 106 40.59 36.11 7.43
N HIS D 107 39.84 35.11 7.94
CA HIS D 107 39.33 35.08 9.31
C HIS D 107 40.47 35.18 10.33
N ASN D 108 41.36 34.18 10.34
CA ASN D 108 42.47 34.12 11.28
C ASN D 108 43.36 35.34 11.20
N TYR D 109 43.52 35.93 10.00
CA TYR D 109 44.38 37.11 9.83
C TYR D 109 43.96 38.26 10.69
N GLN D 110 42.63 38.43 10.87
CA GLN D 110 42.08 39.51 11.69
C GLN D 110 42.57 39.42 13.12
N LEU D 111 42.75 38.20 13.63
CA LEU D 111 43.27 37.98 14.97
C LEU D 111 44.75 38.33 14.99
N GLU D 112 45.49 37.98 13.91
CA GLU D 112 46.91 38.31 13.77
C GLU D 112 47.13 39.79 13.83
N LEU D 113 46.24 40.58 13.19
CA LEU D 113 46.32 42.04 13.22
C LEU D 113 46.32 42.61 14.62
N ARG D 114 45.56 41.99 15.54
CA ARG D 114 45.48 42.46 16.93
C ARG D 114 46.57 41.90 17.84
N THR D 115 47.34 40.88 17.38
CA THR D 115 48.30 40.22 18.26
C THR D 115 49.75 40.08 17.70
N THR D 116 49.97 39.22 16.69
CA THR D 116 51.30 38.96 16.15
C THR D 116 51.76 40.12 15.32
N LEU D 117 50.87 40.65 14.47
CA LEU D 117 51.19 41.82 13.65
C LEU D 117 51.30 43.14 14.48
N GLN D 118 50.92 43.09 15.77
CA GLN D 118 51.07 44.20 16.70
C GLN D 118 52.33 44.05 17.55
N ARG D 119 52.89 42.83 17.69
CA ARG D 119 54.10 42.51 18.45
C ARG D 119 55.30 43.30 17.97
N ARG D 120 56.12 43.76 18.92
CA ARG D 120 57.35 44.49 18.64
C ARG D 120 58.31 44.41 19.81
N VAL D 121 59.49 43.83 19.61
CA VAL D 121 60.50 43.76 20.67
C VAL D 121 61.74 44.54 20.21
N GLU D 122 62.17 45.52 21.00
CA GLU D 122 63.28 46.36 20.62
C GLU D 122 64.62 45.65 20.66
N PRO D 123 65.39 45.77 19.58
CA PRO D 123 66.73 45.18 19.57
C PRO D 123 67.66 45.76 20.63
N THR D 124 68.50 44.92 21.21
CA THR D 124 69.45 45.36 22.21
C THR D 124 70.82 45.24 21.53
N VAL D 125 71.32 46.37 21.03
CA VAL D 125 72.60 46.50 20.32
C VAL D 125 73.80 46.47 21.27
N THR D 126 74.85 45.69 20.93
CA THR D 126 76.00 45.51 21.83
C THR D 126 77.31 45.30 21.06
N ILE D 127 78.21 46.30 21.08
CA ILE D 127 79.51 46.18 20.41
C ILE D 127 80.51 45.62 21.41
N SER D 128 81.28 44.64 21.00
CA SER D 128 82.28 44.00 21.84
C SER D 128 83.36 43.36 20.98
N PRO D 129 84.64 43.36 21.39
CA PRO D 129 85.68 42.72 20.57
C PRO D 129 85.56 41.19 20.56
N SER D 130 86.44 40.49 19.83
CA SER D 130 86.38 39.03 19.71
C SER D 130 87.78 38.38 19.44
N ARG D 131 87.87 37.01 19.37
CA ARG D 131 89.12 36.28 19.12
C ARG D 131 89.63 36.44 17.67
N LEU D 140 88.99 43.52 15.20
CA LEU D 140 87.75 42.76 15.00
C LEU D 140 86.66 43.04 16.07
N LEU D 141 85.57 43.73 15.68
CA LEU D 141 84.45 44.09 16.56
C LEU D 141 83.14 43.44 16.16
N VAL D 142 82.45 42.76 17.09
CA VAL D 142 81.17 42.17 16.77
C VAL D 142 80.01 42.96 17.36
N CYS D 143 79.16 43.53 16.49
CA CYS D 143 77.98 44.26 16.91
C CYS D 143 76.86 43.27 17.02
N SER D 144 76.44 42.92 18.24
CA SER D 144 75.38 41.95 18.47
C SER D 144 74.06 42.63 18.60
N VAL D 145 73.15 42.43 17.64
CA VAL D 145 71.81 43.01 17.68
C VAL D 145 70.93 41.86 18.16
N THR D 146 70.51 41.87 19.43
CA THR D 146 69.79 40.73 20.00
C THR D 146 68.34 40.99 20.41
N ASP D 147 67.55 39.91 20.59
CA ASP D 147 66.17 39.89 21.07
C ASP D 147 65.23 40.90 20.41
N PHE D 148 65.03 40.78 19.11
CA PHE D 148 64.13 41.70 18.40
C PHE D 148 63.07 40.98 17.60
N TYR D 149 61.91 41.58 17.48
CA TYR D 149 60.82 41.08 16.67
C TYR D 149 60.10 42.34 16.13
N PRO D 150 59.70 42.43 14.83
CA PRO D 150 59.76 41.43 13.75
C PRO D 150 61.13 41.22 13.12
N ALA D 151 61.20 40.42 12.05
CA ALA D 151 62.45 40.10 11.38
C ALA D 151 63.05 41.18 10.53
N GLN D 152 62.43 42.33 10.42
CA GLN D 152 62.97 43.41 9.58
C GLN D 152 64.06 44.14 10.30
N ILE D 153 65.28 44.18 9.73
CA ILE D 153 66.38 44.89 10.38
C ILE D 153 67.49 45.23 9.41
N LYS D 154 68.14 46.38 9.63
CA LYS D 154 69.26 46.79 8.80
C LYS D 154 70.30 47.22 9.79
N VAL D 155 71.40 46.49 9.83
CA VAL D 155 72.52 46.81 10.70
C VAL D 155 73.65 47.31 9.81
N ARG D 156 74.23 48.47 10.13
CA ARG D 156 75.31 49.03 9.32
C ARG D 156 76.42 49.66 10.21
N TRP D 157 77.71 49.63 9.75
CA TRP D 157 78.85 50.15 10.51
C TRP D 157 79.36 51.51 9.97
N ASP D 161 83.24 57.72 10.50
CA ASP D 161 81.86 58.12 10.21
C ASP D 161 81.43 57.94 8.71
N GLN D 162 82.12 57.04 8.00
CA GLN D 162 81.76 56.68 6.63
C GLN D 162 81.16 55.26 6.68
N GLU D 163 80.24 54.89 5.75
CA GLU D 163 79.65 53.54 5.77
C GLU D 163 80.70 52.49 5.42
N GLU D 164 81.21 51.75 6.42
CA GLU D 164 82.22 50.72 6.16
C GLU D 164 81.51 49.52 5.57
N THR D 165 82.01 49.01 4.43
CA THR D 165 81.34 47.94 3.73
C THR D 165 82.21 46.70 3.41
N ALA D 166 83.43 46.90 2.88
CA ALA D 166 84.25 45.76 2.48
C ALA D 166 84.73 44.86 3.63
N GLY D 167 85.08 45.46 4.77
CA GLY D 167 85.58 44.70 5.91
C GLY D 167 84.53 44.20 6.88
N VAL D 168 83.27 44.16 6.43
CA VAL D 168 82.17 43.75 7.29
C VAL D 168 81.53 42.41 6.90
N VAL D 169 81.24 41.56 7.89
CA VAL D 169 80.55 40.29 7.72
C VAL D 169 79.41 40.14 8.71
N SER D 170 78.21 39.98 8.19
CA SER D 170 77.04 39.75 9.02
C SER D 170 76.71 38.28 8.99
N THR D 171 76.29 37.71 10.11
CA THR D 171 75.76 36.35 10.13
C THR D 171 74.37 36.43 9.43
N PRO D 172 73.79 35.31 8.96
CA PRO D 172 72.40 35.38 8.50
C PRO D 172 71.48 35.71 9.70
N LEU D 173 70.19 36.02 9.44
CA LEU D 173 69.27 36.31 10.54
C LEU D 173 69.08 35.05 11.39
N ILE D 174 69.15 35.18 12.70
CA ILE D 174 69.06 34.04 13.60
C ILE D 174 67.69 33.98 14.22
N ARG D 175 66.95 32.91 13.96
CA ARG D 175 65.63 32.76 14.55
C ARG D 175 65.82 31.98 15.84
N ASN D 176 65.43 32.55 17.01
CA ASN D 176 65.54 31.88 18.29
C ASN D 176 64.37 30.94 18.62
N GLY D 177 63.30 31.01 17.84
CA GLY D 177 62.15 30.13 18.04
C GLY D 177 61.27 30.47 19.23
N ASP D 178 61.66 31.49 20.00
CA ASP D 178 60.85 31.98 21.11
C ASP D 178 60.21 33.33 20.70
N TRP D 179 59.89 33.52 19.44
CA TRP D 179 59.36 34.74 18.90
C TRP D 179 60.33 35.92 19.06
N THR D 180 61.65 35.68 18.87
CA THR D 180 62.67 36.72 18.84
C THR D 180 63.82 36.30 17.96
N PHE D 181 64.44 37.27 17.28
CA PHE D 181 65.58 37.06 16.41
C PHE D 181 66.85 37.67 16.99
N GLN D 182 67.99 37.34 16.40
CA GLN D 182 69.27 37.96 16.70
C GLN D 182 70.09 38.01 15.42
N ILE D 183 71.04 38.94 15.33
CA ILE D 183 71.89 39.05 14.16
C ILE D 183 73.23 39.64 14.61
N LEU D 184 74.34 39.06 14.14
CA LEU D 184 75.68 39.51 14.55
C LEU D 184 76.42 40.08 13.35
N VAL D 185 77.10 41.22 13.52
CA VAL D 185 77.82 41.88 12.43
C VAL D 185 79.26 42.21 12.85
N MET D 186 80.21 41.49 12.27
CA MET D 186 81.62 41.64 12.59
C MET D 186 82.33 42.61 11.63
N LEU D 187 83.24 43.46 12.14
CA LEU D 187 84.00 44.44 11.35
C LEU D 187 85.46 44.32 11.68
N GLU D 188 86.32 44.07 10.67
CA GLU D 188 87.77 43.96 10.87
C GLU D 188 88.38 45.36 11.05
N MET D 189 88.84 45.68 12.27
CA MET D 189 89.36 47.01 12.57
C MET D 189 90.89 47.18 12.33
N THR D 190 91.26 48.27 11.64
CA THR D 190 92.63 48.77 11.40
C THR D 190 92.51 50.23 11.82
N PRO D 191 92.56 50.50 13.14
CA PRO D 191 92.26 51.86 13.61
C PRO D 191 93.42 52.85 13.64
N GLN D 192 93.07 54.14 13.79
CA GLN D 192 94.00 55.26 13.86
C GLN D 192 93.26 56.54 14.23
N ARG D 193 94.00 57.50 14.82
CA ARG D 193 93.56 58.87 15.18
C ARG D 193 92.39 58.98 16.18
N GLY D 194 92.02 57.88 16.82
CA GLY D 194 90.89 57.88 17.76
C GLY D 194 89.57 58.09 17.04
N ASP D 195 89.46 57.60 15.79
CA ASP D 195 88.20 57.72 15.06
C ASP D 195 87.20 56.72 15.63
N VAL D 196 85.96 57.17 15.78
CA VAL D 196 84.88 56.36 16.32
C VAL D 196 84.28 55.43 15.25
N TYR D 197 83.98 54.18 15.65
CA TYR D 197 83.31 53.18 14.83
C TYR D 197 81.89 53.04 15.45
N THR D 198 80.82 53.18 14.64
CA THR D 198 79.44 53.18 15.17
C THR D 198 78.48 52.14 14.56
N CYS D 199 77.75 51.40 15.41
CA CYS D 199 76.75 50.45 14.92
C CYS D 199 75.42 51.17 14.77
N HIS D 200 74.79 51.05 13.61
CA HIS D 200 73.55 51.74 13.28
C HIS D 200 72.46 50.75 12.94
N VAL D 201 71.52 50.58 13.86
CA VAL D 201 70.42 49.64 13.75
C VAL D 201 69.09 50.33 13.49
N GLU D 202 68.37 49.88 12.44
CA GLU D 202 67.06 50.41 12.08
C GLU D 202 66.07 49.26 12.20
N HIS D 203 64.96 49.46 12.91
CA HIS D 203 63.98 48.39 13.11
C HIS D 203 62.54 48.92 13.30
N PRO D 204 61.52 48.20 12.77
CA PRO D 204 60.12 48.64 12.94
C PRO D 204 59.71 49.09 14.34
N SER D 205 60.21 48.42 15.40
CA SER D 205 59.87 48.75 16.78
C SER D 205 60.40 50.13 17.15
N LEU D 206 61.62 50.46 16.69
CA LEU D 206 62.32 51.71 16.98
C LEU D 206 61.72 52.93 16.30
N GLN D 207 61.37 53.94 17.13
CA GLN D 207 60.83 55.23 16.68
C GLN D 207 61.95 56.20 16.15
N SER D 208 63.24 55.79 16.27
CA SER D 208 64.47 56.50 15.88
C SER D 208 65.60 55.48 15.90
N PRO D 209 66.52 55.51 14.92
CA PRO D 209 67.60 54.51 14.87
C PRO D 209 68.60 54.48 16.04
N ILE D 210 69.08 53.28 16.39
CA ILE D 210 70.03 53.13 17.48
C ILE D 210 71.43 53.26 16.95
N THR D 211 72.27 54.03 17.63
CA THR D 211 73.67 54.20 17.28
C THR D 211 74.48 53.81 18.51
N VAL D 212 75.51 53.00 18.34
CA VAL D 212 76.36 52.59 19.45
C VAL D 212 77.82 52.87 19.07
N GLU D 213 78.54 53.70 19.84
CA GLU D 213 79.92 54.07 19.50
C GLU D 213 80.99 53.12 20.05
N TRP D 214 82.21 53.20 19.50
CA TRP D 214 83.34 52.40 19.97
C TRP D 214 84.69 53.01 19.56
N GLN E 1 -25.22 -10.70 -6.12
CA GLN E 1 -25.54 -11.99 -6.73
C GLN E 1 -24.67 -13.14 -6.17
N VAL E 2 -25.13 -14.39 -6.33
CA VAL E 2 -24.41 -15.59 -5.87
C VAL E 2 -23.40 -16.09 -6.94
N GLN E 3 -22.49 -16.99 -6.56
CA GLN E 3 -21.46 -17.49 -7.46
C GLN E 3 -21.96 -18.52 -8.50
N LEU E 4 -21.28 -18.56 -9.66
CA LEU E 4 -21.51 -19.47 -10.76
C LEU E 4 -20.09 -19.88 -11.21
N VAL E 5 -19.55 -20.98 -10.66
CA VAL E 5 -18.17 -21.41 -10.91
C VAL E 5 -17.99 -22.17 -12.23
N GLU E 6 -16.79 -22.10 -12.86
CA GLU E 6 -16.38 -22.82 -14.08
C GLU E 6 -14.93 -23.30 -13.93
N SER E 7 -14.66 -24.58 -14.18
CA SER E 7 -13.33 -25.14 -14.02
C SER E 7 -12.96 -26.10 -15.18
N GLY E 8 -11.76 -26.68 -15.14
CA GLY E 8 -11.35 -27.67 -16.14
C GLY E 8 -10.32 -27.27 -17.18
N GLY E 9 -10.29 -25.98 -17.54
CA GLY E 9 -9.39 -25.47 -18.56
C GLY E 9 -7.91 -25.54 -18.24
N GLY E 10 -7.12 -24.96 -19.13
CA GLY E 10 -5.66 -24.94 -19.02
C GLY E 10 -5.03 -24.82 -20.40
N VAL E 11 -3.98 -25.59 -20.65
CA VAL E 11 -3.33 -25.60 -21.95
C VAL E 11 -3.39 -27.02 -22.50
N VAL E 12 -4.07 -27.21 -23.65
CA VAL E 12 -4.20 -28.55 -24.22
C VAL E 12 -3.55 -28.63 -25.62
N GLN E 13 -3.18 -29.85 -26.05
CA GLN E 13 -2.55 -30.09 -27.35
C GLN E 13 -3.63 -30.23 -28.42
N PRO E 14 -3.35 -29.79 -29.67
CA PRO E 14 -4.36 -29.91 -30.72
C PRO E 14 -4.72 -31.36 -31.00
N GLY E 15 -6.01 -31.62 -31.17
CA GLY E 15 -6.51 -32.98 -31.38
C GLY E 15 -7.01 -33.61 -30.09
N ARG E 16 -6.45 -33.18 -28.93
CA ARG E 16 -6.84 -33.71 -27.62
C ARG E 16 -8.20 -33.19 -27.17
N SER E 17 -8.98 -34.04 -26.50
CA SER E 17 -10.32 -33.68 -26.02
C SER E 17 -10.32 -33.23 -24.54
N LEU E 18 -10.77 -31.98 -24.29
CA LEU E 18 -10.81 -31.40 -22.95
C LEU E 18 -12.25 -31.14 -22.54
N ARG E 19 -12.64 -31.60 -21.35
CA ARG E 19 -14.01 -31.39 -20.86
C ARG E 19 -14.05 -30.30 -19.79
N LEU E 20 -14.82 -29.23 -20.06
CA LEU E 20 -15.00 -28.08 -19.18
C LEU E 20 -16.18 -28.28 -18.20
N SER E 21 -16.03 -27.84 -16.93
CA SER E 21 -17.09 -27.98 -15.91
C SER E 21 -17.65 -26.61 -15.47
N CYS E 22 -18.86 -26.62 -14.87
CA CYS E 22 -19.54 -25.41 -14.40
C CYS E 22 -20.42 -25.74 -13.19
N ALA E 23 -19.95 -25.42 -11.98
CA ALA E 23 -20.73 -25.68 -10.77
C ALA E 23 -21.80 -24.61 -10.51
N GLY E 26 -25.13 -20.94 -5.32
CA GLY E 26 -26.30 -20.86 -4.45
C GLY E 26 -27.62 -21.07 -5.17
N PHE E 27 -27.72 -22.17 -5.95
CA PHE E 27 -28.91 -22.54 -6.71
C PHE E 27 -28.94 -24.07 -6.95
N THR E 28 -30.05 -24.61 -7.49
CA THR E 28 -30.13 -26.04 -7.78
C THR E 28 -30.57 -26.26 -9.20
N PHE E 29 -29.81 -27.10 -9.93
CA PHE E 29 -30.13 -27.48 -11.31
C PHE E 29 -31.52 -28.17 -11.41
N SER E 30 -32.07 -28.63 -10.27
CA SER E 30 -33.39 -29.25 -10.20
C SER E 30 -34.50 -28.16 -10.06
N SER E 31 -34.40 -27.06 -10.84
CA SER E 31 -35.39 -25.98 -10.75
C SER E 31 -35.69 -25.26 -12.08
N TRP E 32 -35.46 -25.90 -13.25
CA TRP E 32 -35.78 -25.34 -14.57
C TRP E 32 -35.04 -24.05 -15.02
N TYR E 33 -33.83 -24.19 -15.56
CA TYR E 33 -33.07 -23.02 -16.06
C TYR E 33 -32.45 -23.29 -17.43
N TRP E 34 -32.15 -22.23 -18.19
CA TRP E 34 -31.55 -22.38 -19.50
C TRP E 34 -30.11 -21.92 -19.39
N ILE E 35 -29.20 -22.87 -19.14
CA ILE E 35 -27.79 -22.57 -18.97
C ILE E 35 -27.00 -22.82 -20.23
N CYS E 36 -26.22 -21.82 -20.65
CA CYS E 36 -25.40 -21.91 -21.86
C CYS E 36 -23.91 -21.80 -21.56
N TRP E 37 -23.12 -21.93 -22.62
CA TRP E 37 -21.70 -21.74 -22.70
C TRP E 37 -21.52 -20.65 -23.75
N VAL E 38 -20.75 -19.62 -23.44
CA VAL E 38 -20.49 -18.54 -24.38
C VAL E 38 -18.98 -18.29 -24.41
N ARG E 39 -18.33 -18.65 -25.51
CA ARG E 39 -16.88 -18.48 -25.67
C ARG E 39 -16.57 -17.08 -26.15
N GLN E 40 -15.47 -16.49 -25.68
CA GLN E 40 -15.06 -15.17 -26.16
C GLN E 40 -13.59 -15.16 -26.56
N ALA E 41 -13.34 -15.11 -27.89
CA ALA E 41 -12.01 -15.10 -28.49
C ALA E 41 -11.09 -13.97 -27.98
N PRO E 42 -9.76 -14.21 -27.86
CA PRO E 42 -8.86 -13.15 -27.37
C PRO E 42 -8.78 -11.96 -28.33
N GLY E 43 -9.47 -10.88 -27.96
CA GLY E 43 -9.55 -9.65 -28.77
C GLY E 43 -10.84 -9.49 -29.53
N LYS E 44 -11.56 -10.61 -29.73
CA LYS E 44 -12.82 -10.65 -30.45
C LYS E 44 -14.04 -10.69 -29.50
N GLY E 45 -15.25 -10.75 -30.08
CA GLY E 45 -16.51 -10.72 -29.35
C GLY E 45 -17.13 -12.07 -29.02
N LEU E 46 -18.24 -12.01 -28.26
CA LEU E 46 -19.00 -13.15 -27.75
C LEU E 46 -19.57 -14.06 -28.81
N GLU E 47 -19.39 -15.37 -28.62
CA GLU E 47 -19.84 -16.43 -29.53
C GLU E 47 -20.55 -17.50 -28.72
N TRP E 48 -21.79 -17.80 -29.08
CA TRP E 48 -22.54 -18.83 -28.36
C TRP E 48 -22.05 -20.17 -28.81
N VAL E 49 -21.77 -21.07 -27.85
CA VAL E 49 -21.32 -22.44 -28.12
C VAL E 49 -22.52 -23.44 -28.13
N ALA E 50 -23.16 -23.65 -26.97
CA ALA E 50 -24.29 -24.55 -26.78
C ALA E 50 -25.04 -24.16 -25.51
N CYS E 51 -26.32 -24.57 -25.43
CA CYS E 51 -27.15 -24.23 -24.30
C CYS E 51 -28.14 -25.37 -24.01
N ILE E 52 -28.34 -25.70 -22.73
CA ILE E 52 -29.20 -26.82 -22.37
C ILE E 52 -30.30 -26.48 -21.35
N ASP E 53 -31.51 -27.01 -21.61
CA ASP E 53 -32.68 -26.90 -20.72
C ASP E 53 -32.33 -27.80 -19.57
N THR E 54 -32.13 -27.23 -18.38
CA THR E 54 -31.67 -27.97 -17.19
C THR E 54 -32.70 -28.96 -16.64
N GLY E 55 -33.97 -28.80 -17.00
CA GLY E 55 -35.01 -29.72 -16.57
C GLY E 55 -35.16 -30.85 -17.57
N SER E 56 -35.74 -30.52 -18.74
CA SER E 56 -35.98 -31.46 -19.83
C SER E 56 -34.69 -32.07 -20.40
N GLY E 57 -33.72 -31.23 -20.66
CA GLY E 57 -32.46 -31.65 -21.27
C GLY E 57 -32.38 -31.28 -22.75
N SER E 58 -33.21 -30.32 -23.20
CA SER E 58 -33.23 -29.88 -24.59
C SER E 58 -31.94 -29.18 -24.90
N ILE E 59 -31.05 -29.86 -25.63
CA ILE E 59 -29.76 -29.28 -25.97
C ILE E 59 -29.86 -28.60 -27.33
N ASP E 60 -29.77 -27.28 -27.34
CA ASP E 60 -29.75 -26.51 -28.58
C ASP E 60 -28.28 -26.13 -28.80
N TYR E 61 -27.75 -26.36 -30.02
CA TYR E 61 -26.34 -26.10 -30.34
C TYR E 61 -26.17 -24.96 -31.35
N ALA E 62 -24.95 -24.40 -31.46
CA ALA E 62 -24.68 -23.38 -32.47
C ALA E 62 -24.47 -24.04 -33.87
N SER E 63 -24.51 -23.23 -34.96
CA SER E 63 -24.32 -23.76 -36.33
C SER E 63 -22.93 -24.39 -36.59
N TRP E 64 -21.88 -23.81 -36.00
CA TRP E 64 -20.51 -24.26 -36.22
C TRP E 64 -20.09 -25.50 -35.44
N VAL E 65 -20.90 -25.96 -34.47
CA VAL E 65 -20.52 -27.10 -33.64
C VAL E 65 -20.22 -28.36 -34.46
N ASN E 66 -21.14 -28.76 -35.35
CA ASN E 66 -21.05 -29.95 -36.20
C ASN E 66 -21.01 -31.30 -35.42
N GLY E 67 -20.90 -31.23 -34.09
CA GLY E 67 -20.85 -32.41 -33.23
C GLY E 67 -19.57 -32.54 -32.42
N ARG E 68 -18.57 -31.68 -32.68
CA ARG E 68 -17.27 -31.71 -32.00
C ARG E 68 -17.39 -31.53 -30.48
N PHE E 69 -18.24 -30.61 -30.02
CA PHE E 69 -18.48 -30.35 -28.60
C PHE E 69 -19.72 -31.12 -28.11
N THR E 70 -19.80 -31.39 -26.80
CA THR E 70 -20.93 -32.12 -26.23
C THR E 70 -21.40 -31.55 -24.90
N ILE E 71 -22.40 -30.65 -24.93
CA ILE E 71 -22.96 -30.05 -23.71
C ILE E 71 -23.79 -31.11 -22.99
N SER E 72 -23.43 -31.44 -21.75
CA SER E 72 -24.13 -32.46 -20.96
C SER E 72 -24.10 -32.09 -19.49
N ARG E 73 -25.21 -32.26 -18.78
CA ARG E 73 -25.24 -31.90 -17.36
C ARG E 73 -25.82 -32.98 -16.45
N ASP E 74 -25.06 -33.33 -15.40
CA ASP E 74 -25.48 -34.30 -14.39
C ASP E 74 -26.32 -33.53 -13.35
N ASN E 75 -27.64 -33.77 -13.32
CA ASN E 75 -28.59 -33.09 -12.43
C ASN E 75 -28.32 -33.30 -10.93
N SER E 76 -27.93 -34.52 -10.49
CA SER E 76 -27.64 -34.79 -9.08
C SER E 76 -26.38 -34.05 -8.59
N LYS E 77 -25.39 -33.88 -9.47
CA LYS E 77 -24.17 -33.16 -9.13
C LYS E 77 -24.37 -31.63 -9.13
N ASN E 78 -25.36 -31.13 -9.93
CA ASN E 78 -25.68 -29.71 -10.12
C ASN E 78 -24.54 -28.98 -10.83
N THR E 79 -23.90 -29.67 -11.79
CA THR E 79 -22.77 -29.15 -12.53
C THR E 79 -22.96 -29.40 -14.03
N LEU E 80 -22.64 -28.38 -14.85
CA LEU E 80 -22.77 -28.39 -16.30
C LEU E 80 -21.43 -28.67 -16.99
N TYR E 81 -21.37 -29.71 -17.80
CA TYR E 81 -20.16 -30.08 -18.51
C TYR E 81 -20.20 -29.68 -19.99
N LEU E 82 -19.03 -29.63 -20.62
CA LEU E 82 -18.85 -29.35 -22.03
C LEU E 82 -17.63 -30.15 -22.49
N GLN E 83 -17.83 -31.40 -22.93
CA GLN E 83 -16.71 -32.22 -23.41
C GLN E 83 -16.38 -31.75 -24.82
N MET E 84 -15.19 -31.18 -25.01
CA MET E 84 -14.76 -30.66 -26.31
C MET E 84 -13.77 -31.62 -26.96
N ASN E 85 -14.27 -32.67 -27.64
CA ASN E 85 -13.47 -33.67 -28.34
C ASN E 85 -12.86 -33.06 -29.61
N SER E 86 -11.54 -33.32 -29.83
CA SER E 86 -10.73 -32.81 -30.97
C SER E 86 -10.58 -31.27 -30.92
N LEU E 87 -9.92 -30.75 -29.88
CA LEU E 87 -9.74 -29.31 -29.72
C LEU E 87 -8.71 -28.74 -30.71
N ARG E 88 -9.16 -27.84 -31.61
CA ARG E 88 -8.29 -27.17 -32.59
C ARG E 88 -7.74 -25.85 -32.00
N ALA E 89 -6.76 -25.21 -32.66
CA ALA E 89 -6.20 -23.95 -32.15
C ALA E 89 -7.24 -22.84 -32.20
N GLU E 90 -8.14 -22.87 -33.20
CA GLU E 90 -9.27 -21.94 -33.37
C GLU E 90 -10.26 -21.96 -32.17
N ASP E 91 -10.16 -22.99 -31.30
CA ASP E 91 -10.97 -23.15 -30.11
C ASP E 91 -10.31 -22.52 -28.88
N THR E 92 -9.39 -21.54 -29.05
CA THR E 92 -8.75 -20.86 -27.94
C THR E 92 -9.53 -19.59 -27.69
N ALA E 93 -10.11 -19.48 -26.47
CA ALA E 93 -10.99 -18.39 -26.02
C ALA E 93 -11.29 -18.54 -24.50
N VAL E 94 -11.90 -17.50 -23.87
CA VAL E 94 -12.35 -17.57 -22.49
C VAL E 94 -13.73 -18.27 -22.52
N TYR E 95 -13.95 -19.29 -21.67
CA TYR E 95 -15.23 -20.02 -21.68
C TYR E 95 -16.16 -19.59 -20.52
N TYR E 96 -17.19 -18.81 -20.88
CA TYR E 96 -18.18 -18.32 -19.94
C TYR E 96 -19.34 -19.29 -19.86
N CYS E 97 -20.00 -19.29 -18.71
CA CYS E 97 -21.13 -20.10 -18.32
C CYS E 97 -22.14 -19.09 -17.80
N ALA E 98 -23.35 -19.05 -18.38
CA ALA E 98 -24.36 -18.10 -17.96
C ALA E 98 -25.75 -18.73 -17.97
N ARG E 99 -26.49 -18.54 -16.88
CA ARG E 99 -27.85 -19.06 -16.82
C ARG E 99 -28.84 -17.96 -17.18
N ASP E 100 -29.92 -18.35 -17.88
CA ASP E 100 -31.02 -17.49 -18.33
C ASP E 100 -30.54 -16.14 -18.86
N ILE E 101 -29.90 -16.15 -20.03
CA ILE E 101 -29.38 -14.91 -20.62
C ILE E 101 -30.56 -14.03 -21.06
N GLY E 102 -30.48 -12.73 -20.82
CA GLY E 102 -31.53 -11.79 -21.19
C GLY E 102 -32.61 -11.57 -20.14
N ILE E 103 -32.47 -12.24 -18.98
CA ILE E 103 -33.39 -12.11 -17.86
C ILE E 103 -32.63 -11.47 -16.68
N ASP E 104 -33.29 -10.58 -15.94
CA ASP E 104 -32.65 -9.88 -14.83
C ASP E 104 -32.34 -10.78 -13.64
N TYR E 105 -31.35 -10.36 -12.82
CA TYR E 105 -30.83 -11.05 -11.64
C TYR E 105 -30.13 -12.36 -12.03
N ASN E 106 -29.51 -12.40 -13.22
CA ASN E 106 -28.81 -13.59 -13.67
C ASN E 106 -27.40 -13.26 -14.13
N PHE E 107 -26.41 -13.73 -13.36
CA PHE E 107 -25.01 -13.43 -13.62
C PHE E 107 -24.30 -14.50 -14.47
N TRP E 108 -23.06 -14.18 -14.86
CA TRP E 108 -22.17 -15.03 -15.65
C TRP E 108 -21.03 -15.53 -14.75
N GLY E 109 -20.28 -16.52 -15.21
CA GLY E 109 -19.12 -17.01 -14.48
C GLY E 109 -17.93 -16.09 -14.62
N PRO E 110 -16.84 -16.35 -13.89
CA PRO E 110 -15.66 -15.47 -13.99
C PRO E 110 -14.92 -15.59 -15.33
N GLY E 111 -14.61 -16.82 -15.74
CA GLY E 111 -13.91 -17.10 -16.99
C GLY E 111 -12.68 -18.00 -16.89
N THR E 112 -12.85 -19.32 -17.13
CA THR E 112 -11.73 -20.26 -17.14
C THR E 112 -11.10 -20.26 -18.54
N LEU E 113 -9.77 -20.11 -18.61
CA LEU E 113 -9.07 -20.00 -19.89
C LEU E 113 -8.64 -21.34 -20.48
N VAL E 114 -8.89 -21.53 -21.80
CA VAL E 114 -8.51 -22.71 -22.56
C VAL E 114 -7.63 -22.27 -23.74
N THR E 115 -6.34 -22.70 -23.74
CA THR E 115 -5.35 -22.41 -24.79
C THR E 115 -4.90 -23.72 -25.49
N VAL E 116 -5.22 -23.83 -26.80
CA VAL E 116 -4.87 -24.99 -27.60
C VAL E 116 -3.71 -24.70 -28.53
N SER E 117 -2.53 -25.24 -28.19
CA SER E 117 -1.32 -25.06 -28.97
C SER E 117 -0.34 -26.16 -28.66
N SER E 118 0.38 -26.63 -29.68
CA SER E 118 1.39 -27.66 -29.47
C SER E 118 2.63 -27.06 -28.79
N ALA E 119 2.99 -25.81 -29.19
CA ALA E 119 4.12 -25.01 -28.71
C ALA E 119 4.59 -25.33 -27.29
N SER E 120 5.85 -25.78 -27.15
CA SER E 120 6.44 -26.15 -25.86
C SER E 120 6.69 -24.95 -24.93
N THR E 121 6.73 -25.20 -23.60
CA THR E 121 6.95 -24.17 -22.59
C THR E 121 8.36 -23.57 -22.69
N LYS E 122 8.48 -22.38 -23.31
CA LYS E 122 9.76 -21.71 -23.49
C LYS E 122 9.77 -20.27 -22.95
N GLY E 123 10.95 -19.78 -22.63
CA GLY E 123 11.12 -18.43 -22.10
C GLY E 123 11.34 -17.39 -23.18
N PRO E 124 11.30 -16.10 -22.79
CA PRO E 124 11.47 -15.04 -23.78
C PRO E 124 12.92 -14.60 -23.96
N SER E 125 13.28 -14.25 -25.19
CA SER E 125 14.64 -13.82 -25.53
C SER E 125 14.74 -12.29 -25.70
N VAL E 126 15.96 -11.72 -25.71
CA VAL E 126 16.15 -10.27 -25.89
C VAL E 126 17.09 -9.98 -27.08
N PHE E 127 16.63 -9.12 -28.02
CA PHE E 127 17.37 -8.71 -29.23
C PHE E 127 17.39 -7.16 -29.33
N PRO E 128 18.57 -6.52 -29.49
CA PRO E 128 18.60 -5.04 -29.57
C PRO E 128 18.53 -4.50 -31.00
N ASP F 1 -31.00 -20.05 -37.96
CA ASP F 1 -30.57 -19.30 -36.79
C ASP F 1 -30.62 -17.79 -37.05
N ILE F 2 -31.05 -16.99 -36.04
CA ILE F 2 -31.16 -15.52 -36.14
C ILE F 2 -29.84 -14.83 -35.83
N GLN F 3 -29.41 -13.93 -36.73
CA GLN F 3 -28.20 -13.13 -36.58
C GLN F 3 -28.53 -11.62 -36.43
N MET F 4 -27.57 -10.82 -35.94
CA MET F 4 -27.78 -9.38 -35.80
C MET F 4 -26.51 -8.55 -36.02
N THR F 5 -26.71 -7.32 -36.53
CA THR F 5 -25.64 -6.38 -36.87
C THR F 5 -25.80 -5.06 -36.10
N GLN F 6 -24.72 -4.60 -35.46
CA GLN F 6 -24.74 -3.35 -34.71
C GLN F 6 -24.28 -2.21 -35.61
N SER F 7 -25.01 -1.08 -35.58
CA SER F 7 -24.78 0.08 -36.44
C SER F 7 -23.38 0.70 -36.23
N PRO F 8 -22.98 1.19 -35.04
CA PRO F 8 -21.62 1.72 -34.88
C PRO F 8 -20.63 0.58 -34.62
N SER F 9 -19.60 0.43 -35.46
CA SER F 9 -18.60 -0.63 -35.25
C SER F 9 -17.53 -0.18 -34.24
N SER F 10 -17.19 1.11 -34.24
CA SER F 10 -16.23 1.73 -33.33
C SER F 10 -16.71 3.16 -33.00
N LEU F 11 -17.60 3.30 -32.00
CA LEU F 11 -18.16 4.61 -31.62
C LEU F 11 -17.25 5.42 -30.67
N SER F 12 -16.78 6.60 -31.11
CA SER F 12 -15.92 7.46 -30.30
C SER F 12 -16.73 8.69 -29.82
N ALA F 13 -16.57 9.07 -28.54
CA ALA F 13 -17.35 10.19 -27.97
C ALA F 13 -16.65 10.92 -26.78
N SER F 14 -17.10 12.17 -26.50
CA SER F 14 -16.62 13.03 -25.41
C SER F 14 -17.58 12.89 -24.22
N VAL F 15 -17.07 12.81 -22.97
CA VAL F 15 -17.92 12.68 -21.77
C VAL F 15 -18.98 13.80 -21.69
N GLY F 16 -20.22 13.47 -22.02
CA GLY F 16 -21.34 14.41 -22.07
C GLY F 16 -22.14 14.34 -23.36
N ASP F 17 -21.56 13.72 -24.43
CA ASP F 17 -22.19 13.54 -25.74
C ASP F 17 -23.35 12.52 -25.68
N ARG F 18 -24.25 12.57 -26.66
CA ARG F 18 -25.38 11.64 -26.75
C ARG F 18 -24.96 10.43 -27.58
N VAL F 19 -25.10 9.23 -27.00
CA VAL F 19 -24.70 7.96 -27.63
C VAL F 19 -25.88 7.25 -28.36
N THR F 20 -25.65 6.78 -29.61
CA THR F 20 -26.70 6.11 -30.39
C THR F 20 -26.16 4.85 -31.10
N ILE F 21 -26.53 3.64 -30.60
CA ILE F 21 -26.13 2.33 -31.17
C ILE F 21 -27.36 1.57 -31.73
N THR F 22 -27.33 1.15 -33.01
CA THR F 22 -28.50 0.50 -33.62
C THR F 22 -28.32 -0.99 -33.97
N CYS F 23 -28.98 -1.90 -33.22
CA CYS F 23 -28.92 -3.35 -33.48
C CYS F 23 -30.03 -3.70 -34.52
N GLN F 24 -29.69 -4.46 -35.58
CA GLN F 24 -30.64 -4.82 -36.65
C GLN F 24 -30.75 -6.33 -36.83
N ALA F 25 -31.97 -6.87 -36.65
CA ALA F 25 -32.21 -8.32 -36.69
C ALA F 25 -32.61 -8.92 -38.05
N THR F 26 -32.18 -10.18 -38.23
CA THR F 26 -32.43 -11.02 -39.39
C THR F 26 -33.93 -11.31 -39.48
N GLN F 27 -34.53 -11.67 -38.35
CA GLN F 27 -35.96 -11.95 -38.25
C GLN F 27 -36.56 -11.02 -37.21
N SER F 28 -37.88 -10.78 -37.27
CA SER F 28 -38.55 -9.95 -36.28
C SER F 28 -38.54 -10.67 -34.94
N ILE F 29 -37.73 -10.18 -33.99
CA ILE F 29 -37.64 -10.78 -32.67
C ILE F 29 -38.53 -10.05 -31.65
N SER F 30 -39.64 -9.40 -32.11
CA SER F 30 -40.57 -8.68 -31.24
C SER F 30 -39.80 -7.60 -30.42
N SER F 31 -40.31 -7.21 -29.26
CA SER F 31 -39.64 -6.26 -28.38
C SER F 31 -38.87 -7.10 -27.35
N TYR F 32 -38.10 -8.10 -27.82
CA TYR F 32 -37.35 -9.03 -26.96
C TYR F 32 -35.82 -8.90 -27.08
N LEU F 33 -35.32 -7.83 -27.71
CA LEU F 33 -33.88 -7.61 -27.78
C LEU F 33 -33.38 -7.10 -26.41
N ASN F 34 -32.34 -7.74 -25.87
CA ASN F 34 -31.75 -7.38 -24.58
C ASN F 34 -30.39 -6.66 -24.82
N TRP F 35 -29.83 -5.99 -23.80
CA TRP F 35 -28.56 -5.26 -23.98
C TRP F 35 -27.56 -5.47 -22.85
N TYR F 36 -26.29 -5.78 -23.19
CA TYR F 36 -25.25 -6.06 -22.20
C TYR F 36 -24.07 -5.07 -22.24
N GLN F 37 -23.22 -5.09 -21.20
CA GLN F 37 -22.03 -4.24 -21.13
C GLN F 37 -20.84 -5.07 -20.60
N GLN F 38 -19.64 -4.89 -21.18
CA GLN F 38 -18.44 -5.61 -20.74
C GLN F 38 -17.23 -4.70 -20.55
N LYS F 39 -16.75 -4.60 -19.31
CA LYS F 39 -15.56 -3.81 -18.98
C LYS F 39 -14.28 -4.59 -19.38
N PRO F 40 -13.14 -3.90 -19.65
CA PRO F 40 -11.93 -4.64 -20.05
C PRO F 40 -11.50 -5.66 -18.99
N GLY F 41 -11.55 -6.94 -19.38
CA GLY F 41 -11.22 -8.05 -18.49
C GLY F 41 -12.27 -8.21 -17.41
N GLN F 42 -13.53 -8.45 -17.83
CA GLN F 42 -14.68 -8.57 -16.93
C GLN F 42 -15.84 -9.33 -17.64
N PRO F 43 -16.63 -10.18 -16.95
CA PRO F 43 -17.77 -10.83 -17.62
C PRO F 43 -18.90 -9.82 -17.94
N PRO F 44 -19.79 -10.06 -18.93
CA PRO F 44 -20.86 -9.08 -19.21
C PRO F 44 -21.95 -8.95 -18.14
N LYS F 45 -22.60 -7.77 -18.11
CA LYS F 45 -23.69 -7.45 -17.18
C LYS F 45 -24.88 -6.87 -17.97
N LEU F 46 -26.08 -7.35 -17.66
CA LEU F 46 -27.30 -6.92 -18.33
C LEU F 46 -27.63 -5.46 -17.98
N LEU F 47 -28.21 -4.72 -18.94
CA LEU F 47 -28.54 -3.30 -18.75
C LEU F 47 -30.05 -3.06 -18.95
N ILE F 48 -30.57 -3.48 -20.12
CA ILE F 48 -31.95 -3.28 -20.49
C ILE F 48 -32.55 -4.47 -21.25
N TYR F 49 -33.37 -5.31 -20.59
CA TYR F 49 -34.09 -6.42 -21.25
C TYR F 49 -35.36 -5.87 -21.95
N TYR F 50 -35.85 -6.53 -23.02
CA TYR F 50 -36.98 -6.04 -23.81
C TYR F 50 -36.59 -4.68 -24.50
N ALA F 51 -36.89 -3.55 -23.81
CA ALA F 51 -36.64 -2.14 -24.11
C ALA F 51 -36.83 -1.32 -22.81
N SER F 52 -36.53 -1.91 -21.63
CA SER F 52 -36.68 -1.26 -20.33
C SER F 52 -35.42 -1.48 -19.50
N THR F 53 -34.80 -0.40 -18.99
CA THR F 53 -33.55 -0.42 -18.20
C THR F 53 -33.80 -0.91 -16.78
N LEU F 54 -34.21 -2.17 -16.64
CA LEU F 54 -34.52 -2.72 -15.34
C LEU F 54 -33.45 -3.64 -14.79
N ALA F 55 -33.10 -3.39 -13.53
CA ALA F 55 -32.17 -4.08 -12.64
C ALA F 55 -32.21 -3.33 -11.33
N TYR F 56 -32.33 -4.05 -10.20
CA TYR F 56 -32.39 -3.44 -8.86
C TYR F 56 -31.32 -2.35 -8.61
N GLY F 57 -30.22 -2.44 -9.38
CA GLY F 57 -29.12 -1.49 -9.38
C GLY F 57 -28.57 -1.27 -10.77
N ILE F 58 -29.10 -0.29 -11.50
CA ILE F 58 -28.62 0.02 -12.86
C ILE F 58 -28.83 1.51 -13.13
N PRO F 59 -27.87 2.20 -13.77
CA PRO F 59 -28.05 3.64 -14.02
C PRO F 59 -29.24 3.94 -14.95
N ALA F 60 -29.94 5.05 -14.69
CA ALA F 60 -31.08 5.44 -15.49
C ALA F 60 -30.74 6.30 -16.73
N ARG F 61 -29.44 6.40 -17.07
CA ARG F 61 -29.03 7.17 -18.23
C ARG F 61 -29.18 6.42 -19.55
N PHE F 62 -29.21 5.09 -19.51
CA PHE F 62 -29.32 4.28 -20.73
C PHE F 62 -30.78 3.92 -21.01
N SER F 63 -31.38 4.59 -21.99
CA SER F 63 -32.77 4.35 -22.39
C SER F 63 -32.85 3.42 -23.60
N GLY F 64 -33.64 2.36 -23.47
CA GLY F 64 -33.82 1.41 -24.56
C GLY F 64 -35.06 1.68 -25.37
N SER F 65 -34.89 2.13 -26.63
CA SER F 65 -36.03 2.40 -27.50
C SER F 65 -35.99 1.50 -28.73
N GLY F 66 -37.15 1.01 -29.15
CA GLY F 66 -37.22 0.17 -30.35
C GLY F 66 -38.00 -1.12 -30.21
N SER F 67 -38.39 -1.71 -31.36
CA SER F 67 -39.11 -2.98 -31.45
C SER F 67 -39.10 -3.55 -32.89
N GLY F 68 -39.27 -4.87 -33.00
CA GLY F 68 -39.32 -5.59 -34.27
C GLY F 68 -37.99 -6.11 -34.79
N THR F 69 -37.38 -5.32 -35.69
CA THR F 69 -36.08 -5.63 -36.31
C THR F 69 -35.06 -4.50 -36.11
N ASP F 70 -35.53 -3.26 -35.89
CA ASP F 70 -34.62 -2.13 -35.73
C ASP F 70 -34.78 -1.49 -34.36
N PHE F 71 -33.75 -1.65 -33.50
CA PHE F 71 -33.72 -1.16 -32.12
C PHE F 71 -32.56 -0.16 -31.90
N THR F 72 -32.59 0.63 -30.80
CA THR F 72 -31.54 1.60 -30.52
C THR F 72 -31.20 1.73 -29.02
N LEU F 73 -29.95 1.42 -28.61
CA LEU F 73 -29.52 1.55 -27.21
C LEU F 73 -28.97 2.95 -26.96
N THR F 74 -29.83 3.90 -26.56
CA THR F 74 -29.47 5.30 -26.36
C THR F 74 -28.94 5.66 -24.97
N ILE F 75 -27.94 6.56 -24.89
CA ILE F 75 -27.38 7.06 -23.63
C ILE F 75 -27.47 8.60 -23.70
N SER F 76 -28.46 9.18 -22.99
CA SER F 76 -28.73 10.63 -22.95
C SER F 76 -27.47 11.53 -22.90
N SER F 77 -26.64 11.40 -21.84
CA SER F 77 -25.41 12.19 -21.69
C SER F 77 -24.32 11.32 -21.05
N LEU F 78 -23.26 11.00 -21.83
CA LEU F 78 -22.15 10.14 -21.42
C LEU F 78 -21.53 10.51 -20.06
N GLU F 79 -21.21 9.50 -19.27
CA GLU F 79 -20.64 9.63 -17.92
C GLU F 79 -19.20 9.03 -17.85
N PRO F 80 -18.47 9.10 -16.71
CA PRO F 80 -17.11 8.54 -16.67
C PRO F 80 -17.04 7.02 -16.84
N GLU F 81 -17.78 6.25 -16.00
CA GLU F 81 -17.78 4.80 -16.07
C GLU F 81 -18.75 4.30 -17.15
N ASP F 82 -18.48 4.66 -18.42
CA ASP F 82 -19.34 4.30 -19.55
C ASP F 82 -18.57 3.75 -20.76
N PHE F 83 -17.28 4.08 -20.91
CA PHE F 83 -16.50 3.60 -22.04
C PHE F 83 -16.31 2.10 -21.89
N ALA F 84 -17.02 1.31 -22.71
CA ALA F 84 -16.98 -0.16 -22.62
C ALA F 84 -17.46 -0.82 -23.95
N VAL F 85 -17.37 -2.18 -24.09
CA VAL F 85 -17.84 -2.87 -25.29
C VAL F 85 -19.32 -3.21 -25.08
N TYR F 86 -20.16 -2.96 -26.09
CA TYR F 86 -21.59 -3.23 -25.96
C TYR F 86 -22.06 -4.29 -26.95
N TYR F 87 -22.81 -5.30 -26.47
CA TYR F 87 -23.33 -6.36 -27.32
C TYR F 87 -24.84 -6.49 -27.15
N CYS F 88 -25.62 -6.48 -28.24
CA CYS F 88 -27.06 -6.72 -28.13
C CYS F 88 -27.26 -8.23 -28.02
N HIS F 89 -28.10 -8.67 -27.10
CA HIS F 89 -28.38 -10.08 -26.93
C HIS F 89 -29.83 -10.40 -27.34
N TYR F 90 -30.07 -11.66 -27.69
CA TYR F 90 -31.40 -12.18 -27.98
C TYR F 90 -31.40 -13.69 -27.85
N GLY F 91 -32.33 -14.22 -27.06
CA GLY F 91 -32.49 -15.66 -26.91
C GLY F 91 -31.97 -16.23 -25.61
N ILE F 92 -32.87 -16.79 -24.82
CA ILE F 92 -32.50 -17.41 -23.56
C ILE F 92 -31.97 -18.84 -23.81
N SER F 93 -32.48 -19.53 -24.86
CA SER F 93 -32.09 -20.90 -25.25
C SER F 93 -31.18 -20.91 -26.50
N VAL F 94 -31.58 -20.23 -27.59
CA VAL F 94 -30.77 -20.15 -28.79
C VAL F 94 -30.18 -18.75 -28.91
N VAL F 95 -29.16 -18.54 -28.08
CA VAL F 95 -28.38 -17.33 -27.82
C VAL F 95 -27.71 -16.69 -29.04
N SER F 96 -28.10 -15.45 -29.34
CA SER F 96 -27.52 -14.66 -30.42
C SER F 96 -26.92 -13.36 -29.85
N PHE F 97 -25.80 -12.91 -30.43
CA PHE F 97 -25.11 -11.68 -30.03
C PHE F 97 -24.81 -10.76 -31.23
N GLY F 98 -24.40 -9.54 -30.96
CA GLY F 98 -24.08 -8.58 -32.01
C GLY F 98 -22.60 -8.37 -32.20
N GLN F 99 -22.24 -7.77 -33.35
CA GLN F 99 -20.86 -7.44 -33.68
C GLN F 99 -20.53 -6.21 -32.83
N GLY F 100 -20.02 -6.45 -31.62
CA GLY F 100 -19.68 -5.45 -30.60
C GLY F 100 -19.34 -4.02 -31.00
N THR F 101 -19.80 -3.06 -30.18
CA THR F 101 -19.52 -1.63 -30.37
C THR F 101 -18.62 -1.16 -29.23
N LYS F 102 -17.37 -0.79 -29.55
CA LYS F 102 -16.43 -0.34 -28.53
C LYS F 102 -16.45 1.19 -28.40
N VAL F 103 -16.36 1.72 -27.15
CA VAL F 103 -16.36 3.17 -26.94
C VAL F 103 -14.99 3.67 -26.49
N GLU F 104 -14.46 4.69 -27.21
CA GLU F 104 -13.16 5.31 -26.89
C GLU F 104 -13.32 6.84 -26.59
N ILE F 105 -12.31 7.43 -25.94
CA ILE F 105 -12.33 8.86 -25.63
C ILE F 105 -11.62 9.68 -26.71
N VAL G 4 -67.39 -7.24 -20.13
CA VAL G 4 -68.33 -6.79 -21.17
C VAL G 4 -67.61 -6.36 -22.48
N ALA G 5 -67.64 -7.23 -23.51
CA ALA G 5 -66.95 -6.94 -24.77
C ALA G 5 -67.47 -7.82 -25.94
N ASP G 6 -67.19 -7.40 -27.18
CA ASP G 6 -67.54 -8.16 -28.37
C ASP G 6 -66.59 -9.37 -28.38
N HIS G 7 -65.26 -9.09 -28.32
CA HIS G 7 -64.23 -10.10 -28.37
C HIS G 7 -63.23 -10.01 -27.24
N VAL G 8 -62.83 -11.16 -26.72
CA VAL G 8 -61.87 -11.25 -25.63
C VAL G 8 -60.77 -12.25 -25.93
N ALA G 9 -59.55 -11.74 -26.03
CA ALA G 9 -58.40 -12.58 -26.30
C ALA G 9 -57.40 -12.47 -25.18
N SER G 10 -56.71 -13.55 -24.89
CA SER G 10 -55.67 -13.57 -23.87
C SER G 10 -54.36 -13.73 -24.66
N TYR G 11 -53.71 -12.63 -25.02
CA TYR G 11 -52.46 -12.65 -25.77
C TYR G 11 -51.31 -12.75 -24.80
N GLY G 12 -51.33 -13.85 -24.07
CA GLY G 12 -50.36 -14.21 -23.05
C GLY G 12 -51.08 -14.93 -21.92
N VAL G 13 -51.11 -16.27 -21.96
CA VAL G 13 -51.69 -17.06 -20.87
C VAL G 13 -50.54 -17.85 -20.27
N ASN G 14 -49.62 -17.10 -19.63
CA ASN G 14 -48.41 -17.57 -18.99
C ASN G 14 -48.71 -18.45 -17.77
N LEU G 15 -47.78 -19.35 -17.39
CA LEU G 15 -48.02 -20.28 -16.29
C LEU G 15 -46.71 -20.90 -15.88
N TYR G 16 -46.42 -20.93 -14.58
CA TYR G 16 -45.25 -21.62 -14.06
C TYR G 16 -45.59 -22.10 -12.67
N GLN G 17 -45.79 -23.40 -12.50
CA GLN G 17 -46.03 -23.98 -11.20
C GLN G 17 -44.77 -24.67 -10.65
N SER G 18 -44.65 -24.75 -9.33
CA SER G 18 -43.47 -25.32 -8.68
C SER G 18 -43.34 -26.84 -8.84
N TYR G 19 -44.46 -27.55 -8.94
CA TYR G 19 -44.43 -29.00 -9.09
C TYR G 19 -43.88 -29.37 -10.45
N GLY G 20 -42.72 -30.01 -10.43
CA GLY G 20 -41.99 -30.41 -11.63
C GLY G 20 -40.56 -29.93 -11.59
N PRO G 21 -40.28 -28.61 -11.81
CA PRO G 21 -41.22 -27.53 -12.13
C PRO G 21 -41.93 -27.73 -13.47
N SER G 22 -43.09 -27.09 -13.62
CA SER G 22 -43.85 -27.17 -14.86
C SER G 22 -44.14 -25.75 -15.38
N GLY G 23 -44.59 -25.64 -16.61
CA GLY G 23 -44.87 -24.34 -17.22
C GLY G 23 -45.70 -24.45 -18.48
N GLN G 24 -46.32 -23.33 -18.92
CA GLN G 24 -47.17 -23.38 -20.11
C GLN G 24 -47.51 -22.03 -20.75
N TYR G 25 -47.23 -21.86 -22.05
CA TYR G 25 -47.56 -20.62 -22.75
C TYR G 25 -48.55 -20.84 -23.91
N THR G 26 -49.76 -20.27 -23.80
CA THR G 26 -50.77 -20.40 -24.85
C THR G 26 -51.37 -19.04 -25.23
N HIS G 27 -52.04 -18.96 -26.37
CA HIS G 27 -52.73 -17.75 -26.78
C HIS G 27 -54.18 -18.11 -27.02
N GLU G 28 -55.09 -17.36 -26.39
CA GLU G 28 -56.52 -17.65 -26.50
C GLU G 28 -57.28 -16.54 -27.19
N PHE G 29 -58.35 -16.91 -27.93
CA PHE G 29 -59.23 -15.95 -28.58
C PHE G 29 -60.64 -16.44 -28.42
N ASP G 30 -61.49 -15.60 -27.78
CA ASP G 30 -62.89 -15.88 -27.48
C ASP G 30 -63.06 -17.20 -26.75
N GLY G 31 -62.17 -17.43 -25.78
CA GLY G 31 -62.18 -18.63 -24.96
C GLY G 31 -61.73 -19.91 -25.65
N ASP G 32 -61.10 -19.81 -26.83
CA ASP G 32 -60.61 -20.99 -27.53
C ASP G 32 -59.07 -20.96 -27.64
N GLU G 33 -58.43 -22.14 -27.74
CA GLU G 33 -56.96 -22.22 -27.85
C GLU G 33 -56.44 -22.01 -29.28
N GLN G 34 -55.64 -20.95 -29.48
CA GLN G 34 -55.06 -20.64 -30.79
C GLN G 34 -53.77 -21.43 -31.05
N PHE G 35 -52.95 -21.63 -30.00
CA PHE G 35 -51.67 -22.32 -30.05
C PHE G 35 -51.03 -22.46 -28.67
N TYR G 36 -50.07 -23.38 -28.53
CA TYR G 36 -49.24 -23.48 -27.32
C TYR G 36 -47.79 -23.53 -27.76
N VAL G 37 -46.87 -23.14 -26.89
CA VAL G 37 -45.45 -23.22 -27.19
C VAL G 37 -44.91 -24.44 -26.47
N ASP G 38 -44.24 -25.35 -27.19
CA ASP G 38 -43.61 -26.49 -26.54
C ASP G 38 -42.33 -25.91 -25.93
N LEU G 39 -42.22 -25.94 -24.61
CA LEU G 39 -41.08 -25.32 -23.92
C LEU G 39 -39.78 -26.15 -24.03
N GLY G 40 -39.93 -27.47 -24.18
CA GLY G 40 -38.81 -28.38 -24.35
C GLY G 40 -38.42 -28.49 -25.81
N ARG G 41 -39.37 -28.88 -26.68
CA ARG G 41 -39.12 -28.98 -28.12
C ARG G 41 -38.95 -27.62 -28.83
N LYS G 42 -39.18 -26.49 -28.10
CA LYS G 42 -39.10 -25.10 -28.57
C LYS G 42 -39.87 -24.89 -29.87
N GLU G 43 -41.10 -25.43 -29.93
CA GLU G 43 -41.94 -25.35 -31.13
C GLU G 43 -43.32 -24.77 -30.87
N THR G 44 -43.70 -23.69 -31.58
CA THR G 44 -45.05 -23.12 -31.50
C THR G 44 -46.00 -24.09 -32.21
N VAL G 45 -46.96 -24.66 -31.48
CA VAL G 45 -47.90 -25.62 -32.07
C VAL G 45 -49.28 -25.00 -32.31
N TRP G 46 -49.56 -24.57 -33.56
CA TRP G 46 -50.83 -23.93 -33.89
C TRP G 46 -51.98 -24.92 -33.78
N SER G 47 -53.08 -24.48 -33.15
CA SER G 47 -54.27 -25.28 -32.88
C SER G 47 -55.34 -25.20 -33.96
N LEU G 48 -55.23 -24.26 -34.90
CA LEU G 48 -56.11 -24.22 -36.07
C LEU G 48 -55.29 -23.82 -37.33
N PRO G 49 -55.54 -24.50 -38.47
CA PRO G 49 -54.74 -24.24 -39.68
C PRO G 49 -54.74 -22.80 -40.14
N VAL G 50 -55.83 -22.07 -39.86
CA VAL G 50 -55.98 -20.68 -40.28
C VAL G 50 -54.83 -19.78 -39.77
N LEU G 51 -54.43 -19.94 -38.49
CA LEU G 51 -53.35 -19.14 -37.88
C LEU G 51 -51.94 -19.68 -38.16
N ARG G 52 -51.80 -20.91 -38.75
CA ARG G 52 -50.51 -21.54 -39.10
C ARG G 52 -49.65 -20.68 -40.02
N GLN G 53 -50.30 -19.81 -40.81
CA GLN G 53 -49.66 -18.86 -41.71
C GLN G 53 -48.78 -17.82 -40.95
N PHE G 54 -49.08 -17.57 -39.67
CA PHE G 54 -48.35 -16.60 -38.85
C PHE G 54 -47.08 -17.19 -38.21
N ARG G 55 -46.42 -16.43 -37.32
CA ARG G 55 -45.20 -16.92 -36.68
C ARG G 55 -45.10 -16.45 -35.23
N PHE G 56 -44.83 -17.38 -34.31
CA PHE G 56 -44.61 -17.04 -32.92
C PHE G 56 -43.36 -17.73 -32.42
N ASP G 57 -42.29 -16.96 -32.23
CA ASP G 57 -40.99 -17.46 -31.79
C ASP G 57 -41.03 -18.03 -30.39
N PRO G 58 -40.71 -19.31 -30.23
CA PRO G 58 -40.76 -19.93 -28.89
C PRO G 58 -39.84 -19.30 -27.84
N GLN G 59 -38.88 -18.47 -28.25
CA GLN G 59 -38.00 -17.78 -27.30
C GLN G 59 -38.77 -16.74 -26.48
N PHE G 60 -39.86 -16.20 -27.03
CA PHE G 60 -40.67 -15.21 -26.32
C PHE G 60 -41.30 -15.87 -25.08
N ALA G 61 -41.86 -17.08 -25.28
CA ALA G 61 -42.50 -17.87 -24.24
C ALA G 61 -41.47 -18.35 -23.23
N LEU G 62 -40.30 -18.77 -23.70
CA LEU G 62 -39.24 -19.25 -22.83
C LEU G 62 -38.73 -18.11 -21.91
N THR G 63 -38.70 -16.87 -22.41
CA THR G 63 -38.26 -15.74 -21.61
C THR G 63 -39.28 -15.41 -20.56
N ASN G 64 -40.58 -15.39 -20.94
CA ASN G 64 -41.64 -15.09 -20.00
C ASN G 64 -41.68 -16.07 -18.83
N ILE G 65 -41.61 -17.39 -19.13
CA ILE G 65 -41.60 -18.43 -18.11
C ILE G 65 -40.46 -18.22 -17.11
N ALA G 66 -39.31 -17.72 -17.57
CA ALA G 66 -38.18 -17.40 -16.69
C ALA G 66 -38.50 -16.23 -15.73
N VAL G 67 -39.29 -15.25 -16.18
CA VAL G 67 -39.73 -14.14 -15.36
C VAL G 67 -40.65 -14.69 -14.25
N LEU G 68 -41.60 -15.59 -14.63
CA LEU G 68 -42.53 -16.22 -13.69
C LEU G 68 -41.81 -17.14 -12.68
N LYS G 69 -40.64 -17.69 -13.04
CA LYS G 69 -39.86 -18.51 -12.12
C LYS G 69 -39.38 -17.62 -10.99
N HIS G 70 -38.75 -16.47 -11.32
CA HIS G 70 -38.27 -15.49 -10.34
C HIS G 70 -39.43 -14.98 -9.52
N ASN G 71 -40.52 -14.57 -10.17
CA ASN G 71 -41.69 -14.00 -9.52
C ASN G 71 -42.31 -14.89 -8.45
N LEU G 72 -42.48 -16.18 -8.75
CA LEU G 72 -43.02 -17.16 -7.83
C LEU G 72 -42.13 -17.32 -6.59
N ASN G 73 -40.80 -17.15 -6.72
CA ASN G 73 -39.90 -17.22 -5.57
C ASN G 73 -40.15 -16.10 -4.56
N SER G 74 -40.22 -14.86 -5.04
CA SER G 74 -40.47 -13.69 -4.20
C SER G 74 -41.80 -13.79 -3.48
N LEU G 75 -42.81 -14.40 -4.14
CA LEU G 75 -44.12 -14.52 -3.54
C LEU G 75 -44.19 -15.65 -2.54
N ILE G 76 -43.45 -16.75 -2.77
CA ILE G 76 -43.41 -17.84 -1.78
C ILE G 76 -42.72 -17.32 -0.51
N LYS G 77 -41.64 -16.52 -0.67
CA LYS G 77 -40.92 -15.92 0.44
C LYS G 77 -41.79 -14.89 1.15
N ARG G 78 -42.43 -13.98 0.40
CA ARG G 78 -43.26 -12.93 0.99
C ARG G 78 -44.65 -13.37 1.44
N SER G 79 -45.03 -14.63 1.22
CA SER G 79 -46.37 -15.09 1.64
C SER G 79 -46.33 -16.22 2.66
N ASN G 80 -45.20 -16.40 3.37
CA ASN G 80 -44.97 -17.48 4.34
C ASN G 80 -45.27 -18.84 3.72
N SER G 81 -44.78 -19.02 2.48
CA SER G 81 -44.94 -20.23 1.68
C SER G 81 -46.38 -20.73 1.64
N THR G 82 -47.26 -20.01 0.92
CA THR G 82 -48.66 -20.43 0.82
C THR G 82 -48.89 -21.31 -0.40
N ALA G 83 -49.07 -22.61 -0.16
CA ALA G 83 -49.33 -23.57 -1.22
C ALA G 83 -50.75 -23.41 -1.75
N ALA G 84 -50.96 -23.80 -3.00
CA ALA G 84 -52.27 -23.68 -3.63
C ALA G 84 -53.32 -24.64 -3.05
N THR G 85 -54.59 -24.23 -3.09
CA THR G 85 -55.68 -25.05 -2.59
C THR G 85 -56.14 -26.01 -3.69
N ASN G 86 -56.11 -27.33 -3.40
CA ASN G 86 -56.52 -28.35 -4.37
C ASN G 86 -58.04 -28.34 -4.62
N GLU G 87 -58.49 -27.77 -5.76
CA GLU G 87 -59.92 -27.75 -6.09
C GLU G 87 -60.43 -29.09 -6.61
N VAL G 88 -61.75 -29.29 -6.58
CA VAL G 88 -62.35 -30.52 -7.11
C VAL G 88 -62.89 -30.27 -8.52
N PRO G 89 -62.29 -30.95 -9.53
CA PRO G 89 -62.72 -30.76 -10.91
C PRO G 89 -64.11 -31.30 -11.27
N GLU G 90 -64.76 -30.66 -12.24
CA GLU G 90 -66.09 -31.02 -12.70
C GLU G 90 -66.05 -31.66 -14.10
N VAL G 91 -65.88 -32.99 -14.11
CA VAL G 91 -65.79 -33.85 -15.29
C VAL G 91 -67.15 -34.17 -15.94
N THR G 92 -67.26 -33.94 -17.26
CA THR G 92 -68.49 -34.15 -18.04
C THR G 92 -68.12 -34.86 -19.35
N VAL G 93 -68.75 -36.01 -19.67
CA VAL G 93 -68.45 -36.73 -20.93
C VAL G 93 -69.61 -36.66 -21.93
N PHE G 94 -69.36 -36.11 -23.11
CA PHE G 94 -70.39 -35.95 -24.14
C PHE G 94 -69.79 -36.12 -25.55
N SER G 95 -70.62 -36.53 -26.52
CA SER G 95 -70.15 -36.70 -27.90
C SER G 95 -70.17 -35.40 -28.71
N LYS G 96 -69.30 -35.29 -29.73
CA LYS G 96 -69.19 -34.11 -30.60
C LYS G 96 -70.39 -33.91 -31.53
N SER G 97 -71.04 -35.02 -31.87
CA SER G 97 -72.18 -35.07 -32.79
C SER G 97 -73.24 -36.04 -32.22
N PRO G 98 -74.51 -36.02 -32.73
CA PRO G 98 -75.49 -37.03 -32.25
C PRO G 98 -74.98 -38.45 -32.49
N VAL G 99 -75.29 -39.37 -31.57
CA VAL G 99 -74.74 -40.71 -31.68
C VAL G 99 -75.73 -41.76 -32.20
N THR G 100 -75.24 -42.51 -33.18
CA THR G 100 -75.83 -43.68 -33.83
C THR G 100 -74.76 -44.78 -33.68
N LEU G 101 -75.19 -46.05 -33.48
CA LEU G 101 -74.25 -47.16 -33.40
C LEU G 101 -73.54 -47.31 -34.76
N GLY G 102 -72.22 -47.27 -34.76
CA GLY G 102 -71.46 -47.36 -35.99
C GLY G 102 -71.60 -46.12 -36.85
N GLN G 103 -70.61 -45.23 -36.74
CA GLN G 103 -70.43 -43.94 -37.43
C GLN G 103 -69.37 -43.17 -36.62
N PRO G 104 -68.17 -42.97 -37.18
CA PRO G 104 -67.10 -42.31 -36.44
C PRO G 104 -67.44 -40.96 -35.78
N ASN G 105 -67.64 -41.00 -34.45
CA ASN G 105 -67.94 -39.83 -33.63
C ASN G 105 -66.69 -39.48 -32.74
N ILE G 106 -66.71 -38.32 -32.05
CA ILE G 106 -65.59 -37.96 -31.18
C ILE G 106 -66.13 -37.77 -29.79
N LEU G 107 -65.68 -38.59 -28.82
CA LEU G 107 -66.12 -38.39 -27.43
C LEU G 107 -65.29 -37.25 -26.84
N ILE G 108 -65.96 -36.35 -26.09
CA ILE G 108 -65.31 -35.19 -25.50
C ILE G 108 -65.41 -35.30 -23.98
N CYS G 109 -64.27 -35.26 -23.27
CA CYS G 109 -64.23 -35.33 -21.82
C CYS G 109 -63.77 -34.00 -21.24
N LEU G 110 -64.72 -33.16 -20.81
CA LEU G 110 -64.42 -31.87 -20.23
C LEU G 110 -64.07 -32.03 -18.78
N VAL G 111 -62.93 -31.51 -18.35
CA VAL G 111 -62.52 -31.54 -16.96
C VAL G 111 -62.38 -30.07 -16.52
N ASP G 112 -63.50 -29.49 -16.08
CA ASP G 112 -63.65 -28.10 -15.62
C ASP G 112 -63.10 -27.95 -14.19
N ASN G 113 -62.86 -26.73 -13.73
CA ASN G 113 -62.42 -26.47 -12.34
C ASN G 113 -61.16 -27.25 -11.89
N ILE G 114 -60.08 -27.11 -12.63
CA ILE G 114 -58.81 -27.76 -12.31
C ILE G 114 -57.89 -26.82 -11.55
N PHE G 115 -57.45 -27.21 -10.34
CA PHE G 115 -56.47 -26.41 -9.62
C PHE G 115 -55.73 -27.19 -8.56
N PRO G 116 -54.38 -27.15 -8.54
CA PRO G 116 -53.48 -26.54 -9.54
C PRO G 116 -53.51 -27.28 -10.88
N PRO G 117 -53.07 -26.67 -12.00
CA PRO G 117 -53.17 -27.37 -13.29
C PRO G 117 -52.18 -28.54 -13.45
N VAL G 118 -52.49 -29.67 -12.84
CA VAL G 118 -51.74 -30.91 -12.86
C VAL G 118 -52.82 -31.98 -12.92
N VAL G 119 -52.97 -32.65 -14.08
CA VAL G 119 -53.99 -33.67 -14.23
C VAL G 119 -53.52 -34.81 -15.15
N ASN G 120 -54.16 -35.99 -15.00
CA ASN G 120 -53.90 -37.21 -15.75
C ASN G 120 -55.22 -37.72 -16.33
N ILE G 121 -55.57 -37.29 -17.55
CA ILE G 121 -56.83 -37.70 -18.19
C ILE G 121 -56.59 -38.88 -19.15
N THR G 122 -57.23 -40.02 -18.88
CA THR G 122 -57.14 -41.24 -19.70
C THR G 122 -58.54 -41.83 -19.97
N TRP G 123 -58.65 -42.75 -20.94
CA TRP G 123 -59.92 -43.40 -21.26
C TRP G 123 -59.85 -44.91 -20.93
N LEU G 124 -61.01 -45.55 -20.71
CA LEU G 124 -61.04 -46.97 -20.35
C LEU G 124 -62.27 -47.70 -20.90
N SER G 125 -62.21 -48.12 -22.19
CA SER G 125 -63.31 -48.85 -22.84
C SER G 125 -63.32 -50.31 -22.41
N ASN G 126 -64.43 -50.73 -21.76
CA ASN G 126 -64.65 -52.08 -21.17
C ASN G 126 -63.63 -52.39 -20.07
N GLY G 127 -63.18 -51.35 -19.36
CA GLY G 127 -62.18 -51.47 -18.31
C GLY G 127 -60.76 -51.62 -18.82
N HIS G 128 -60.54 -51.37 -20.13
CA HIS G 128 -59.21 -51.49 -20.75
C HIS G 128 -58.61 -50.16 -21.17
N SER G 129 -57.36 -49.94 -20.76
CA SER G 129 -56.55 -48.75 -21.00
C SER G 129 -56.48 -48.37 -22.49
N VAL G 130 -56.92 -47.16 -22.87
CA VAL G 130 -56.89 -46.75 -24.28
C VAL G 130 -55.59 -46.04 -24.65
N THR G 131 -55.11 -46.24 -25.90
CA THR G 131 -53.86 -45.63 -26.37
C THR G 131 -53.91 -45.06 -27.81
N GLU G 132 -54.99 -45.33 -28.55
CA GLU G 132 -55.09 -44.85 -29.93
C GLU G 132 -56.19 -43.80 -30.17
N GLY G 133 -55.83 -42.71 -30.85
CA GLY G 133 -56.76 -41.64 -31.19
C GLY G 133 -57.23 -40.76 -30.05
N VAL G 134 -56.39 -40.64 -29.01
CA VAL G 134 -56.71 -39.85 -27.83
C VAL G 134 -56.00 -38.51 -27.87
N SER G 135 -56.68 -37.46 -28.35
CA SER G 135 -56.10 -36.13 -28.35
C SER G 135 -56.54 -35.30 -27.08
N GLU G 136 -55.93 -34.11 -26.83
CA GLU G 136 -56.31 -33.25 -25.72
C GLU G 136 -55.75 -31.84 -25.85
N THR G 137 -56.47 -30.85 -25.33
CA THR G 137 -56.05 -29.45 -25.38
C THR G 137 -55.13 -29.10 -24.19
N SER G 138 -54.45 -27.94 -24.26
CA SER G 138 -53.63 -27.48 -23.15
C SER G 138 -54.57 -27.01 -22.01
N PHE G 139 -54.03 -26.72 -20.81
CA PHE G 139 -54.84 -26.17 -19.73
C PHE G 139 -55.32 -24.76 -20.14
N LEU G 140 -56.62 -24.63 -20.37
CA LEU G 140 -57.25 -23.37 -20.77
C LEU G 140 -57.70 -22.57 -19.55
N SER G 141 -57.45 -21.25 -19.57
CA SER G 141 -57.76 -20.33 -18.49
C SER G 141 -59.23 -20.08 -18.27
N LYS G 142 -59.57 -19.86 -16.99
CA LYS G 142 -60.90 -19.52 -16.49
C LYS G 142 -60.86 -18.08 -15.94
N SER G 143 -62.06 -17.49 -15.69
CA SER G 143 -62.20 -16.14 -15.12
C SER G 143 -61.78 -16.17 -13.65
N ASP G 144 -62.20 -17.22 -12.91
CA ASP G 144 -61.84 -17.39 -11.51
C ASP G 144 -60.39 -17.85 -11.29
N HIS G 145 -59.59 -17.93 -12.34
CA HIS G 145 -58.18 -18.30 -12.35
C HIS G 145 -57.91 -19.79 -12.15
N SER G 146 -58.94 -20.64 -12.32
CA SER G 146 -58.73 -22.08 -12.33
C SER G 146 -58.57 -22.49 -13.85
N PHE G 147 -58.64 -23.80 -14.19
CA PHE G 147 -58.43 -24.21 -15.59
C PHE G 147 -59.38 -25.30 -16.05
N PHE G 148 -59.49 -25.49 -17.37
CA PHE G 148 -60.23 -26.61 -17.92
C PHE G 148 -59.38 -27.30 -18.99
N LYS G 149 -59.53 -28.62 -19.13
CA LYS G 149 -58.78 -29.37 -20.14
C LYS G 149 -59.76 -30.29 -20.85
N ILE G 150 -59.67 -30.40 -22.18
CA ILE G 150 -60.61 -31.26 -22.91
C ILE G 150 -59.93 -32.44 -23.57
N SER G 151 -60.28 -33.66 -23.14
CA SER G 151 -59.76 -34.87 -23.76
C SER G 151 -60.70 -35.27 -24.90
N TYR G 152 -60.16 -35.96 -25.89
CA TYR G 152 -60.93 -36.42 -27.03
C TYR G 152 -60.66 -37.89 -27.27
N LEU G 153 -61.68 -38.62 -27.67
CA LEU G 153 -61.53 -40.02 -28.00
C LEU G 153 -62.22 -40.25 -29.32
N THR G 154 -61.46 -40.38 -30.40
CA THR G 154 -62.04 -40.67 -31.71
C THR G 154 -62.51 -42.14 -31.65
N LEU G 155 -63.77 -42.42 -32.05
CA LEU G 155 -64.28 -43.80 -31.92
C LEU G 155 -65.39 -44.19 -32.92
N LEU G 156 -65.50 -45.52 -33.13
CA LEU G 156 -66.55 -46.15 -33.93
C LEU G 156 -67.49 -46.77 -32.87
N PRO G 157 -68.68 -46.18 -32.69
CA PRO G 157 -69.60 -46.64 -31.63
C PRO G 157 -70.00 -48.11 -31.68
N SER G 158 -69.36 -48.91 -30.82
CA SER G 158 -69.62 -50.35 -30.69
C SER G 158 -70.63 -50.57 -29.58
N ALA G 159 -71.68 -51.37 -29.85
CA ALA G 159 -72.72 -51.68 -28.87
C ALA G 159 -72.16 -52.38 -27.62
N GLU G 160 -71.02 -53.08 -27.74
CA GLU G 160 -70.40 -53.77 -26.61
C GLU G 160 -69.52 -52.84 -25.78
N GLU G 161 -68.89 -51.84 -26.41
CA GLU G 161 -67.96 -50.93 -25.75
C GLU G 161 -68.61 -49.88 -24.83
N SER G 162 -68.16 -49.85 -23.57
CA SER G 162 -68.61 -48.93 -22.52
C SER G 162 -67.41 -48.06 -22.10
N TYR G 163 -67.28 -46.90 -22.74
CA TYR G 163 -66.17 -45.97 -22.55
C TYR G 163 -66.26 -45.16 -21.26
N ASP G 164 -65.13 -45.03 -20.53
CA ASP G 164 -65.00 -44.29 -19.27
C ASP G 164 -63.95 -43.16 -19.35
N CYS G 165 -63.96 -42.18 -18.42
CA CYS G 165 -62.97 -41.10 -18.41
C CYS G 165 -62.29 -40.99 -17.04
N LYS G 166 -61.02 -41.46 -16.93
CA LYS G 166 -60.21 -41.47 -15.70
C LYS G 166 -59.44 -40.18 -15.47
N VAL G 167 -59.84 -39.43 -14.43
CA VAL G 167 -59.20 -38.16 -14.12
C VAL G 167 -58.47 -38.24 -12.79
N GLU G 168 -57.15 -38.01 -12.82
CA GLU G 168 -56.35 -38.04 -11.60
C GLU G 168 -55.91 -36.65 -11.19
N HIS G 169 -56.41 -36.20 -10.04
CA HIS G 169 -56.05 -34.90 -9.46
C HIS G 169 -55.82 -35.06 -7.96
N TRP G 170 -55.10 -34.11 -7.36
CA TRP G 170 -54.86 -34.14 -5.92
C TRP G 170 -56.12 -33.82 -5.11
N GLY G 171 -57.04 -33.05 -5.70
CA GLY G 171 -58.33 -32.69 -5.10
C GLY G 171 -59.27 -33.86 -4.92
N LEU G 172 -59.10 -34.92 -5.72
CA LEU G 172 -59.91 -36.13 -5.62
C LEU G 172 -59.12 -37.20 -4.84
N ASP G 173 -59.73 -37.75 -3.77
CA ASP G 173 -59.10 -38.79 -2.94
C ASP G 173 -58.96 -40.14 -3.67
N LYS G 174 -59.78 -40.35 -4.72
CA LYS G 174 -59.79 -41.54 -5.57
C LYS G 174 -60.06 -41.12 -7.02
N PRO G 175 -59.36 -41.71 -8.00
CA PRO G 175 -59.55 -41.28 -9.41
C PRO G 175 -60.97 -41.35 -9.95
N LEU G 176 -61.48 -40.21 -10.46
CA LEU G 176 -62.83 -40.07 -11.02
C LEU G 176 -63.03 -40.93 -12.25
N LEU G 177 -64.24 -41.51 -12.42
CA LEU G 177 -64.58 -42.32 -13.59
C LEU G 177 -65.93 -41.89 -14.14
N LYS G 178 -65.96 -40.95 -15.09
CA LYS G 178 -67.22 -40.50 -15.69
C LYS G 178 -67.51 -41.35 -16.93
N HIS G 179 -68.66 -42.04 -16.92
CA HIS G 179 -69.08 -42.99 -17.96
C HIS G 179 -69.88 -42.39 -19.12
N TRP G 180 -69.81 -43.03 -20.30
CA TRP G 180 -70.59 -42.68 -21.48
C TRP G 180 -71.28 -43.96 -21.99
N GLU G 181 -72.59 -43.88 -22.31
CA GLU G 181 -73.35 -45.04 -22.79
C GLU G 181 -74.59 -44.62 -23.62
N PRO G 182 -75.08 -45.48 -24.55
CA PRO G 182 -76.27 -45.10 -25.33
C PRO G 182 -77.58 -45.29 -24.56
N ILE H 1 -45.21 -11.28 -37.16
CA ILE H 1 -45.28 -12.10 -35.95
C ILE H 1 -46.38 -11.62 -35.03
N ILE H 2 -46.88 -12.53 -34.19
CA ILE H 2 -47.87 -12.19 -33.19
C ILE H 2 -47.10 -11.59 -32.01
N GLN H 3 -47.49 -10.39 -31.55
CA GLN H 3 -46.78 -9.75 -30.46
C GLN H 3 -47.36 -10.19 -29.11
N PRO H 4 -46.50 -10.65 -28.19
CA PRO H 4 -46.99 -11.10 -26.89
C PRO H 4 -46.88 -10.02 -25.82
N GLU H 5 -47.65 -10.18 -24.74
CA GLU H 5 -47.57 -9.27 -23.61
C GLU H 5 -46.54 -9.85 -22.62
N GLN H 6 -45.60 -9.01 -22.14
CA GLN H 6 -44.51 -9.40 -21.25
C GLN H 6 -44.75 -9.05 -19.77
N PRO H 7 -44.32 -9.93 -18.85
CA PRO H 7 -44.48 -9.64 -17.42
C PRO H 7 -43.36 -8.76 -16.87
N ALA H 8 -43.51 -8.24 -15.65
CA ALA H 8 -42.47 -7.42 -15.03
C ALA H 8 -41.75 -8.16 -13.90
N GLN H 9 -40.50 -7.76 -13.60
CA GLN H 9 -39.69 -8.39 -12.56
C GLN H 9 -40.04 -7.89 -11.15
N LEU H 10 -39.66 -8.66 -10.11
CA LEU H 10 -39.91 -8.31 -8.72
C LEU H 10 -38.60 -8.29 -7.91
N SER H 29 -50.33 -36.32 -1.67
CA SER H 29 -50.72 -35.00 -2.18
C SER H 29 -49.59 -33.96 -1.99
N PRO H 30 -48.75 -33.75 -3.03
CA PRO H 30 -47.64 -32.79 -2.92
C PRO H 30 -48.06 -31.32 -2.94
N GLU H 31 -47.26 -30.42 -2.36
CA GLU H 31 -47.59 -29.00 -2.34
C GLU H 31 -47.22 -28.33 -3.64
N ASP H 32 -48.12 -27.51 -4.19
CA ASP H 32 -47.84 -26.81 -5.45
C ASP H 32 -48.00 -25.29 -5.28
N PHE H 33 -47.14 -24.51 -5.93
CA PHE H 33 -47.18 -23.05 -5.84
C PHE H 33 -47.24 -22.54 -7.24
N VAL H 34 -48.34 -21.94 -7.64
CA VAL H 34 -48.53 -21.50 -9.03
C VAL H 34 -48.38 -19.99 -9.18
N TYR H 35 -48.01 -19.55 -10.39
CA TYR H 35 -47.95 -18.15 -10.77
C TYR H 35 -48.59 -18.05 -12.16
N GLN H 36 -49.48 -17.10 -12.36
CA GLN H 36 -50.11 -16.89 -13.66
C GLN H 36 -49.97 -15.43 -14.11
N PHE H 37 -49.94 -15.21 -15.41
CA PHE H 37 -49.87 -13.87 -15.97
C PHE H 37 -50.74 -13.91 -17.19
N LYS H 38 -51.79 -13.10 -17.21
CA LYS H 38 -52.71 -13.10 -18.32
C LYS H 38 -52.85 -11.70 -18.91
N GLY H 39 -52.14 -11.39 -20.00
CA GLY H 39 -52.23 -10.07 -20.63
C GLY H 39 -53.38 -10.04 -21.62
N MET H 40 -54.61 -9.85 -21.13
CA MET H 40 -55.81 -9.94 -21.96
C MET H 40 -56.23 -8.65 -22.68
N CYS H 41 -56.83 -8.82 -23.85
CA CYS H 41 -57.36 -7.74 -24.66
C CYS H 41 -58.89 -7.85 -24.70
N TYR H 42 -59.58 -6.70 -24.60
CA TYR H 42 -61.04 -6.60 -24.61
C TYR H 42 -61.45 -5.61 -25.70
N PHE H 43 -62.16 -6.09 -26.74
CA PHE H 43 -62.54 -5.22 -27.86
C PHE H 43 -64.03 -5.05 -28.00
N THR H 44 -64.46 -3.87 -28.49
CA THR H 44 -65.85 -3.50 -28.81
C THR H 44 -65.82 -2.62 -30.05
N ASN H 45 -66.75 -2.86 -31.01
CA ASN H 45 -66.84 -2.15 -32.29
C ASN H 45 -65.49 -2.19 -33.00
N GLY H 46 -64.94 -3.40 -33.09
CA GLY H 46 -63.64 -3.62 -33.70
C GLY H 46 -62.58 -3.03 -32.79
N THR H 47 -61.86 -2.02 -33.28
CA THR H 47 -60.85 -1.36 -32.45
C THR H 47 -61.30 -0.03 -31.87
N GLU H 48 -62.60 0.31 -31.95
CA GLU H 48 -63.09 1.59 -31.45
C GLU H 48 -62.87 1.71 -29.95
N ARG H 49 -63.13 0.62 -29.22
CA ARG H 49 -62.91 0.61 -27.79
C ARG H 49 -62.10 -0.63 -27.42
N VAL H 50 -60.79 -0.43 -27.15
CA VAL H 50 -59.89 -1.52 -26.79
C VAL H 50 -59.37 -1.31 -25.37
N ARG H 51 -59.43 -2.35 -24.54
CA ARG H 51 -58.97 -2.26 -23.16
C ARG H 51 -58.04 -3.42 -22.88
N LEU H 52 -56.79 -3.13 -22.58
CA LEU H 52 -55.80 -4.16 -22.26
C LEU H 52 -55.80 -4.33 -20.74
N VAL H 53 -56.09 -5.54 -20.25
CA VAL H 53 -56.11 -5.81 -18.82
C VAL H 53 -55.23 -7.02 -18.50
N SER H 54 -53.98 -6.75 -18.04
CA SER H 54 -52.95 -7.75 -17.70
C SER H 54 -53.01 -8.13 -16.23
N ARG H 55 -53.09 -9.42 -15.94
CA ARG H 55 -53.31 -9.91 -14.57
C ARG H 55 -52.22 -10.80 -13.96
N SER H 56 -51.52 -10.29 -12.93
CA SER H 56 -50.56 -11.11 -12.20
C SER H 56 -51.36 -11.92 -11.16
N ILE H 57 -51.13 -13.24 -11.07
CA ILE H 57 -51.93 -14.10 -10.18
C ILE H 57 -51.09 -15.06 -9.33
N TYR H 58 -51.05 -14.90 -7.98
CA TYR H 58 -50.38 -15.92 -7.15
C TYR H 58 -51.44 -16.97 -6.87
N ASN H 59 -51.21 -18.23 -7.30
CA ASN H 59 -52.17 -19.35 -7.18
C ASN H 59 -53.50 -18.93 -7.87
N ARG H 60 -54.64 -18.80 -7.17
CA ARG H 60 -55.90 -18.32 -7.77
C ARG H 60 -56.23 -16.85 -7.41
N GLU H 61 -55.39 -16.22 -6.60
CA GLU H 61 -55.62 -14.87 -6.12
C GLU H 61 -54.91 -13.86 -7.01
N GLU H 62 -55.69 -13.08 -7.79
CA GLU H 62 -55.11 -12.01 -8.63
C GLU H 62 -54.53 -10.96 -7.67
N ILE H 63 -53.30 -10.45 -7.90
CA ILE H 63 -52.66 -9.53 -6.94
C ILE H 63 -52.30 -8.14 -7.49
N VAL H 64 -51.85 -8.03 -8.74
CA VAL H 64 -51.55 -6.73 -9.36
C VAL H 64 -52.15 -6.76 -10.71
N ARG H 65 -52.98 -5.80 -11.06
CA ARG H 65 -53.60 -5.79 -12.38
C ARG H 65 -53.30 -4.50 -13.12
N PHE H 66 -52.97 -4.60 -14.41
CA PHE H 66 -52.77 -3.42 -15.23
C PHE H 66 -53.95 -3.21 -16.15
N ASP H 67 -54.80 -2.24 -15.82
CA ASP H 67 -55.95 -1.88 -16.64
C ASP H 67 -55.54 -0.67 -17.48
N SER H 68 -55.67 -0.75 -18.81
CA SER H 68 -55.29 0.33 -19.72
C SER H 68 -56.07 1.60 -19.49
N ASP H 69 -57.34 1.47 -19.06
CA ASP H 69 -58.22 2.57 -18.70
C ASP H 69 -57.79 3.29 -17.40
N VAL H 70 -56.84 2.72 -16.65
CA VAL H 70 -56.31 3.31 -15.43
C VAL H 70 -55.00 4.04 -15.80
N GLY H 71 -54.14 3.35 -16.53
CA GLY H 71 -52.84 3.91 -16.93
C GLY H 71 -51.69 3.49 -16.04
N GLU H 72 -52.01 2.94 -14.84
CA GLU H 72 -51.05 2.49 -13.83
C GLU H 72 -51.47 1.14 -13.21
N PHE H 73 -50.52 0.44 -12.57
CA PHE H 73 -50.79 -0.84 -11.92
C PHE H 73 -51.52 -0.63 -10.60
N ARG H 74 -52.74 -1.18 -10.48
CA ARG H 74 -53.48 -1.10 -9.22
C ARG H 74 -53.39 -2.46 -8.52
N ALA H 75 -53.07 -2.47 -7.24
CA ALA H 75 -52.99 -3.69 -6.48
C ALA H 75 -54.41 -4.16 -6.16
N VAL H 76 -54.69 -5.46 -6.32
CA VAL H 76 -56.02 -6.00 -6.03
C VAL H 76 -56.03 -6.57 -4.60
N THR H 77 -54.90 -7.13 -4.10
CA THR H 77 -54.83 -7.58 -2.70
C THR H 77 -53.59 -6.97 -1.98
N LEU H 78 -53.55 -6.98 -0.62
CA LEU H 78 -52.38 -6.46 0.11
C LEU H 78 -51.07 -7.17 -0.26
N LEU H 79 -51.18 -8.39 -0.83
CA LEU H 79 -50.04 -9.19 -1.29
C LEU H 79 -49.36 -8.54 -2.49
N GLY H 80 -50.15 -7.94 -3.37
CA GLY H 80 -49.63 -7.25 -4.54
C GLY H 80 -49.36 -5.77 -4.33
N LEU H 81 -49.63 -5.24 -3.13
CA LEU H 81 -49.39 -3.82 -2.82
C LEU H 81 -47.91 -3.38 -2.98
N PRO H 82 -46.90 -4.15 -2.52
CA PRO H 82 -45.50 -3.73 -2.74
C PRO H 82 -45.09 -3.85 -4.22
N ALA H 83 -45.62 -4.88 -4.91
CA ALA H 83 -45.34 -5.12 -6.33
C ALA H 83 -45.88 -4.00 -7.21
N ALA H 84 -47.14 -3.58 -6.98
CA ALA H 84 -47.75 -2.50 -7.75
C ALA H 84 -47.08 -1.15 -7.45
N GLU H 85 -46.69 -0.93 -6.19
CA GLU H 85 -46.00 0.30 -5.79
C GLU H 85 -44.65 0.40 -6.50
N TYR H 86 -43.93 -0.74 -6.59
CA TYR H 86 -42.62 -0.86 -7.23
C TYR H 86 -42.68 -0.79 -8.76
N TRP H 87 -43.65 -1.46 -9.39
CA TRP H 87 -43.79 -1.43 -10.84
C TRP H 87 -44.14 -0.04 -11.37
N ASN H 88 -44.93 0.72 -10.59
CA ASN H 88 -45.33 2.07 -10.96
C ASN H 88 -44.17 3.07 -10.90
N SER H 89 -43.12 2.77 -10.12
CA SER H 89 -41.96 3.65 -10.02
C SER H 89 -41.11 3.63 -11.29
N GLN H 90 -41.05 2.48 -11.99
CA GLN H 90 -40.31 2.33 -13.24
C GLN H 90 -41.11 2.86 -14.44
N LYS H 91 -40.67 4.02 -14.97
CA LYS H 91 -41.29 4.74 -16.09
C LYS H 91 -41.43 3.92 -17.37
N ASP H 92 -40.33 3.32 -17.88
CA ASP H 92 -40.32 2.49 -19.10
C ASP H 92 -41.23 1.25 -19.02
N ILE H 93 -41.42 0.73 -17.79
CA ILE H 93 -42.31 -0.41 -17.54
C ILE H 93 -43.75 0.10 -17.80
N LEU H 94 -44.08 1.26 -17.21
CA LEU H 94 -45.40 1.84 -17.41
C LEU H 94 -45.64 2.21 -18.85
N GLU H 95 -44.61 2.78 -19.50
CA GLU H 95 -44.64 3.20 -20.88
C GLU H 95 -44.97 2.03 -21.80
N ARG H 96 -44.25 0.91 -21.67
CA ARG H 96 -44.49 -0.27 -22.47
C ARG H 96 -45.87 -0.85 -22.19
N LYS H 97 -46.27 -0.89 -20.90
CA LYS H 97 -47.58 -1.41 -20.49
C LYS H 97 -48.71 -0.61 -21.15
N ARG H 98 -48.61 0.73 -21.10
CA ARG H 98 -49.60 1.62 -21.70
C ARG H 98 -49.60 1.51 -23.24
N ALA H 99 -48.41 1.32 -23.85
CA ALA H 99 -48.32 1.19 -25.31
C ALA H 99 -48.62 -0.22 -25.86
N ALA H 100 -48.82 -1.20 -24.96
CA ALA H 100 -49.13 -2.56 -25.38
C ALA H 100 -50.52 -2.72 -25.97
N VAL H 101 -51.43 -1.77 -25.74
CA VAL H 101 -52.79 -1.85 -26.28
C VAL H 101 -52.76 -1.73 -27.82
N ASP H 102 -51.80 -0.98 -28.36
CA ASP H 102 -51.65 -0.80 -29.81
C ASP H 102 -50.57 -1.75 -30.36
N ARG H 103 -49.53 -2.05 -29.56
CA ARG H 103 -48.44 -2.93 -29.99
C ARG H 103 -48.78 -4.43 -29.89
N VAL H 104 -49.76 -4.79 -29.04
CA VAL H 104 -50.18 -6.17 -28.80
C VAL H 104 -51.67 -6.39 -29.14
N CYS H 105 -52.61 -5.64 -28.51
CA CYS H 105 -54.04 -5.82 -28.77
C CYS H 105 -54.48 -5.43 -30.18
N ARG H 106 -54.13 -4.20 -30.63
CA ARG H 106 -54.52 -3.73 -31.95
C ARG H 106 -53.73 -4.41 -33.08
N HIS H 107 -52.44 -4.69 -32.84
CA HIS H 107 -51.56 -5.36 -33.80
C HIS H 107 -52.06 -6.78 -34.09
N ASN H 108 -52.42 -7.54 -33.06
CA ASN H 108 -52.93 -8.91 -33.25
C ASN H 108 -54.36 -8.89 -33.76
N TYR H 109 -55.14 -7.83 -33.47
CA TYR H 109 -56.50 -7.74 -33.99
C TYR H 109 -56.52 -7.64 -35.51
N GLN H 110 -55.48 -7.02 -36.10
CA GLN H 110 -55.31 -6.91 -37.54
C GLN H 110 -55.09 -8.28 -38.17
N LEU H 111 -54.36 -9.16 -37.47
CA LEU H 111 -54.07 -10.53 -37.87
C LEU H 111 -55.29 -11.46 -37.68
N GLU H 112 -56.10 -11.16 -36.66
CA GLU H 112 -57.33 -11.88 -36.34
C GLU H 112 -58.44 -11.60 -37.36
N LEU H 113 -58.41 -10.41 -37.97
CA LEU H 113 -59.41 -9.97 -38.95
C LEU H 113 -59.42 -10.81 -40.20
N ARG H 114 -58.24 -11.21 -40.68
CA ARG H 114 -58.15 -12.03 -41.88
C ARG H 114 -58.16 -13.53 -41.60
N THR H 115 -58.32 -13.97 -40.32
CA THR H 115 -58.25 -15.40 -39.94
C THR H 115 -59.41 -15.90 -38.99
N THR H 116 -59.33 -15.70 -37.64
CA THR H 116 -60.33 -16.20 -36.68
C THR H 116 -61.67 -15.51 -36.84
N LEU H 117 -61.65 -14.22 -37.17
CA LEU H 117 -62.87 -13.45 -37.40
C LEU H 117 -63.50 -13.81 -38.77
N GLN H 118 -62.64 -14.10 -39.76
CA GLN H 118 -63.04 -14.54 -41.10
C GLN H 118 -63.56 -16.01 -41.09
N ARG H 119 -63.26 -16.79 -40.01
CA ARG H 119 -63.70 -18.17 -39.85
C ARG H 119 -65.19 -18.26 -39.64
N ARG H 120 -65.85 -19.10 -40.44
CA ARG H 120 -67.27 -19.34 -40.33
C ARG H 120 -67.53 -20.81 -40.62
N VAL H 121 -68.09 -21.55 -39.66
CA VAL H 121 -68.44 -22.97 -39.81
C VAL H 121 -69.95 -23.07 -39.70
N GLU H 122 -70.62 -23.62 -40.71
CA GLU H 122 -72.07 -23.75 -40.68
C GLU H 122 -72.61 -24.81 -39.69
N PRO H 123 -73.75 -24.49 -39.02
CA PRO H 123 -74.34 -25.46 -38.08
C PRO H 123 -74.89 -26.69 -38.79
N THR H 124 -74.83 -27.86 -38.14
CA THR H 124 -75.33 -29.10 -38.74
C THR H 124 -76.58 -29.56 -37.98
N VAL H 125 -77.67 -28.81 -38.16
CA VAL H 125 -79.00 -28.96 -37.53
C VAL H 125 -79.68 -30.30 -37.87
N THR H 126 -80.02 -31.13 -36.86
CA THR H 126 -80.62 -32.44 -37.12
C THR H 126 -81.69 -32.85 -36.11
N ILE H 127 -82.98 -32.76 -36.49
CA ILE H 127 -84.10 -33.16 -35.61
C ILE H 127 -84.15 -34.70 -35.37
N SER H 128 -83.85 -35.16 -34.14
CA SER H 128 -83.82 -36.60 -33.84
C SER H 128 -84.58 -36.97 -32.56
N PRO H 129 -85.42 -38.02 -32.60
CA PRO H 129 -86.19 -38.41 -31.40
C PRO H 129 -85.38 -39.12 -30.32
N SER H 130 -85.90 -39.14 -29.08
CA SER H 130 -85.26 -39.80 -27.94
C SER H 130 -86.26 -40.67 -27.16
N LEU H 140 -89.99 -37.03 -26.95
CA LEU H 140 -89.24 -35.78 -26.81
C LEU H 140 -88.26 -35.55 -27.97
N LEU H 141 -88.41 -34.37 -28.64
CA LEU H 141 -87.70 -33.91 -29.86
C LEU H 141 -86.43 -33.05 -29.67
N VAL H 142 -85.26 -33.67 -29.80
CA VAL H 142 -84.01 -32.92 -29.67
C VAL H 142 -83.41 -32.53 -31.04
N CYS H 143 -83.61 -31.27 -31.42
CA CYS H 143 -83.07 -30.67 -32.66
C CYS H 143 -81.60 -30.29 -32.37
N SER H 144 -80.68 -31.23 -32.59
CA SER H 144 -79.26 -31.10 -32.29
C SER H 144 -78.49 -30.19 -33.24
N VAL H 145 -78.21 -28.95 -32.85
CA VAL H 145 -77.44 -28.02 -33.68
C VAL H 145 -75.91 -28.16 -33.39
N THR H 146 -75.25 -29.16 -34.02
CA THR H 146 -73.82 -29.45 -33.82
C THR H 146 -72.84 -28.70 -34.75
N ASP H 147 -71.64 -28.48 -34.19
CA ASP H 147 -70.44 -27.84 -34.75
C ASP H 147 -70.64 -26.57 -35.55
N PHE H 148 -70.48 -25.42 -34.90
CA PHE H 148 -70.56 -24.14 -35.59
C PHE H 148 -69.54 -23.16 -35.05
N TYR H 149 -69.38 -22.02 -35.70
CA TYR H 149 -68.49 -20.96 -35.27
C TYR H 149 -68.81 -19.74 -36.11
N PRO H 150 -69.06 -18.55 -35.51
CA PRO H 150 -68.94 -18.20 -34.08
C PRO H 150 -70.07 -18.71 -33.17
N ALA H 151 -70.08 -18.27 -31.90
CA ALA H 151 -71.06 -18.68 -30.91
C ALA H 151 -72.47 -18.09 -31.10
N GLN H 152 -72.60 -16.96 -31.79
CA GLN H 152 -73.91 -16.32 -31.99
C GLN H 152 -74.89 -17.25 -32.71
N ILE H 153 -75.92 -17.76 -32.01
CA ILE H 153 -76.90 -18.68 -32.60
C ILE H 153 -78.35 -18.38 -32.11
N LYS H 154 -79.37 -18.86 -32.84
CA LYS H 154 -80.77 -18.71 -32.41
C LYS H 154 -81.60 -19.93 -32.85
N VAL H 155 -82.01 -20.77 -31.89
CA VAL H 155 -82.83 -21.95 -32.19
C VAL H 155 -84.29 -21.71 -31.70
N ARG H 156 -85.30 -22.19 -32.44
CA ARG H 156 -86.71 -21.99 -32.07
C ARG H 156 -87.59 -23.22 -32.46
N TRP H 157 -88.95 -23.16 -32.36
CA TRP H 157 -89.84 -24.26 -32.77
C TRP H 157 -91.17 -23.79 -33.48
N ASP H 161 -97.51 -24.87 -36.72
CA ASP H 161 -96.58 -23.89 -37.26
C ASP H 161 -96.49 -22.57 -36.45
N GLN H 162 -96.54 -22.67 -35.13
CA GLN H 162 -96.38 -21.52 -34.24
C GLN H 162 -95.10 -21.73 -33.37
N GLU H 163 -94.64 -20.68 -32.65
CA GLU H 163 -93.44 -20.82 -31.81
C GLU H 163 -93.76 -21.45 -30.44
N GLU H 164 -93.64 -22.80 -30.33
CA GLU H 164 -93.88 -23.50 -29.06
C GLU H 164 -92.85 -23.01 -28.02
N THR H 165 -93.28 -22.76 -26.76
CA THR H 165 -92.36 -22.20 -25.76
C THR H 165 -92.33 -22.88 -24.38
N ALA H 166 -93.49 -23.32 -23.87
CA ALA H 166 -93.53 -23.90 -22.51
C ALA H 166 -92.97 -25.32 -22.38
N GLY H 167 -93.02 -26.08 -23.48
CA GLY H 167 -92.51 -27.46 -23.51
C GLY H 167 -91.08 -27.60 -24.02
N VAL H 168 -90.49 -26.48 -24.43
CA VAL H 168 -89.15 -26.35 -24.98
C VAL H 168 -88.09 -26.14 -23.86
N VAL H 169 -86.94 -26.83 -23.96
CA VAL H 169 -85.85 -26.67 -23.01
C VAL H 169 -84.46 -26.87 -23.69
N SER H 170 -83.78 -25.77 -23.97
CA SER H 170 -82.46 -25.81 -24.59
C SER H 170 -81.36 -26.07 -23.57
N THR H 171 -80.24 -26.61 -24.03
CA THR H 171 -79.07 -26.81 -23.18
C THR H 171 -78.19 -25.55 -23.28
N PRO H 172 -77.22 -25.33 -22.37
CA PRO H 172 -76.33 -24.18 -22.55
C PRO H 172 -75.45 -24.36 -23.79
N LEU H 173 -74.85 -23.28 -24.27
CA LEU H 173 -73.95 -23.35 -25.43
C LEU H 173 -72.72 -24.15 -25.03
N ILE H 174 -72.60 -25.34 -25.63
CA ILE H 174 -71.49 -26.24 -25.35
C ILE H 174 -70.25 -25.82 -26.13
N ARG H 175 -69.13 -25.66 -25.46
CA ARG H 175 -67.87 -25.35 -26.13
C ARG H 175 -67.24 -26.72 -26.41
N ASN H 176 -67.12 -27.12 -27.69
CA ASN H 176 -66.51 -28.40 -28.09
C ASN H 176 -64.99 -28.41 -27.83
N GLY H 177 -64.36 -27.22 -27.85
CA GLY H 177 -62.94 -27.03 -27.59
C GLY H 177 -62.07 -26.98 -28.84
N ASP H 178 -62.60 -27.41 -29.98
CA ASP H 178 -61.86 -27.42 -31.23
C ASP H 178 -62.49 -26.41 -32.17
N TRP H 179 -62.67 -25.19 -31.67
CA TRP H 179 -63.28 -24.05 -32.36
C TRP H 179 -64.66 -24.37 -32.97
N THR H 180 -65.47 -25.11 -32.22
CA THR H 180 -66.85 -25.47 -32.57
C THR H 180 -67.74 -25.46 -31.31
N PHE H 181 -69.05 -25.31 -31.52
CA PHE H 181 -70.02 -25.29 -30.44
C PHE H 181 -71.23 -26.12 -30.84
N GLN H 182 -71.85 -26.77 -29.86
CA GLN H 182 -73.08 -27.48 -30.11
C GLN H 182 -74.16 -26.99 -29.12
N ILE H 183 -75.40 -26.92 -29.59
CA ILE H 183 -76.52 -26.52 -28.75
C ILE H 183 -77.70 -27.42 -29.06
N LEU H 184 -78.30 -28.00 -28.02
CA LEU H 184 -79.40 -28.96 -28.24
C LEU H 184 -80.70 -28.49 -27.59
N VAL H 185 -81.80 -28.51 -28.34
CA VAL H 185 -83.10 -28.04 -27.83
C VAL H 185 -84.17 -29.15 -27.86
N MET H 186 -84.66 -29.56 -26.68
CA MET H 186 -85.71 -30.59 -26.56
C MET H 186 -87.12 -29.97 -26.55
N LEU H 187 -88.14 -30.73 -26.96
CA LEU H 187 -89.52 -30.24 -27.02
C LEU H 187 -90.53 -31.37 -26.71
N GLU H 188 -91.48 -31.13 -25.77
CA GLU H 188 -92.49 -32.13 -25.44
C GLU H 188 -93.55 -32.20 -26.56
N MET H 189 -93.40 -33.20 -27.46
CA MET H 189 -94.24 -33.42 -28.65
C MET H 189 -95.52 -34.26 -28.38
N THR H 190 -96.67 -33.85 -28.99
CA THR H 190 -97.96 -34.56 -28.87
C THR H 190 -98.35 -35.23 -30.20
N TYR H 197 -93.51 -29.35 -37.03
CA TYR H 197 -92.34 -29.57 -36.16
C TYR H 197 -91.05 -28.95 -36.74
N THR H 198 -91.12 -27.64 -37.05
CA THR H 198 -90.06 -26.82 -37.63
C THR H 198 -88.99 -26.33 -36.63
N CYS H 199 -87.70 -26.55 -36.90
CA CYS H 199 -86.62 -26.08 -36.03
C CYS H 199 -85.80 -25.02 -36.75
N HIS H 200 -86.34 -23.80 -36.86
CA HIS H 200 -85.64 -22.69 -37.52
C HIS H 200 -84.35 -22.35 -36.75
N VAL H 201 -83.22 -22.20 -37.45
CA VAL H 201 -81.91 -21.91 -36.82
C VAL H 201 -81.21 -20.75 -37.53
N GLU H 202 -80.91 -19.66 -36.79
CA GLU H 202 -80.20 -18.51 -37.37
C GLU H 202 -78.72 -18.51 -36.97
N HIS H 203 -77.84 -18.01 -37.85
CA HIS H 203 -76.41 -17.97 -37.63
C HIS H 203 -75.77 -16.92 -38.57
N PRO H 204 -74.73 -16.18 -38.13
CA PRO H 204 -74.11 -15.18 -39.03
C PRO H 204 -73.46 -15.79 -40.29
N SER H 205 -73.09 -17.09 -40.26
CA SER H 205 -72.51 -17.72 -41.45
C SER H 205 -73.58 -17.96 -42.54
N LEU H 206 -74.84 -18.18 -42.13
CA LEU H 206 -75.96 -18.43 -43.02
C LEU H 206 -76.53 -17.16 -43.67
N GLN H 207 -76.87 -17.26 -44.96
CA GLN H 207 -77.52 -16.14 -45.65
C GLN H 207 -78.99 -16.18 -45.17
N SER H 208 -79.63 -17.34 -45.29
CA SER H 208 -80.99 -17.56 -44.83
C SER H 208 -80.97 -18.66 -43.74
N PRO H 209 -81.90 -18.63 -42.78
CA PRO H 209 -81.89 -19.66 -41.71
C PRO H 209 -82.14 -21.09 -42.17
N ILE H 210 -81.42 -22.03 -41.56
CA ILE H 210 -81.59 -23.45 -41.82
C ILE H 210 -82.83 -23.83 -41.08
N THR H 211 -83.85 -24.35 -41.77
CA THR H 211 -85.07 -24.74 -41.07
C THR H 211 -85.39 -26.20 -41.36
N VAL H 212 -84.94 -27.12 -40.51
CA VAL H 212 -85.23 -28.56 -40.65
C VAL H 212 -86.72 -28.84 -40.24
N GLU H 213 -87.23 -30.08 -40.40
CA GLU H 213 -88.62 -30.38 -40.07
C GLU H 213 -88.87 -31.84 -39.63
N TRP H 214 -90.04 -32.07 -38.97
CA TRP H 214 -90.47 -33.38 -38.48
C TRP H 214 -92.02 -33.48 -38.46
C1 NAG I . 64.31 7.30 23.10
C2 NAG I . 65.18 6.40 22.24
C3 NAG I . 64.81 5.00 22.75
C4 NAG I . 65.24 4.83 24.21
C5 NAG I . 64.80 6.02 25.08
C6 NAG I . 65.55 6.14 26.39
C7 NAG I . 65.45 7.45 20.04
C8 NAG I . 64.80 7.71 18.72
N2 NAG I . 64.84 6.57 20.84
O3 NAG I . 65.43 4.00 21.94
O4 NAG I . 64.68 3.63 24.74
O5 NAG I . 64.94 7.28 24.38
O6 NAG I . 66.78 6.87 26.27
O7 NAG I . 66.48 8.02 20.39
C1 NAG J . -48.99 -39.50 -12.79
C2 NAG J . -49.46 -39.26 -11.36
C3 NAG J . -48.32 -39.59 -10.42
C4 NAG J . -47.83 -41.02 -10.65
C5 NAG J . -47.48 -41.21 -12.13
C6 NAG J . -47.08 -42.63 -12.47
C7 NAG J . -51.11 -37.51 -10.80
C8 NAG J . -51.32 -36.04 -10.59
N2 NAG J . -49.88 -37.87 -11.19
O3 NAG J . -48.76 -39.45 -9.07
O4 NAG J . -46.69 -41.31 -9.86
O5 NAG J . -48.60 -40.86 -12.95
O6 NAG J . -46.25 -42.67 -13.64
O7 NAG J . -52.00 -38.33 -10.62
#